data_5YOY
#
_entry.id   5YOY
#
_cell.length_a   133.640
_cell.length_b   85.300
_cell.length_c   135.960
_cell.angle_alpha   90.000
_cell.angle_beta   101.610
_cell.angle_gamma   90.000
#
_symmetry.space_group_name_H-M   'P 1 21 1'
#
loop_
_entity.id
_entity.type
_entity.pdbx_description
1 polymer 'Tumor necrosis factor'
2 polymer 'Golimumab light chain variable region'
3 polymer 'Golimumab heavy chain variable region'
4 water water
#
loop_
_entity_poly.entity_id
_entity_poly.type
_entity_poly.pdbx_seq_one_letter_code
_entity_poly.pdbx_strand_id
1 'polypeptide(L)'
;DYKDDDDKVRSSSRTPSDKPVAHVVANPQAEGQLQWLNRRANALLANGVELRDNQLVVPSEGLYLIYSQVLFKGQGCPST
HVLLTHTISRIAVSYQTKVNLLSAIKSPCQRETPEGAEAKPWYEPIYLGGVFQLEKGDRLSAEINRPDYLDFAESGQVYF
GIIALTSENLYFQ
;
A,B,C,J,K,L
2 'polypeptide(L)'
;AGSEIVLTQSPATLSLSPGERATLSCRASQSVYSYLAWYQQKPGQAPRLLIYDASNRATGIPARFSGSGSGTDFTLTISS
LEPEDFAVYYCQQRSNWPPFTFGPGTKVDIKTSENLYFQ
;
D,E,F,M,N,O
3 'polypeptide(L)'
;SKLQVQLVESGGGVVQPGRSLRLSCAASGFIFSSYAMHWVRQAPGNGLEWVAFMSYDGSNKKYADSVKGRFTISRDNSKN
TLYLQMNSLRAEDTAVYYCARDRGIAAGGNYYYYGMDVWGQGTTVTVSS
;
G,H,I,P,Q,R
#
# COMPACT_ATOMS: atom_id res chain seq x y z
N ARG A 14 4.58 26.70 5.77
CA ARG A 14 4.23 26.60 4.36
C ARG A 14 3.05 27.52 4.06
N THR A 15 3.19 28.80 4.41
CA THR A 15 2.14 29.79 4.30
C THR A 15 2.74 31.15 4.67
N PRO A 16 2.11 32.27 4.24
CA PRO A 16 2.71 33.59 4.51
C PRO A 16 2.88 33.93 5.98
N SER A 17 1.93 33.56 6.84
CA SER A 17 2.02 33.83 8.27
C SER A 17 2.44 32.54 8.96
N ASP A 18 3.73 32.45 9.30
CA ASP A 18 4.29 31.23 9.87
C ASP A 18 3.52 30.81 11.13
N LYS A 19 3.08 29.56 11.16
CA LYS A 19 2.17 29.11 12.19
C LYS A 19 2.37 27.63 12.52
N PRO A 20 2.57 27.29 13.79
CA PRO A 20 2.79 25.88 14.16
C PRO A 20 1.58 25.01 13.87
N VAL A 21 1.82 23.89 13.18
CA VAL A 21 0.75 23.01 12.73
C VAL A 21 1.29 21.58 12.71
N ALA A 22 0.40 20.62 12.92
CA ALA A 22 0.77 19.22 12.94
C ALA A 22 -0.47 18.36 12.72
N HIS A 23 -0.33 17.34 11.88
CA HIS A 23 -1.40 16.37 11.64
C HIS A 23 -0.74 15.03 11.34
N VAL A 24 -0.68 14.16 12.35
CA VAL A 24 -0.03 12.87 12.23
C VAL A 24 -1.09 11.78 12.22
N VAL A 25 -0.75 10.65 11.60
CA VAL A 25 -1.68 9.53 11.47
C VAL A 25 -1.05 8.30 12.10
N ALA A 26 -1.89 7.30 12.35
CA ALA A 26 -1.43 6.06 12.95
C ALA A 26 -0.67 5.21 11.94
N ASN A 27 0.38 4.55 12.42
CA ASN A 27 1.19 3.68 11.57
C ASN A 27 0.42 2.41 11.21
N PRO A 28 0.11 2.19 9.94
CA PRO A 28 -0.59 0.95 9.58
C PRO A 28 0.26 -0.29 9.78
N GLN A 29 1.59 -0.16 9.68
CA GLN A 29 2.48 -1.29 9.88
C GLN A 29 2.66 -1.67 11.35
N ALA A 30 2.15 -0.85 12.27
CA ALA A 30 2.26 -1.16 13.69
C ALA A 30 1.41 -2.38 14.02
N GLU A 31 1.90 -3.20 14.94
CA GLU A 31 1.25 -4.45 15.32
C GLU A 31 0.55 -4.25 16.65
N GLY A 32 -0.74 -3.93 16.59
CA GLY A 32 -1.53 -3.73 17.80
C GLY A 32 -1.07 -2.61 18.69
N GLN A 33 -0.49 -1.56 18.10
CA GLN A 33 0.00 -0.43 18.89
C GLN A 33 -0.27 0.87 18.15
N LEU A 34 -0.44 1.93 18.92
CA LEU A 34 -0.77 3.24 18.39
C LEU A 34 0.55 4.01 18.25
N GLN A 35 1.04 4.11 17.02
CA GLN A 35 2.28 4.81 16.72
C GLN A 35 1.99 5.90 15.69
N TRP A 36 2.28 7.15 16.05
CA TRP A 36 2.00 8.28 15.18
C TRP A 36 3.10 8.50 14.16
N LEU A 37 2.70 8.79 12.92
CA LEU A 37 3.62 9.04 11.82
C LEU A 37 3.19 10.28 11.06
N ASN A 38 4.15 10.90 10.38
CA ASN A 38 3.93 12.06 9.54
C ASN A 38 4.35 11.78 8.09
N ARG A 39 4.30 10.51 7.70
CA ARG A 39 4.94 10.06 6.47
C ARG A 39 3.90 9.39 5.58
N ARG A 40 3.01 10.20 5.00
CA ARG A 40 2.11 9.75 3.94
C ARG A 40 1.32 10.94 3.41
N ALA A 41 0.52 10.68 2.38
CA ALA A 41 -0.31 11.68 1.74
C ALA A 41 -1.33 12.27 2.71
N ASN A 42 -1.28 13.60 2.87
CA ASN A 42 -2.22 14.36 3.71
C ASN A 42 -1.94 14.19 5.19
N ALA A 43 -0.66 14.06 5.55
CA ALA A 43 -0.21 14.13 6.93
C ALA A 43 0.97 15.09 6.96
N LEU A 44 0.95 16.03 7.90
CA LEU A 44 1.93 17.11 7.90
C LEU A 44 2.51 17.30 9.30
N LEU A 45 3.65 17.99 9.34
CA LEU A 45 4.37 18.25 10.59
C LEU A 45 5.38 19.36 10.28
N ALA A 46 4.95 20.61 10.51
CA ALA A 46 5.69 21.77 10.03
C ALA A 46 5.69 22.89 11.06
N ASN A 47 6.66 23.79 10.91
CA ASN A 47 6.76 25.06 11.62
C ASN A 47 7.03 24.87 13.11
N GLY A 48 8.04 24.05 13.43
CA GLY A 48 8.53 23.91 14.78
C GLY A 48 7.94 22.77 15.59
N VAL A 49 6.72 22.32 15.26
CA VAL A 49 6.12 21.23 16.03
C VAL A 49 6.91 19.96 15.80
N GLU A 50 7.35 19.33 16.89
CA GLU A 50 8.17 18.13 16.78
C GLU A 50 7.36 16.90 17.18
N LEU A 51 7.94 15.73 16.90
CA LEU A 51 7.35 14.44 17.27
C LEU A 51 8.46 13.62 17.91
N ARG A 52 8.44 13.55 19.24
CA ARG A 52 9.44 12.81 20.01
C ARG A 52 8.74 11.87 20.97
N ASP A 53 9.19 10.62 21.01
CA ASP A 53 8.64 9.60 21.90
C ASP A 53 7.13 9.48 21.73
N ASN A 54 6.68 9.47 20.47
CA ASN A 54 5.27 9.34 20.13
C ASN A 54 4.45 10.50 20.69
N GLN A 55 5.08 11.64 20.91
CA GLN A 55 4.42 12.82 21.45
C GLN A 55 4.67 14.03 20.57
N LEU A 56 3.77 15.00 20.66
CA LEU A 56 3.89 16.26 19.93
C LEU A 56 4.52 17.31 20.84
N VAL A 57 5.60 17.92 20.36
CA VAL A 57 6.34 18.94 21.12
C VAL A 57 5.98 20.30 20.55
N VAL A 58 5.51 21.18 21.42
CA VAL A 58 4.99 22.51 21.06
C VAL A 58 6.14 23.51 20.98
N PRO A 59 6.20 24.34 19.91
CA PRO A 59 7.33 25.26 19.74
C PRO A 59 7.09 26.67 20.27
N SER A 60 5.84 27.13 20.32
CA SER A 60 5.52 28.50 20.70
C SER A 60 4.35 28.54 21.67
N GLU A 61 4.35 29.56 22.53
CA GLU A 61 3.22 29.80 23.41
C GLU A 61 2.06 30.40 22.63
N GLY A 62 0.86 29.88 22.87
CA GLY A 62 -0.29 30.43 22.19
C GLY A 62 -1.52 29.55 22.37
N LEU A 63 -2.56 29.93 21.63
CA LEU A 63 -3.83 29.21 21.66
C LEU A 63 -3.84 28.18 20.53
N TYR A 64 -3.97 26.90 20.89
CA TYR A 64 -3.90 25.81 19.95
C TYR A 64 -5.23 25.07 19.84
N LEU A 65 -5.56 24.65 18.62
CA LEU A 65 -6.65 23.71 18.38
C LEU A 65 -6.07 22.30 18.40
N ILE A 66 -6.58 21.46 19.29
CA ILE A 66 -6.13 20.08 19.45
C ILE A 66 -7.28 19.16 19.11
N TYR A 67 -7.01 18.17 18.27
CA TYR A 67 -8.05 17.23 17.85
C TYR A 67 -7.40 15.88 17.60
N SER A 68 -8.22 14.84 17.66
CA SER A 68 -7.77 13.48 17.44
C SER A 68 -8.99 12.60 17.22
N GLN A 69 -8.85 11.60 16.37
CA GLN A 69 -9.85 10.57 16.19
C GLN A 69 -9.19 9.22 16.25
N VAL A 70 -9.83 8.29 16.94
CA VAL A 70 -9.43 6.88 16.90
C VAL A 70 -10.64 6.08 16.47
N LEU A 71 -10.40 4.91 15.88
CA LEU A 71 -11.46 4.03 15.46
C LEU A 71 -11.15 2.63 15.98
N PHE A 72 -12.08 2.05 16.73
CA PHE A 72 -11.95 0.71 17.27
C PHE A 72 -12.84 -0.27 16.52
N LYS A 73 -12.41 -1.53 16.47
CA LYS A 73 -13.17 -2.57 15.80
C LYS A 73 -13.09 -3.85 16.62
N GLY A 74 -14.18 -4.62 16.60
CA GLY A 74 -14.21 -5.87 17.32
C GLY A 74 -15.06 -6.92 16.62
N GLN A 75 -14.82 -8.18 17.00
CA GLN A 75 -15.61 -9.32 16.55
C GLN A 75 -16.20 -9.97 17.79
N GLY A 76 -17.51 -9.78 18.01
CA GLY A 76 -18.14 -10.31 19.20
C GLY A 76 -17.73 -9.54 20.44
N CYS A 77 -18.04 -10.14 21.59
CA CYS A 77 -17.78 -9.54 22.91
C CYS A 77 -17.22 -10.59 23.86
N PRO A 78 -16.11 -10.31 24.54
CA PRO A 78 -15.55 -11.26 25.50
C PRO A 78 -16.32 -11.22 26.83
N SER A 79 -15.92 -12.11 27.75
CA SER A 79 -16.61 -12.20 29.04
C SER A 79 -16.33 -10.99 29.92
N THR A 80 -15.16 -10.38 29.81
CA THR A 80 -14.87 -9.20 30.59
C THR A 80 -15.51 -7.98 29.95
N HIS A 81 -15.94 -7.04 30.79
CA HIS A 81 -16.49 -5.79 30.27
C HIS A 81 -15.39 -5.03 29.56
N VAL A 82 -15.73 -4.40 28.45
CA VAL A 82 -14.75 -3.75 27.58
C VAL A 82 -15.04 -2.26 27.57
N LEU A 83 -14.13 -1.47 28.11
CA LEU A 83 -14.21 -0.03 28.08
C LEU A 83 -13.17 0.50 27.12
N LEU A 84 -13.59 1.41 26.23
CA LEU A 84 -12.71 2.03 25.27
C LEU A 84 -12.55 3.49 25.66
N THR A 85 -11.33 3.91 25.94
CA THR A 85 -11.06 5.28 26.32
C THR A 85 -10.11 5.91 25.31
N HIS A 86 -10.28 7.22 25.10
CA HIS A 86 -9.39 8.01 24.25
C HIS A 86 -9.13 9.30 24.99
N THR A 87 -7.86 9.68 25.12
CA THR A 87 -7.52 10.82 25.96
C THR A 87 -6.33 11.58 25.39
N ILE A 88 -6.48 12.90 25.32
CA ILE A 88 -5.39 13.81 24.96
C ILE A 88 -4.93 14.51 26.23
N SER A 89 -3.63 14.39 26.52
CA SER A 89 -3.02 14.87 27.75
C SER A 89 -1.82 15.76 27.45
N ARG A 90 -1.45 16.55 28.45
CA ARG A 90 -0.38 17.54 28.35
C ARG A 90 0.63 17.32 29.47
N ILE A 91 1.91 17.48 29.14
CA ILE A 91 2.98 17.48 30.12
C ILE A 91 3.65 18.83 30.01
N ALA A 92 3.54 19.63 31.07
CA ALA A 92 4.13 20.95 31.05
C ALA A 92 5.65 20.88 31.15
N VAL A 93 6.30 22.03 30.93
CA VAL A 93 7.75 22.07 31.02
C VAL A 93 8.21 22.06 32.47
N SER A 94 7.30 22.37 33.40
CA SER A 94 7.61 22.50 34.82
C SER A 94 6.80 21.58 35.71
N TYR A 95 5.63 21.13 35.27
CA TYR A 95 4.75 20.36 36.14
C TYR A 95 5.24 18.92 36.24
N GLN A 96 4.51 18.13 37.03
CA GLN A 96 4.96 16.80 37.43
C GLN A 96 4.58 15.72 36.43
N THR A 97 3.30 15.63 36.05
CA THR A 97 2.84 14.50 35.24
C THR A 97 1.91 14.94 34.11
N LYS A 98 0.96 14.08 33.74
CA LYS A 98 0.06 14.28 32.62
C LYS A 98 -1.30 14.78 33.10
N VAL A 99 -1.68 15.97 32.66
CA VAL A 99 -3.02 16.49 32.91
C VAL A 99 -3.86 16.21 31.67
N ASN A 100 -5.03 15.63 31.87
CA ASN A 100 -5.91 15.30 30.76
C ASN A 100 -6.62 16.55 30.25
N LEU A 101 -6.50 16.79 28.94
CA LEU A 101 -7.24 17.89 28.32
C LEU A 101 -8.57 17.41 27.77
N LEU A 102 -8.55 16.32 27.00
CA LEU A 102 -9.77 15.79 26.42
C LEU A 102 -9.84 14.29 26.69
N SER A 103 -11.05 13.78 26.85
CA SER A 103 -11.19 12.37 27.17
C SER A 103 -12.61 11.92 26.90
N ALA A 104 -12.76 10.72 26.34
CA ALA A 104 -14.07 10.17 26.09
C ALA A 104 -14.01 8.67 26.23
N ILE A 105 -15.13 8.09 26.67
CA ILE A 105 -15.24 6.67 26.95
C ILE A 105 -16.44 6.11 26.18
N LYS A 106 -16.30 4.87 25.71
CA LYS A 106 -17.37 4.18 25.02
C LYS A 106 -17.40 2.73 25.50
N SER A 107 -18.60 2.15 25.47
CA SER A 107 -18.84 0.79 25.96
C SER A 107 -19.52 0.01 24.85
N PRO A 108 -18.75 -0.58 23.94
CA PRO A 108 -19.34 -1.24 22.77
C PRO A 108 -20.03 -2.56 23.07
N CYS A 109 -19.70 -3.21 24.18
CA CYS A 109 -20.17 -4.56 24.47
C CYS A 109 -21.14 -4.53 25.65
N GLN A 110 -22.41 -4.80 25.36
CA GLN A 110 -23.44 -4.83 26.39
C GLN A 110 -23.46 -6.16 27.14
N ARG A 111 -23.05 -7.25 26.50
CA ARG A 111 -23.00 -8.55 27.13
C ARG A 111 -22.14 -9.49 26.30
N GLU A 112 -21.67 -10.55 26.95
CA GLU A 112 -20.77 -11.49 26.29
C GLU A 112 -21.48 -12.28 25.20
N THR A 113 -20.80 -12.47 24.07
CA THR A 113 -21.34 -13.30 23.01
C THR A 113 -21.51 -14.74 23.50
N PRO A 114 -22.72 -15.26 23.56
CA PRO A 114 -22.93 -16.61 24.08
C PRO A 114 -22.34 -17.67 23.16
N GLU A 115 -22.08 -18.83 23.73
CA GLU A 115 -21.63 -19.97 22.93
C GLU A 115 -22.76 -20.43 22.01
N GLY A 116 -22.43 -20.59 20.73
CA GLY A 116 -23.42 -20.88 19.72
C GLY A 116 -23.93 -19.68 18.97
N ALA A 117 -23.44 -18.48 19.28
CA ALA A 117 -23.80 -17.26 18.58
C ALA A 117 -22.62 -16.73 17.79
N GLU A 118 -22.90 -16.06 16.68
CA GLU A 118 -21.85 -15.55 15.80
C GLU A 118 -21.17 -14.34 16.41
N ALA A 119 -19.85 -14.24 16.20
CA ALA A 119 -19.06 -13.10 16.68
C ALA A 119 -19.16 -11.99 15.64
N LYS A 120 -20.28 -11.28 15.67
CA LYS A 120 -20.55 -10.27 14.65
C LYS A 120 -19.70 -9.03 14.89
N PRO A 121 -19.20 -8.39 13.82
CA PRO A 121 -18.29 -7.25 13.97
C PRO A 121 -19.01 -5.97 14.39
N TRP A 122 -18.24 -5.09 15.03
CA TRP A 122 -18.72 -3.78 15.44
C TRP A 122 -17.60 -2.77 15.33
N TYR A 123 -17.99 -1.50 15.17
CA TYR A 123 -17.07 -0.38 15.00
C TYR A 123 -17.45 0.73 15.98
N GLU A 124 -16.44 1.39 16.54
CA GLU A 124 -16.67 2.49 17.47
C GLU A 124 -15.62 3.57 17.30
N PRO A 125 -15.96 4.72 16.73
CA PRO A 125 -15.03 5.85 16.67
C PRO A 125 -15.14 6.76 17.88
N ILE A 126 -14.04 7.47 18.17
CA ILE A 126 -14.04 8.50 19.19
C ILE A 126 -13.34 9.72 18.63
N TYR A 127 -13.98 10.88 18.76
CA TYR A 127 -13.43 12.16 18.31
C TYR A 127 -13.29 13.10 19.49
N LEU A 128 -12.15 13.79 19.56
CA LEU A 128 -11.86 14.75 20.60
C LEU A 128 -11.33 16.03 19.96
N GLY A 129 -11.80 17.18 20.43
CA GLY A 129 -11.32 18.44 19.91
C GLY A 129 -11.62 19.58 20.85
N GLY A 130 -10.71 20.56 20.88
CA GLY A 130 -10.89 21.72 21.73
C GLY A 130 -9.69 22.62 21.63
N VAL A 131 -9.83 23.83 22.18
CA VAL A 131 -8.80 24.87 22.11
C VAL A 131 -8.20 25.07 23.49
N PHE A 132 -6.88 25.10 23.57
CA PHE A 132 -6.17 25.21 24.84
C PHE A 132 -4.97 26.13 24.69
N GLN A 133 -4.69 26.89 25.75
CA GLN A 133 -3.49 27.72 25.79
C GLN A 133 -2.31 26.87 26.25
N LEU A 134 -1.26 26.83 25.43
CA LEU A 134 -0.09 26.03 25.71
C LEU A 134 1.14 26.93 25.75
N GLU A 135 2.11 26.52 26.57
CA GLU A 135 3.38 27.23 26.66
C GLU A 135 4.40 26.53 25.78
N LYS A 136 5.50 27.23 25.52
CA LYS A 136 6.56 26.65 24.70
C LYS A 136 7.21 25.47 25.39
N GLY A 137 7.21 24.33 24.72
CA GLY A 137 7.84 23.14 25.23
C GLY A 137 6.89 22.12 25.82
N ASP A 138 5.60 22.38 25.85
CA ASP A 138 4.65 21.41 26.36
C ASP A 138 4.60 20.19 25.46
N ARG A 139 4.50 19.02 26.06
CA ARG A 139 4.32 17.77 25.32
C ARG A 139 2.85 17.42 25.30
N LEU A 140 2.38 16.93 24.15
CA LEU A 140 0.99 16.50 24.00
C LEU A 140 0.98 15.04 23.57
N SER A 141 0.12 14.26 24.19
CA SER A 141 0.00 12.84 23.88
C SER A 141 -1.46 12.50 23.65
N ALA A 142 -1.72 11.69 22.62
CA ALA A 142 -3.06 11.18 22.33
C ALA A 142 -3.01 9.66 22.51
N GLU A 143 -3.63 9.18 23.58
CA GLU A 143 -3.51 7.79 23.98
C GLU A 143 -4.87 7.10 24.03
N ILE A 144 -4.81 5.78 23.93
CA ILE A 144 -5.96 4.91 24.10
C ILE A 144 -5.60 3.88 25.16
N ASN A 145 -6.62 3.20 25.67
CA ASN A 145 -6.40 2.20 26.70
C ASN A 145 -6.34 0.79 26.16
N ARG A 146 -6.90 0.56 24.97
CA ARG A 146 -6.96 -0.77 24.36
C ARG A 146 -6.41 -0.68 22.95
N PRO A 147 -5.08 -0.68 22.81
CA PRO A 147 -4.50 -0.66 21.45
C PRO A 147 -4.89 -1.88 20.64
N ASP A 148 -5.20 -2.99 21.29
CA ASP A 148 -5.57 -4.21 20.57
C ASP A 148 -6.90 -4.06 19.83
N TYR A 149 -7.74 -3.12 20.22
CA TYR A 149 -8.99 -2.88 19.52
C TYR A 149 -8.86 -1.81 18.44
N LEU A 150 -7.66 -1.28 18.24
CA LEU A 150 -7.47 -0.19 17.29
C LEU A 150 -7.65 -0.68 15.87
N ASP A 151 -8.21 0.18 15.02
CA ASP A 151 -8.50 -0.15 13.62
C ASP A 151 -7.90 0.92 12.71
N PHE A 152 -6.80 0.59 12.06
CA PHE A 152 -6.23 1.45 11.03
C PHE A 152 -6.21 0.71 9.71
N ALA A 153 -7.35 0.08 9.36
CA ALA A 153 -7.43 -0.61 8.09
C ALA A 153 -7.50 0.35 6.91
N GLU A 154 -8.00 1.56 7.13
CA GLU A 154 -8.10 2.60 6.11
C GLU A 154 -7.38 3.87 6.56
N SER A 155 -7.21 4.79 5.63
CA SER A 155 -6.27 5.90 5.80
C SER A 155 -6.75 6.91 6.83
N GLY A 156 -7.92 7.50 6.62
CA GLY A 156 -8.35 8.63 7.41
C GLY A 156 -9.14 8.30 8.67
N GLN A 157 -8.76 7.23 9.36
CA GLN A 157 -9.55 6.74 10.49
C GLN A 157 -8.92 7.06 11.84
N VAL A 158 -7.59 7.11 11.95
CA VAL A 158 -6.90 7.42 13.19
C VAL A 158 -5.95 8.58 12.92
N TYR A 159 -6.10 9.67 13.65
CA TYR A 159 -5.22 10.83 13.43
C TYR A 159 -5.19 11.71 14.67
N PHE A 160 -4.19 12.58 14.72
CA PHE A 160 -3.89 13.39 15.90
C PHE A 160 -3.21 14.67 15.42
N GLY A 161 -3.81 15.81 15.69
CA GLY A 161 -3.31 17.06 15.15
C GLY A 161 -3.52 18.23 16.09
N ILE A 162 -2.66 19.24 15.93
CA ILE A 162 -2.78 20.52 16.61
C ILE A 162 -2.47 21.62 15.60
N ILE A 163 -2.96 22.83 15.89
CA ILE A 163 -2.60 23.99 15.09
C ILE A 163 -2.77 25.25 15.91
N ALA A 164 -1.72 26.07 15.96
CA ALA A 164 -1.77 27.32 16.70
C ALA A 164 -2.68 28.32 16.01
N LEU A 165 -3.57 28.95 16.75
CA LEU A 165 -4.41 29.99 16.15
C LEU A 165 -3.93 31.40 16.44
N THR A 166 -3.30 31.64 17.60
CA THR A 166 -2.69 32.94 17.88
C THR A 166 -1.27 33.03 17.36
N SER A 167 -0.31 32.59 18.17
CA SER A 167 1.11 32.62 17.82
C SER A 167 1.69 31.22 17.75
N ARG B 14 -6.36 38.11 31.93
CA ARG B 14 -6.81 37.22 30.87
C ARG B 14 -6.80 37.92 29.51
N THR B 15 -5.61 38.09 28.93
CA THR B 15 -5.47 38.70 27.62
C THR B 15 -4.21 38.19 26.92
N PRO B 16 -4.29 37.09 26.14
CA PRO B 16 -3.12 36.65 25.37
C PRO B 16 -2.78 37.57 24.20
N SER B 17 -3.65 37.57 23.18
CA SER B 17 -3.45 38.39 21.97
C SER B 17 -4.73 39.09 21.55
N ASP B 18 -5.65 39.31 22.48
CA ASP B 18 -6.89 40.06 22.24
C ASP B 18 -7.79 39.37 21.21
N LYS B 19 -7.64 38.07 21.07
CA LYS B 19 -8.59 37.32 20.26
C LYS B 19 -9.64 36.69 21.16
N PRO B 20 -10.93 36.88 20.88
CA PRO B 20 -11.97 36.32 21.75
C PRO B 20 -11.89 34.80 21.83
N VAL B 21 -11.85 34.29 23.05
CA VAL B 21 -11.64 32.86 23.29
C VAL B 21 -12.38 32.43 24.55
N ALA B 22 -12.77 31.17 24.58
CA ALA B 22 -13.48 30.59 25.72
C ALA B 22 -13.38 29.07 25.65
N HIS B 23 -13.09 28.45 26.80
CA HIS B 23 -13.14 26.99 26.94
C HIS B 23 -13.51 26.69 28.38
N VAL B 24 -14.79 26.42 28.62
CA VAL B 24 -15.30 26.18 29.96
C VAL B 24 -15.63 24.71 30.12
N VAL B 25 -15.56 24.24 31.36
CA VAL B 25 -15.80 22.84 31.69
C VAL B 25 -16.94 22.77 32.69
N ALA B 26 -17.49 21.57 32.84
CA ALA B 26 -18.58 21.35 33.78
C ALA B 26 -18.06 21.33 35.21
N ASN B 27 -18.83 21.92 36.12
CA ASN B 27 -18.47 21.94 37.53
C ASN B 27 -18.56 20.54 38.09
N PRO B 28 -17.45 19.93 38.52
CA PRO B 28 -17.52 18.56 39.05
C PRO B 28 -18.32 18.46 40.34
N GLN B 29 -18.36 19.52 41.14
CA GLN B 29 -19.11 19.51 42.39
C GLN B 29 -20.62 19.69 42.19
N ALA B 30 -21.07 19.96 40.97
CA ALA B 30 -22.50 20.13 40.72
C ALA B 30 -23.25 18.81 40.91
N GLU B 31 -24.46 18.91 41.45
CA GLU B 31 -25.29 17.75 41.78
C GLU B 31 -26.42 17.65 40.75
N GLY B 32 -26.24 16.79 39.75
CA GLY B 32 -27.27 16.57 38.74
C GLY B 32 -27.61 17.79 37.92
N GLN B 33 -26.65 18.67 37.74
CA GLN B 33 -26.87 19.95 37.09
C GLN B 33 -25.63 20.26 36.25
N LEU B 34 -25.83 20.98 35.15
CA LEU B 34 -24.74 21.32 34.24
C LEU B 34 -24.45 22.80 34.41
N GLN B 35 -23.36 23.11 35.12
CA GLN B 35 -22.93 24.48 35.37
C GLN B 35 -21.52 24.64 34.83
N TRP B 36 -21.34 25.59 33.91
CA TRP B 36 -20.04 25.80 33.28
C TRP B 36 -19.14 26.65 34.16
N LEU B 37 -17.88 26.24 34.29
CA LEU B 37 -16.90 26.94 35.11
C LEU B 37 -15.60 27.12 34.34
N ASN B 38 -14.76 28.03 34.84
CA ASN B 38 -13.56 28.43 34.12
C ASN B 38 -12.29 28.49 34.95
N ARG B 39 -12.38 28.66 36.27
CA ARG B 39 -11.20 28.99 37.07
C ARG B 39 -10.16 27.88 37.09
N ARG B 40 -10.35 26.82 36.30
CA ARG B 40 -9.51 25.64 36.38
C ARG B 40 -8.33 25.74 35.42
N ALA B 41 -7.24 25.05 35.78
CA ALA B 41 -6.12 24.79 34.89
C ALA B 41 -6.59 24.18 33.58
N ASN B 42 -6.23 24.83 32.47
CA ASN B 42 -6.57 24.42 31.11
C ASN B 42 -8.03 24.71 30.80
N ALA B 43 -8.55 25.77 31.40
CA ALA B 43 -9.83 26.35 31.02
C ALA B 43 -9.65 27.86 30.93
N LEU B 44 -10.13 28.46 29.84
CA LEU B 44 -9.88 29.87 29.59
C LEU B 44 -11.17 30.60 29.20
N LEU B 45 -11.13 31.91 29.36
CA LEU B 45 -12.26 32.80 29.08
C LEU B 45 -11.72 34.22 29.04
N ALA B 46 -11.30 34.67 27.85
CA ALA B 46 -10.50 35.88 27.75
C ALA B 46 -10.93 36.69 26.53
N ASN B 47 -10.55 37.97 26.56
CA ASN B 47 -10.68 38.88 25.41
C ASN B 47 -12.14 39.18 25.11
N GLY B 48 -12.88 39.58 26.15
CA GLY B 48 -14.23 40.08 26.02
C GLY B 48 -15.31 39.04 26.22
N VAL B 49 -15.01 37.76 25.96
CA VAL B 49 -16.02 36.71 26.10
C VAL B 49 -16.43 36.58 27.55
N GLU B 50 -17.73 36.69 27.82
CA GLU B 50 -18.26 36.66 29.17
C GLU B 50 -19.00 35.35 29.41
N LEU B 51 -19.31 35.09 30.68
CA LEU B 51 -20.08 33.92 31.10
C LEU B 51 -21.16 34.41 32.06
N ARG B 52 -22.39 34.56 31.57
CA ARG B 52 -23.49 35.05 32.38
C ARG B 52 -24.68 34.11 32.22
N ASP B 53 -25.31 33.77 33.35
CA ASP B 53 -26.51 32.93 33.37
C ASP B 53 -26.27 31.62 32.62
N ASN B 54 -25.12 31.00 32.90
CA ASN B 54 -24.75 29.71 32.31
C ASN B 54 -24.64 29.79 30.79
N GLN B 55 -24.37 30.98 30.25
CA GLN B 55 -24.25 31.17 28.82
C GLN B 55 -22.95 31.93 28.51
N LEU B 56 -22.47 31.74 27.29
CA LEU B 56 -21.30 32.45 26.79
C LEU B 56 -21.77 33.68 26.01
N VAL B 57 -21.26 34.84 26.38
CA VAL B 57 -21.61 36.12 25.76
C VAL B 57 -20.48 36.55 24.86
N VAL B 58 -20.80 36.80 23.59
CA VAL B 58 -19.83 37.10 22.54
C VAL B 58 -19.52 38.60 22.51
N PRO B 59 -18.24 38.99 22.44
CA PRO B 59 -17.92 40.43 22.49
C PRO B 59 -17.81 41.08 21.13
N SER B 60 -17.43 40.33 20.11
CA SER B 60 -17.14 40.89 18.80
C SER B 60 -17.84 40.09 17.71
N GLU B 61 -18.21 40.79 16.65
CA GLU B 61 -18.78 40.15 15.48
C GLU B 61 -17.68 39.46 14.70
N GLY B 62 -17.94 38.23 14.26
CA GLY B 62 -16.96 37.53 13.46
C GLY B 62 -17.33 36.07 13.30
N LEU B 63 -16.39 35.33 12.70
CA LEU B 63 -16.54 33.90 12.48
C LEU B 63 -15.91 33.15 13.65
N TYR B 64 -16.73 32.36 14.33
CA TYR B 64 -16.31 31.65 15.53
C TYR B 64 -16.32 30.15 15.30
N LEU B 65 -15.36 29.45 15.91
CA LEU B 65 -15.40 28.01 16.04
C LEU B 65 -16.10 27.68 17.36
N ILE B 66 -17.19 26.91 17.27
CA ILE B 66 -18.01 26.53 18.41
C ILE B 66 -17.92 25.01 18.55
N TYR B 67 -17.66 24.55 19.76
CA TYR B 67 -17.55 23.11 20.00
C TYR B 67 -18.00 22.81 21.41
N SER B 68 -18.38 21.56 21.64
CA SER B 68 -18.82 21.08 22.94
C SER B 68 -18.84 19.57 22.96
N GLN B 69 -18.46 18.99 24.08
CA GLN B 69 -18.60 17.55 24.30
C GLN B 69 -19.26 17.30 25.64
N VAL B 70 -20.20 16.36 25.65
CA VAL B 70 -20.78 15.87 26.89
C VAL B 70 -20.59 14.36 26.96
N LEU B 71 -20.57 13.84 28.18
CA LEU B 71 -20.39 12.41 28.43
C LEU B 71 -21.49 11.94 29.35
N PHE B 72 -22.24 10.93 28.93
CA PHE B 72 -23.30 10.33 29.73
C PHE B 72 -22.86 8.97 30.24
N LYS B 73 -23.34 8.59 31.42
CA LYS B 73 -23.01 7.30 32.01
C LYS B 73 -24.26 6.73 32.65
N GLY B 74 -24.43 5.42 32.56
CA GLY B 74 -25.58 4.77 33.14
C GLY B 74 -25.22 3.38 33.63
N GLN B 75 -26.07 2.86 34.51
CA GLN B 75 -25.98 1.49 35.00
C GLN B 75 -27.28 0.80 34.61
N GLY B 76 -27.23 -0.07 33.59
CA GLY B 76 -28.42 -0.73 33.10
C GLY B 76 -29.33 0.22 32.33
N CYS B 77 -30.55 -0.25 32.09
CA CYS B 77 -31.54 0.49 31.34
C CYS B 77 -32.89 0.44 32.04
N PRO B 78 -33.53 1.57 32.25
CA PRO B 78 -34.82 1.59 32.94
C PRO B 78 -35.94 1.18 31.98
N SER B 79 -37.16 1.11 32.53
CA SER B 79 -38.30 0.70 31.73
C SER B 79 -38.68 1.74 30.68
N THR B 80 -38.46 3.02 30.99
CA THR B 80 -38.75 4.10 30.06
C THR B 80 -37.62 4.26 29.05
N HIS B 81 -37.99 4.69 27.84
CA HIS B 81 -37.00 4.92 26.80
C HIS B 81 -36.10 6.09 27.18
N VAL B 82 -34.81 5.98 26.86
CA VAL B 82 -33.81 6.97 27.23
C VAL B 82 -33.20 7.55 25.96
N LEU B 83 -33.46 8.82 25.70
CA LEU B 83 -32.82 9.57 24.62
C LEU B 83 -31.90 10.61 25.23
N LEU B 84 -30.68 10.69 24.72
CA LEU B 84 -29.68 11.64 25.19
C LEU B 84 -29.43 12.65 24.08
N THR B 85 -29.72 13.92 24.33
CA THR B 85 -29.51 14.96 23.34
C THR B 85 -28.51 15.98 23.84
N HIS B 86 -27.78 16.56 22.90
CA HIS B 86 -26.84 17.64 23.18
C HIS B 86 -27.04 18.70 22.12
N THR B 87 -27.14 19.96 22.54
CA THR B 87 -27.49 21.04 21.61
C THR B 87 -26.74 22.31 21.97
N ILE B 88 -26.16 22.96 20.97
CA ILE B 88 -25.61 24.31 21.09
C ILE B 88 -26.54 25.26 20.35
N SER B 89 -27.04 26.28 21.06
CA SER B 89 -28.01 27.21 20.50
C SER B 89 -27.55 28.65 20.74
N ARG B 90 -28.11 29.56 19.94
CA ARG B 90 -27.74 30.97 19.93
C ARG B 90 -28.97 31.85 20.11
N ILE B 91 -28.83 32.91 20.92
CA ILE B 91 -29.86 33.94 21.10
C ILE B 91 -29.27 35.29 20.69
N ALA B 92 -29.85 35.91 19.66
CA ALA B 92 -29.39 37.21 19.20
C ALA B 92 -29.76 38.31 20.19
N VAL B 93 -29.25 39.53 19.93
CA VAL B 93 -29.53 40.65 20.83
C VAL B 93 -30.95 41.12 20.63
N SER B 94 -31.63 41.38 21.74
CA SER B 94 -33.03 41.81 21.79
C SER B 94 -33.96 40.81 21.11
N TYR B 95 -33.45 39.66 20.68
CA TYR B 95 -34.31 38.62 20.16
C TYR B 95 -34.95 37.85 21.32
N GLN B 96 -35.95 37.05 20.98
CA GLN B 96 -36.70 36.33 21.99
C GLN B 96 -36.72 34.82 21.77
N THR B 97 -36.27 34.33 20.61
CA THR B 97 -36.14 32.91 20.35
C THR B 97 -34.68 32.51 20.31
N LYS B 98 -34.43 31.22 20.53
CA LYS B 98 -33.10 30.64 20.46
C LYS B 98 -33.05 29.70 19.27
N VAL B 99 -32.10 29.92 18.39
CA VAL B 99 -31.89 29.06 17.23
C VAL B 99 -30.84 28.02 17.58
N ASN B 100 -31.15 26.75 17.28
CA ASN B 100 -30.18 25.67 17.51
C ASN B 100 -29.12 25.71 16.43
N LEU B 101 -27.86 25.73 16.85
CA LEU B 101 -26.74 25.72 15.92
C LEU B 101 -26.26 24.29 15.66
N LEU B 102 -26.01 23.53 16.71
CA LEU B 102 -25.57 22.16 16.60
C LEU B 102 -26.45 21.28 17.48
N SER B 103 -26.62 20.03 17.07
CA SER B 103 -27.51 19.14 17.81
C SER B 103 -27.22 17.70 17.44
N ALA B 104 -27.25 16.82 18.44
CA ALA B 104 -27.07 15.39 18.20
C ALA B 104 -27.88 14.61 19.22
N ILE B 105 -28.32 13.42 18.80
CA ILE B 105 -29.16 12.54 19.60
C ILE B 105 -28.53 11.15 19.62
N LYS B 106 -28.63 10.48 20.78
CA LYS B 106 -28.16 9.11 20.92
C LYS B 106 -29.16 8.32 21.76
N SER B 107 -29.21 7.02 21.49
CA SER B 107 -30.16 6.11 22.12
C SER B 107 -29.39 4.94 22.73
N PRO B 108 -28.91 5.07 23.97
CA PRO B 108 -28.09 4.01 24.55
C PRO B 108 -28.88 2.79 24.97
N CYS B 109 -30.17 2.92 25.26
CA CYS B 109 -30.95 1.85 25.85
C CYS B 109 -31.97 1.35 24.85
N GLN B 110 -31.74 0.14 24.33
CA GLN B 110 -32.69 -0.46 23.40
C GLN B 110 -33.84 -1.11 24.16
N ARG B 111 -33.53 -1.95 25.14
CA ARG B 111 -34.54 -2.62 25.94
C ARG B 111 -34.23 -2.43 27.43
N GLU B 112 -35.27 -2.61 28.25
CA GLU B 112 -35.10 -2.56 29.69
C GLU B 112 -34.22 -3.73 30.16
N THR B 113 -33.34 -3.45 31.10
CA THR B 113 -32.52 -4.49 31.73
C THR B 113 -33.45 -5.48 32.42
N PRO B 114 -33.47 -6.75 32.02
CA PRO B 114 -34.42 -7.68 32.63
C PRO B 114 -34.11 -7.93 34.09
N GLU B 115 -35.13 -8.36 34.83
CA GLU B 115 -34.93 -8.76 36.22
C GLU B 115 -34.12 -10.05 36.25
N GLY B 116 -33.08 -10.07 37.07
CA GLY B 116 -32.15 -11.17 37.05
C GLY B 116 -30.94 -10.94 36.19
N ALA B 117 -30.83 -9.78 35.55
CA ALA B 117 -29.67 -9.41 34.76
C ALA B 117 -28.90 -8.30 35.45
N GLU B 118 -27.59 -8.29 35.25
CA GLU B 118 -26.74 -7.30 35.89
C GLU B 118 -26.91 -5.94 35.25
N ALA B 119 -26.85 -4.89 36.08
CA ALA B 119 -26.97 -3.50 35.60
C ALA B 119 -25.59 -3.03 35.16
N LYS B 120 -25.20 -3.47 33.97
CA LYS B 120 -23.85 -3.20 33.47
C LYS B 120 -23.69 -1.73 33.09
N PRO B 121 -22.56 -1.12 33.38
CA PRO B 121 -22.38 0.30 33.07
C PRO B 121 -22.16 0.54 31.57
N TRP B 122 -22.54 1.73 31.14
CA TRP B 122 -22.36 2.15 29.76
C TRP B 122 -22.05 3.64 29.74
N TYR B 123 -21.36 4.06 28.67
CA TYR B 123 -20.95 5.44 28.47
C TYR B 123 -21.36 5.87 27.06
N GLU B 124 -21.77 7.12 26.94
CA GLU B 124 -22.16 7.69 25.66
C GLU B 124 -21.68 9.12 25.55
N PRO B 125 -20.66 9.40 24.74
CA PRO B 125 -20.27 10.79 24.48
C PRO B 125 -21.01 11.36 23.29
N ILE B 126 -21.15 12.68 23.31
CA ILE B 126 -21.67 13.43 22.18
C ILE B 126 -20.77 14.62 21.96
N TYR B 127 -20.31 14.78 20.71
CA TYR B 127 -19.44 15.87 20.32
C TYR B 127 -20.12 16.68 19.24
N LEU B 128 -20.04 18.00 19.38
CA LEU B 128 -20.58 18.97 18.44
C LEU B 128 -19.50 19.98 18.10
N GLY B 129 -19.40 20.35 16.83
CA GLY B 129 -18.43 21.35 16.42
C GLY B 129 -18.81 21.92 15.07
N GLY B 130 -18.51 23.21 14.89
CA GLY B 130 -18.80 23.88 13.63
C GLY B 130 -18.44 25.34 13.71
N VAL B 131 -18.43 25.99 12.55
CA VAL B 131 -18.04 27.39 12.42
C VAL B 131 -19.28 28.20 12.07
N PHE B 132 -19.49 29.29 12.79
CA PHE B 132 -20.71 30.10 12.64
C PHE B 132 -20.36 31.58 12.74
N GLN B 133 -21.10 32.40 11.99
CA GLN B 133 -21.00 33.85 12.09
C GLN B 133 -21.84 34.33 13.26
N LEU B 134 -21.23 35.02 14.21
CA LEU B 134 -21.93 35.56 15.37
C LEU B 134 -21.71 37.07 15.48
N GLU B 135 -22.72 37.77 16.00
CA GLU B 135 -22.65 39.20 16.24
C GLU B 135 -22.44 39.52 17.71
N LYS B 136 -22.10 40.78 17.97
CA LYS B 136 -21.85 41.26 19.33
C LYS B 136 -23.11 41.16 20.18
N GLY B 137 -23.00 40.49 21.31
CA GLY B 137 -24.10 40.37 22.23
C GLY B 137 -24.86 39.06 22.13
N ASP B 138 -24.50 38.19 21.21
CA ASP B 138 -25.17 36.90 21.09
C ASP B 138 -24.84 36.06 22.32
N ARG B 139 -25.82 35.29 22.76
CA ARG B 139 -25.66 34.42 23.92
C ARG B 139 -25.70 32.97 23.43
N LEU B 140 -24.62 32.23 23.69
CA LEU B 140 -24.53 30.83 23.28
C LEU B 140 -24.71 29.92 24.49
N SER B 141 -25.49 28.87 24.31
CA SER B 141 -25.74 27.90 25.38
C SER B 141 -25.51 26.49 24.86
N ALA B 142 -24.87 25.67 25.69
CA ALA B 142 -24.68 24.25 25.42
C ALA B 142 -25.49 23.49 26.45
N GLU B 143 -26.58 22.88 26.00
CA GLU B 143 -27.55 22.28 26.89
C GLU B 143 -27.75 20.80 26.57
N ILE B 144 -28.20 20.07 27.59
CA ILE B 144 -28.56 18.66 27.48
C ILE B 144 -29.98 18.50 28.01
N ASN B 145 -30.58 17.35 27.69
CA ASN B 145 -31.93 17.05 28.14
C ASN B 145 -32.00 16.15 29.37
N ARG B 146 -30.93 15.43 29.69
CA ARG B 146 -30.90 14.52 30.84
C ARG B 146 -29.68 14.83 31.69
N PRO B 147 -29.73 15.86 32.54
CA PRO B 147 -28.59 16.17 33.41
C PRO B 147 -28.28 15.05 34.39
N ASP B 148 -29.27 14.22 34.73
CA ASP B 148 -29.06 13.13 35.66
C ASP B 148 -28.14 12.05 35.11
N TYR B 149 -27.95 11.99 33.79
CA TYR B 149 -27.03 11.03 33.19
C TYR B 149 -25.64 11.60 32.97
N LEU B 150 -25.40 12.84 33.36
CA LEU B 150 -24.12 13.49 33.08
C LEU B 150 -23.00 12.90 33.92
N ASP B 151 -21.81 12.78 33.31
CA ASP B 151 -20.64 12.18 33.96
C ASP B 151 -19.45 13.13 33.84
N PHE B 152 -19.14 13.84 34.92
CA PHE B 152 -17.91 14.63 34.96
C PHE B 152 -17.02 14.15 36.11
N ALA B 153 -16.84 12.83 36.21
CA ALA B 153 -15.97 12.27 37.24
C ALA B 153 -14.51 12.57 36.95
N GLU B 154 -14.13 12.61 35.68
CA GLU B 154 -12.79 12.96 35.25
C GLU B 154 -12.81 14.33 34.57
N SER B 155 -11.62 14.80 34.19
CA SER B 155 -11.45 16.22 33.88
C SER B 155 -11.93 16.58 32.48
N GLY B 156 -11.37 15.94 31.46
CA GLY B 156 -11.61 16.38 30.09
C GLY B 156 -12.82 15.76 29.41
N GLN B 157 -13.90 15.54 30.15
CA GLN B 157 -15.04 14.79 29.62
C GLN B 157 -16.21 15.67 29.22
N VAL B 158 -16.42 16.80 29.89
CA VAL B 158 -17.51 17.72 29.56
C VAL B 158 -16.90 19.10 29.34
N TYR B 159 -17.11 19.69 28.16
CA TYR B 159 -16.54 20.98 27.87
C TYR B 159 -17.31 21.69 26.77
N PHE B 160 -17.10 23.00 26.69
CA PHE B 160 -17.84 23.89 25.81
C PHE B 160 -16.97 25.10 25.52
N GLY B 161 -16.65 25.33 24.25
CA GLY B 161 -15.71 26.39 23.92
C GLY B 161 -16.04 27.06 22.60
N ILE B 162 -15.59 28.32 22.48
CA ILE B 162 -15.67 29.09 21.25
C ILE B 162 -14.34 29.82 21.06
N ILE B 163 -14.03 30.17 19.81
CA ILE B 163 -12.86 30.99 19.55
C ILE B 163 -13.05 31.75 18.24
N ALA B 164 -12.81 33.05 18.26
CA ALA B 164 -12.96 33.86 17.06
C ALA B 164 -11.84 33.55 16.06
N LEU B 165 -12.23 33.29 14.81
CA LEU B 165 -11.27 33.08 13.74
C LEU B 165 -11.06 34.33 12.90
N THR B 166 -12.03 35.24 12.87
CA THR B 166 -11.91 36.52 12.19
C THR B 166 -12.41 37.62 13.12
N SER B 167 -11.78 38.79 13.04
CA SER B 167 -12.09 39.93 13.91
C SER B 167 -12.05 39.54 15.39
N ARG C 14 -18.52 38.68 2.80
CA ARG C 14 -17.14 39.15 2.67
C ARG C 14 -16.85 40.27 3.65
N THR C 15 -17.80 40.52 4.55
CA THR C 15 -17.52 41.40 5.68
C THR C 15 -16.46 40.83 6.63
N PRO C 16 -16.25 39.48 6.76
CA PRO C 16 -15.07 39.01 7.48
C PRO C 16 -13.75 39.32 6.78
N SER C 17 -12.64 38.80 7.31
CA SER C 17 -11.33 39.16 6.81
C SER C 17 -10.93 38.34 5.58
N ASP C 18 -11.85 38.22 4.62
CA ASP C 18 -11.58 37.65 3.30
C ASP C 18 -11.10 36.20 3.38
N LYS C 19 -11.26 35.54 4.52
CA LYS C 19 -10.90 34.14 4.61
C LYS C 19 -11.91 33.27 3.88
N PRO C 20 -11.47 32.34 3.04
CA PRO C 20 -12.43 31.45 2.37
C PRO C 20 -13.15 30.57 3.40
N VAL C 21 -14.47 30.55 3.34
CA VAL C 21 -15.26 29.84 4.35
C VAL C 21 -16.48 29.20 3.70
N ALA C 22 -16.93 28.10 4.29
CA ALA C 22 -18.09 27.37 3.79
C ALA C 22 -18.68 26.54 4.93
N HIS C 23 -20.00 26.61 5.06
CA HIS C 23 -20.74 25.80 6.03
C HIS C 23 -22.11 25.55 5.41
N VAL C 24 -22.26 24.37 4.80
CA VAL C 24 -23.47 23.99 4.08
C VAL C 24 -24.21 22.92 4.88
N VAL C 25 -25.53 22.88 4.69
CA VAL C 25 -26.38 21.94 5.42
C VAL C 25 -27.13 21.06 4.44
N ALA C 26 -27.66 19.95 4.96
CA ALA C 26 -28.42 19.02 4.14
C ALA C 26 -29.80 19.59 3.84
N ASN C 27 -30.26 19.38 2.63
CA ASN C 27 -31.55 19.88 2.20
C ASN C 27 -32.68 19.15 2.92
N PRO C 28 -33.46 19.83 3.77
CA PRO C 28 -34.56 19.12 4.46
C PRO C 28 -35.63 18.64 3.50
N GLN C 29 -35.83 19.34 2.38
CA GLN C 29 -36.80 18.92 1.39
C GLN C 29 -36.30 17.76 0.53
N ALA C 30 -35.04 17.37 0.66
CA ALA C 30 -34.52 16.24 -0.10
C ALA C 30 -35.18 14.95 0.36
N GLU C 31 -35.45 14.07 -0.59
CA GLU C 31 -36.16 12.82 -0.32
C GLU C 31 -35.15 11.66 -0.39
N GLY C 32 -34.61 11.30 0.76
CA GLY C 32 -33.68 10.18 0.86
C GLY C 32 -32.40 10.33 0.07
N GLN C 33 -31.85 11.55 0.01
CA GLN C 33 -30.64 11.80 -0.78
C GLN C 33 -29.90 12.99 -0.21
N LEU C 34 -28.57 12.88 -0.15
CA LEU C 34 -27.74 13.90 0.52
C LEU C 34 -27.35 14.96 -0.51
N GLN C 35 -28.00 16.12 -0.43
CA GLN C 35 -27.70 17.26 -1.29
C GLN C 35 -27.35 18.46 -0.41
N TRP C 36 -26.16 19.02 -0.65
CA TRP C 36 -25.69 20.15 0.15
C TRP C 36 -26.24 21.46 -0.42
N LEU C 37 -26.72 22.33 0.48
CA LEU C 37 -27.26 23.63 0.13
C LEU C 37 -26.69 24.69 1.06
N ASN C 38 -26.80 25.95 0.66
CA ASN C 38 -26.20 27.06 1.39
C ASN C 38 -27.18 28.14 1.83
N ARG C 39 -28.23 28.40 1.05
CA ARG C 39 -29.16 29.50 1.34
C ARG C 39 -30.02 29.15 2.55
N ARG C 40 -29.44 29.35 3.73
CA ARG C 40 -30.11 29.02 4.99
C ARG C 40 -29.75 30.07 6.04
N ALA C 41 -30.36 29.91 7.21
CA ALA C 41 -30.02 30.71 8.39
C ALA C 41 -28.83 30.08 9.10
N ASN C 42 -27.73 30.84 9.19
CA ASN C 42 -26.50 30.39 9.85
C ASN C 42 -25.79 29.31 9.03
N ALA C 43 -25.90 29.40 7.71
CA ALA C 43 -25.15 28.59 6.77
C ALA C 43 -24.54 29.53 5.74
N LEU C 44 -23.25 29.36 5.47
CA LEU C 44 -22.52 30.36 4.69
C LEU C 44 -21.71 29.70 3.58
N LEU C 45 -21.26 30.55 2.65
CA LEU C 45 -20.45 30.11 1.52
C LEU C 45 -19.80 31.35 0.89
N ALA C 46 -18.61 31.72 1.35
CA ALA C 46 -18.05 33.03 1.01
C ALA C 46 -16.56 32.95 0.72
N ASN C 47 -16.10 33.97 -0.02
CA ASN C 47 -14.69 34.25 -0.31
C ASN C 47 -14.07 33.17 -1.21
N GLY C 48 -14.73 32.91 -2.34
CA GLY C 48 -14.19 32.05 -3.38
C GLY C 48 -14.63 30.60 -3.33
N VAL C 49 -15.04 30.09 -2.18
CA VAL C 49 -15.45 28.69 -2.08
C VAL C 49 -16.70 28.47 -2.92
N GLU C 50 -16.66 27.48 -3.81
CA GLU C 50 -17.75 27.19 -4.73
C GLU C 50 -18.45 25.90 -4.30
N LEU C 51 -19.63 25.67 -4.88
CA LEU C 51 -20.37 24.43 -4.67
C LEU C 51 -20.83 23.95 -6.04
N ARG C 52 -20.12 22.96 -6.58
CA ARG C 52 -20.43 22.42 -7.90
C ARG C 52 -20.54 20.90 -7.80
N ASP C 53 -21.59 20.35 -8.40
CA ASP C 53 -21.82 18.90 -8.43
C ASP C 53 -21.78 18.31 -7.02
N ASN C 54 -22.44 19.00 -6.09
CA ASN C 54 -22.53 18.57 -4.69
C ASN C 54 -21.16 18.49 -4.02
N GLN C 55 -20.20 19.28 -4.50
CA GLN C 55 -18.86 19.31 -3.95
C GLN C 55 -18.46 20.74 -3.63
N LEU C 56 -17.54 20.88 -2.69
CA LEU C 56 -16.98 22.19 -2.33
C LEU C 56 -15.68 22.40 -3.08
N VAL C 57 -15.58 23.52 -3.79
CA VAL C 57 -14.40 23.84 -4.59
C VAL C 57 -13.58 24.89 -3.84
N VAL C 58 -12.32 24.56 -3.59
CA VAL C 58 -11.39 25.36 -2.79
C VAL C 58 -10.73 26.42 -3.68
N PRO C 59 -10.67 27.68 -3.22
CA PRO C 59 -10.11 28.72 -4.08
C PRO C 59 -8.62 28.99 -3.88
N SER C 60 -8.09 28.74 -2.68
CA SER C 60 -6.72 29.14 -2.37
C SER C 60 -5.96 28.01 -1.71
N GLU C 61 -4.64 28.02 -1.93
CA GLU C 61 -3.75 27.09 -1.26
C GLU C 61 -3.57 27.50 0.19
N GLY C 62 -3.69 26.54 1.10
CA GLY C 62 -3.48 26.86 2.50
C GLY C 62 -3.95 25.74 3.40
N LEU C 63 -3.91 26.02 4.70
CA LEU C 63 -4.34 25.06 5.71
C LEU C 63 -5.80 25.30 6.05
N TYR C 64 -6.62 24.30 5.81
CA TYR C 64 -8.07 24.39 6.00
C TYR C 64 -8.50 23.47 7.13
N LEU C 65 -9.45 23.93 7.91
CA LEU C 65 -10.19 23.09 8.84
C LEU C 65 -11.42 22.55 8.11
N ILE C 66 -11.52 21.22 8.06
CA ILE C 66 -12.62 20.52 7.41
C ILE C 66 -13.37 19.76 8.48
N TYR C 67 -14.69 19.88 8.48
CA TYR C 67 -15.53 19.18 9.45
C TYR C 67 -16.85 18.85 8.79
N SER C 68 -17.54 17.87 9.36
CA SER C 68 -18.85 17.46 8.87
C SER C 68 -19.51 16.59 9.92
N GLN C 69 -20.83 16.70 10.03
CA GLN C 69 -21.62 15.83 10.88
C GLN C 69 -22.80 15.31 10.09
N VAL C 70 -23.07 14.02 10.23
CA VAL C 70 -24.26 13.42 9.67
C VAL C 70 -25.01 12.74 10.80
N LEU C 71 -26.32 12.60 10.63
CA LEU C 71 -27.16 11.94 11.63
C LEU C 71 -28.01 10.88 10.94
N PHE C 72 -27.88 9.64 11.39
CA PHE C 72 -28.66 8.52 10.91
C PHE C 72 -29.71 8.14 11.95
N LYS C 73 -30.82 7.61 11.46
CA LYS C 73 -31.94 7.19 12.29
C LYS C 73 -32.49 5.89 11.74
N GLY C 74 -32.96 5.02 12.64
CA GLY C 74 -33.55 3.78 12.20
C GLY C 74 -34.68 3.35 13.11
N GLN C 75 -35.55 2.50 12.57
CA GLN C 75 -36.62 1.85 13.31
C GLN C 75 -36.39 0.35 13.18
N GLY C 76 -35.88 -0.26 14.24
CA GLY C 76 -35.58 -1.68 14.20
C GLY C 76 -34.37 -1.97 13.32
N CYS C 77 -34.20 -3.26 13.05
CA CYS C 77 -33.06 -3.73 12.27
C CYS C 77 -33.52 -4.73 11.22
N PRO C 78 -33.13 -4.56 9.97
CA PRO C 78 -33.53 -5.51 8.91
C PRO C 78 -32.64 -6.75 8.95
N SER C 79 -32.96 -7.69 8.06
CA SER C 79 -32.23 -8.95 8.01
C SER C 79 -30.81 -8.76 7.49
N THR C 80 -30.60 -7.80 6.59
CA THR C 80 -29.27 -7.52 6.09
C THR C 80 -28.51 -6.65 7.08
N HIS C 81 -27.19 -6.84 7.11
CA HIS C 81 -26.35 -6.02 7.97
C HIS C 81 -26.34 -4.57 7.52
N VAL C 82 -26.34 -3.66 8.47
CA VAL C 82 -26.40 -2.22 8.20
C VAL C 82 -25.12 -1.60 8.72
N LEU C 83 -24.30 -1.08 7.81
CA LEU C 83 -23.10 -0.34 8.16
C LEU C 83 -23.28 1.13 7.76
N LEU C 84 -22.93 2.03 8.67
CA LEU C 84 -23.02 3.47 8.43
C LEU C 84 -21.63 4.07 8.32
N THR C 85 -21.31 4.61 7.15
CA THR C 85 -20.00 5.21 6.92
C THR C 85 -20.17 6.68 6.56
N HIS C 86 -19.18 7.48 6.97
CA HIS C 86 -19.14 8.89 6.59
C HIS C 86 -17.72 9.24 6.20
N THR C 87 -17.54 9.88 5.04
CA THR C 87 -16.19 10.07 4.51
C THR C 87 -16.08 11.43 3.81
N ILE C 88 -15.03 12.17 4.14
CA ILE C 88 -14.66 13.39 3.43
C ILE C 88 -13.41 13.11 2.60
N SER C 89 -13.50 13.36 1.30
CA SER C 89 -12.41 13.11 0.37
C SER C 89 -12.20 14.33 -0.52
N ARG C 90 -11.02 14.40 -1.13
CA ARG C 90 -10.66 15.51 -2.01
C ARG C 90 -10.21 14.94 -3.36
N ILE C 91 -10.56 15.65 -4.43
CA ILE C 91 -10.11 15.33 -5.78
C ILE C 91 -9.28 16.51 -6.27
N ALA C 92 -8.00 16.26 -6.56
CA ALA C 92 -7.12 17.33 -7.01
C ALA C 92 -7.49 17.79 -8.43
N VAL C 93 -6.84 18.88 -8.85
CA VAL C 93 -7.12 19.43 -10.18
C VAL C 93 -6.50 18.53 -11.23
N SER C 94 -7.30 18.15 -12.22
CA SER C 94 -6.90 17.19 -13.26
C SER C 94 -6.47 15.87 -12.61
N TYR C 95 -7.40 15.28 -11.87
CA TYR C 95 -7.13 14.12 -11.04
C TYR C 95 -8.26 13.12 -11.21
N GLN C 96 -7.91 11.85 -11.47
CA GLN C 96 -8.92 10.81 -11.57
C GLN C 96 -9.31 10.29 -10.19
N THR C 97 -8.32 9.95 -9.37
CA THR C 97 -8.58 9.31 -8.10
C THR C 97 -8.91 10.33 -7.01
N LYS C 98 -9.52 9.84 -5.93
CA LYS C 98 -9.89 10.65 -4.78
C LYS C 98 -9.24 10.06 -3.54
N VAL C 99 -8.46 10.87 -2.83
CA VAL C 99 -7.81 10.43 -1.61
C VAL C 99 -8.71 10.76 -0.42
N ASN C 100 -8.94 9.77 0.45
CA ASN C 100 -9.80 9.97 1.60
C ASN C 100 -9.09 10.79 2.67
N LEU C 101 -9.75 11.85 3.13
CA LEU C 101 -9.20 12.67 4.20
C LEU C 101 -9.72 12.24 5.57
N LEU C 102 -11.04 12.13 5.72
CA LEU C 102 -11.66 11.73 6.98
C LEU C 102 -12.65 10.61 6.75
N SER C 103 -12.78 9.73 7.74
CA SER C 103 -13.65 8.57 7.57
C SER C 103 -13.99 7.98 8.92
N ALA C 104 -15.25 7.57 9.08
CA ALA C 104 -15.67 6.91 10.30
C ALA C 104 -16.76 5.89 9.97
N ILE C 105 -16.81 4.83 10.79
CA ILE C 105 -17.71 3.70 10.61
C ILE C 105 -18.50 3.50 11.90
N LYS C 106 -19.76 3.12 11.76
CA LYS C 106 -20.59 2.73 12.89
C LYS C 106 -21.46 1.55 12.48
N SER C 107 -21.78 0.69 13.44
CA SER C 107 -22.56 -0.52 13.21
C SER C 107 -23.71 -0.56 14.21
N PRO C 108 -24.84 0.08 13.90
CA PRO C 108 -25.93 0.18 14.88
C PRO C 108 -26.73 -1.11 15.01
N CYS C 109 -26.75 -1.93 13.96
CA CYS C 109 -27.60 -3.11 13.92
C CYS C 109 -26.75 -4.36 13.97
N GLN C 110 -26.78 -5.04 15.11
CA GLN C 110 -26.06 -6.31 15.24
C GLN C 110 -26.87 -7.45 14.64
N ARG C 111 -28.10 -7.63 15.10
CA ARG C 111 -28.95 -8.73 14.68
C ARG C 111 -30.28 -8.18 14.16
N GLU C 112 -30.94 -8.99 13.34
CA GLU C 112 -32.25 -8.64 12.81
C GLU C 112 -33.28 -8.62 13.94
N THR C 113 -34.17 -7.62 13.90
CA THR C 113 -35.30 -7.59 14.82
C THR C 113 -36.20 -8.80 14.58
N PRO C 114 -36.38 -9.67 15.57
CA PRO C 114 -37.20 -10.87 15.36
C PRO C 114 -38.66 -10.50 15.13
N GLU C 115 -39.40 -11.44 14.52
CA GLU C 115 -40.84 -11.26 14.37
C GLU C 115 -41.51 -11.35 15.74
N GLY C 116 -42.39 -10.40 16.01
CA GLY C 116 -43.01 -10.30 17.31
C GLY C 116 -42.32 -9.36 18.27
N ALA C 117 -41.24 -8.71 17.86
CA ALA C 117 -40.52 -7.75 18.67
C ALA C 117 -40.72 -6.35 18.09
N GLU C 118 -40.67 -5.35 18.98
CA GLU C 118 -40.93 -3.99 18.55
C GLU C 118 -39.77 -3.43 17.74
N ALA C 119 -40.10 -2.62 16.73
CA ALA C 119 -39.09 -1.95 15.90
C ALA C 119 -38.71 -0.66 16.61
N LYS C 120 -37.85 -0.81 17.62
CA LYS C 120 -37.51 0.32 18.46
C LYS C 120 -36.58 1.27 17.72
N PRO C 121 -36.77 2.58 17.89
CA PRO C 121 -35.94 3.54 17.15
C PRO C 121 -34.55 3.67 17.74
N TRP C 122 -33.60 4.06 16.89
CA TRP C 122 -32.22 4.29 17.29
C TRP C 122 -31.65 5.45 16.48
N TYR C 123 -30.65 6.11 17.05
CA TYR C 123 -30.01 7.27 16.44
C TYR C 123 -28.51 7.07 16.46
N GLU C 124 -27.85 7.51 15.38
CA GLU C 124 -26.40 7.41 15.29
C GLU C 124 -25.80 8.63 14.58
N PRO C 125 -25.10 9.49 15.30
CA PRO C 125 -24.36 10.59 14.65
C PRO C 125 -22.96 10.17 14.28
N ILE C 126 -22.41 10.87 13.29
CA ILE C 126 -21.00 10.75 12.92
C ILE C 126 -20.42 12.15 12.76
N TYR C 127 -19.30 12.40 13.43
CA TYR C 127 -18.58 13.66 13.33
C TYR C 127 -17.17 13.43 12.83
N LEU C 128 -16.75 14.29 11.90
CA LEU C 128 -15.41 14.27 11.32
C LEU C 128 -14.84 15.67 11.33
N GLY C 129 -13.56 15.79 11.69
CA GLY C 129 -12.90 17.09 11.70
C GLY C 129 -11.40 16.92 11.67
N GLY C 130 -10.73 17.87 11.02
CA GLY C 130 -9.29 17.82 10.94
C GLY C 130 -8.77 18.96 10.08
N VAL C 131 -7.46 19.15 10.12
CA VAL C 131 -6.78 20.22 9.40
C VAL C 131 -5.96 19.60 8.27
N PHE C 132 -6.13 20.12 7.06
CA PHE C 132 -5.48 19.58 5.88
C PHE C 132 -5.01 20.71 4.99
N GLN C 133 -3.89 20.49 4.32
CA GLN C 133 -3.42 21.45 3.34
C GLN C 133 -4.12 21.20 2.01
N LEU C 134 -4.73 22.25 1.45
CA LEU C 134 -5.45 22.16 0.20
C LEU C 134 -4.84 23.10 -0.82
N GLU C 135 -4.90 22.69 -2.08
CA GLU C 135 -4.43 23.46 -3.22
C GLU C 135 -5.62 24.12 -3.92
N LYS C 136 -5.32 25.10 -4.77
CA LYS C 136 -6.39 25.74 -5.52
C LYS C 136 -7.01 24.76 -6.49
N GLY C 137 -8.32 24.59 -6.42
CA GLY C 137 -9.03 23.72 -7.34
C GLY C 137 -9.41 22.35 -6.81
N ASP C 138 -9.09 22.04 -5.56
CA ASP C 138 -9.49 20.76 -4.99
C ASP C 138 -11.01 20.72 -4.83
N ARG C 139 -11.58 19.53 -5.03
CA ARG C 139 -13.02 19.31 -4.91
C ARG C 139 -13.26 18.40 -3.71
N LEU C 140 -13.87 18.94 -2.66
CA LEU C 140 -14.11 18.21 -1.42
C LEU C 140 -15.54 17.67 -1.41
N SER C 141 -15.67 16.42 -0.97
CA SER C 141 -16.95 15.74 -0.89
C SER C 141 -17.13 15.14 0.50
N ALA C 142 -18.33 15.30 1.04
CA ALA C 142 -18.74 14.66 2.28
C ALA C 142 -19.86 13.68 1.91
N GLU C 143 -19.54 12.39 1.95
CA GLU C 143 -20.43 11.36 1.44
C GLU C 143 -20.77 10.36 2.53
N ILE C 144 -21.92 9.71 2.36
CA ILE C 144 -22.35 8.61 3.19
C ILE C 144 -22.70 7.44 2.28
N ASN C 145 -22.84 6.26 2.87
CA ASN C 145 -23.14 5.07 2.09
C ASN C 145 -24.61 4.68 2.09
N ARG C 146 -25.39 5.14 3.06
CA ARG C 146 -26.80 4.77 3.20
C ARG C 146 -27.64 6.04 3.31
N PRO C 147 -27.94 6.69 2.18
CA PRO C 147 -28.78 7.89 2.24
C PRO C 147 -30.17 7.64 2.78
N ASP C 148 -30.67 6.40 2.66
CA ASP C 148 -32.00 6.10 3.16
C ASP C 148 -32.09 6.17 4.67
N TYR C 149 -30.96 6.07 5.37
CA TYR C 149 -30.92 6.14 6.83
C TYR C 149 -30.68 7.56 7.34
N LEU C 150 -30.56 8.54 6.45
CA LEU C 150 -30.24 9.90 6.87
C LEU C 150 -31.41 10.51 7.63
N ASP C 151 -31.09 11.35 8.62
CA ASP C 151 -32.09 12.01 9.45
C ASP C 151 -31.83 13.51 9.47
N PHE C 152 -32.65 14.27 8.74
CA PHE C 152 -32.58 15.73 8.82
C PHE C 152 -33.91 16.29 9.33
N ALA C 153 -34.42 15.72 10.42
CA ALA C 153 -35.66 16.21 11.02
C ALA C 153 -35.47 17.55 11.71
N GLU C 154 -34.26 17.84 12.19
CA GLU C 154 -33.97 19.12 12.84
C GLU C 154 -32.88 19.85 12.09
N SER C 155 -32.74 21.14 12.39
CA SER C 155 -31.95 22.03 11.55
C SER C 155 -30.46 21.69 11.62
N GLY C 156 -29.88 21.74 12.82
CA GLY C 156 -28.44 21.67 12.99
C GLY C 156 -27.84 20.28 13.15
N GLN C 157 -28.36 19.31 12.40
CA GLN C 157 -27.96 17.92 12.55
C GLN C 157 -27.04 17.40 11.44
N VAL C 158 -27.18 17.88 10.20
CA VAL C 158 -26.34 17.43 9.09
C VAL C 158 -25.69 18.64 8.45
N TYR C 159 -24.36 18.66 8.39
CA TYR C 159 -23.65 19.81 7.85
C TYR C 159 -22.25 19.42 7.41
N PHE C 160 -21.65 20.31 6.63
CA PHE C 160 -20.35 20.07 6.00
C PHE C 160 -19.70 21.43 5.79
N GLY C 161 -18.54 21.65 6.37
CA GLY C 161 -17.93 22.96 6.32
C GLY C 161 -16.42 22.88 6.29
N ILE C 162 -15.81 23.91 5.68
CA ILE C 162 -14.36 24.11 5.67
C ILE C 162 -14.12 25.59 5.92
N ILE C 163 -12.92 25.90 6.40
CA ILE C 163 -12.52 27.29 6.57
C ILE C 163 -11.01 27.37 6.52
N ALA C 164 -10.50 28.28 5.70
CA ALA C 164 -9.06 28.45 5.60
C ALA C 164 -8.52 29.13 6.86
N LEU C 165 -7.47 28.55 7.42
CA LEU C 165 -6.82 29.14 8.58
C LEU C 165 -5.57 29.95 8.20
N THR C 166 -4.96 29.62 7.06
CA THR C 166 -3.84 30.38 6.49
C THR C 166 -3.94 30.30 4.98
N SER C 167 -3.52 31.37 4.31
CA SER C 167 -3.47 31.38 2.84
C SER C 167 -2.65 32.55 2.32
N GLU D 4 -26.48 17.06 52.20
CA GLU D 4 -26.91 18.16 51.35
C GLU D 4 -28.43 18.27 51.23
N ILE D 5 -29.11 17.14 51.12
CA ILE D 5 -30.55 17.08 50.93
C ILE D 5 -31.21 16.70 52.24
N VAL D 6 -32.24 17.46 52.63
CA VAL D 6 -32.98 17.23 53.85
C VAL D 6 -34.40 16.85 53.46
N LEU D 7 -34.90 15.76 54.02
CA LEU D 7 -36.24 15.28 53.74
C LEU D 7 -37.16 15.62 54.91
N THR D 8 -38.28 16.26 54.58
CA THR D 8 -39.34 16.49 55.56
C THR D 8 -40.53 15.64 55.16
N GLN D 9 -41.30 15.24 56.17
CA GLN D 9 -42.48 14.41 55.95
C GLN D 9 -43.60 14.94 56.84
N SER D 10 -44.71 15.33 56.22
CA SER D 10 -45.82 15.95 56.91
C SER D 10 -47.15 15.25 56.60
N PRO D 11 -47.98 15.04 57.63
CA PRO D 11 -47.73 15.42 59.03
C PRO D 11 -46.99 14.30 59.75
N ALA D 12 -46.53 14.56 60.98
CA ALA D 12 -45.83 13.51 61.71
C ALA D 12 -46.77 12.36 62.06
N THR D 13 -47.98 12.69 62.51
CA THR D 13 -49.01 11.72 62.87
C THR D 13 -50.27 12.08 62.10
N LEU D 14 -50.92 11.08 61.50
CA LEU D 14 -52.16 11.28 60.76
C LEU D 14 -53.21 10.35 61.35
N SER D 15 -54.29 10.94 61.89
CA SER D 15 -55.35 10.18 62.55
C SER D 15 -56.62 10.26 61.71
N LEU D 16 -57.03 9.12 61.16
CA LEU D 16 -58.19 9.06 60.28
C LEU D 16 -59.03 7.84 60.65
N SER D 17 -60.23 7.80 60.10
CA SER D 17 -61.12 6.67 60.26
C SER D 17 -61.04 5.76 59.03
N PRO D 18 -61.30 4.46 59.19
CA PRO D 18 -61.32 3.58 58.02
C PRO D 18 -62.37 4.05 57.02
N GLY D 19 -61.96 4.13 55.76
CA GLY D 19 -62.81 4.61 54.69
C GLY D 19 -62.46 6.01 54.21
N GLU D 20 -61.73 6.76 55.02
CA GLU D 20 -61.35 8.12 54.66
C GLU D 20 -60.10 8.10 53.77
N ARG D 21 -59.75 9.28 53.27
CA ARG D 21 -58.62 9.44 52.37
C ARG D 21 -57.41 9.98 53.13
N ALA D 22 -56.25 9.38 52.90
CA ALA D 22 -55.00 9.80 53.51
C ALA D 22 -54.13 10.50 52.46
N THR D 23 -53.59 11.65 52.83
CA THR D 23 -52.69 12.43 51.97
C THR D 23 -51.42 12.70 52.76
N LEU D 24 -50.34 12.05 52.35
CA LEU D 24 -49.05 12.17 53.01
C LEU D 24 -48.11 13.00 52.14
N SER D 25 -47.31 13.85 52.78
CA SER D 25 -46.45 14.79 52.07
C SER D 25 -44.99 14.50 52.40
N CYS D 26 -44.17 14.55 51.35
CA CYS D 26 -42.72 14.39 51.45
C CYS D 26 -42.10 15.51 50.65
N ARG D 27 -41.26 16.32 51.29
CA ARG D 27 -40.62 17.45 50.64
C ARG D 27 -39.10 17.37 50.76
N ALA D 28 -38.41 17.79 49.70
CA ALA D 28 -36.95 17.78 49.66
C ALA D 28 -36.42 19.20 49.51
N SER D 29 -35.34 19.48 50.24
CA SER D 29 -34.74 20.81 50.20
C SER D 29 -34.23 21.17 48.81
N GLN D 30 -33.89 20.17 48.00
CA GLN D 30 -33.47 20.39 46.63
C GLN D 30 -34.15 19.37 45.74
N SER D 31 -34.21 19.67 44.44
CA SER D 31 -34.93 18.80 43.52
C SER D 31 -34.22 17.47 43.36
N VAL D 32 -35.00 16.39 43.39
CA VAL D 32 -34.53 15.04 43.14
C VAL D 32 -35.22 14.43 41.92
N TYR D 33 -35.76 15.28 41.04
CA TYR D 33 -36.48 14.87 39.83
C TYR D 33 -37.60 13.94 40.26
N SER D 34 -37.68 12.71 39.75
CA SER D 34 -38.70 11.76 40.18
C SER D 34 -38.10 10.53 40.83
N TYR D 35 -36.86 10.64 41.31
CA TYR D 35 -36.20 9.51 41.96
C TYR D 35 -36.58 9.48 43.44
N LEU D 36 -37.83 9.12 43.68
CA LEU D 36 -38.36 9.07 45.03
C LEU D 36 -39.26 7.85 45.16
N ALA D 37 -39.14 7.15 46.28
CA ALA D 37 -39.91 5.94 46.54
C ALA D 37 -40.66 6.06 47.85
N TRP D 38 -41.69 5.24 47.99
CA TRP D 38 -42.50 5.15 49.20
C TRP D 38 -42.50 3.73 49.71
N TYR D 39 -42.21 3.57 51.00
CA TYR D 39 -42.21 2.30 51.70
C TYR D 39 -43.21 2.33 52.84
N GLN D 40 -43.85 1.18 53.07
CA GLN D 40 -44.78 0.99 54.16
C GLN D 40 -44.18 -0.01 55.14
N GLN D 41 -44.30 0.28 56.44
CA GLN D 41 -43.85 -0.65 57.48
C GLN D 41 -44.99 -0.81 58.49
N LYS D 42 -45.55 -2.03 58.53
CA LYS D 42 -46.56 -2.43 59.50
C LYS D 42 -45.90 -2.88 60.81
N PRO D 43 -46.63 -2.86 61.91
CA PRO D 43 -46.04 -3.31 63.18
C PRO D 43 -45.54 -4.74 63.07
N GLY D 44 -44.25 -4.92 63.38
CA GLY D 44 -43.64 -6.24 63.41
C GLY D 44 -43.15 -6.81 62.10
N GLN D 45 -42.93 -5.98 61.09
CA GLN D 45 -42.44 -6.46 59.81
C GLN D 45 -41.37 -5.54 59.27
N ALA D 46 -40.66 -6.05 58.25
CA ALA D 46 -39.71 -5.25 57.52
C ALA D 46 -40.45 -4.32 56.57
N PRO D 47 -39.84 -3.20 56.18
CA PRO D 47 -40.52 -2.28 55.26
C PRO D 47 -40.89 -2.97 53.96
N ARG D 48 -41.86 -2.37 53.27
CA ARG D 48 -42.44 -2.92 52.06
C ARG D 48 -42.53 -1.81 51.02
N LEU D 49 -41.95 -2.05 49.85
CA LEU D 49 -41.95 -1.05 48.78
C LEU D 49 -43.35 -0.84 48.24
N LEU D 50 -43.83 0.39 48.32
CA LEU D 50 -45.14 0.76 47.80
C LEU D 50 -45.03 1.41 46.42
N ILE D 51 -44.28 2.50 46.32
CA ILE D 51 -44.20 3.27 45.10
C ILE D 51 -42.74 3.46 44.74
N TYR D 52 -42.42 3.38 43.45
CA TYR D 52 -41.09 3.68 42.98
C TYR D 52 -41.17 4.66 41.82
N ASP D 53 -40.14 5.50 41.69
CA ASP D 53 -40.08 6.55 40.69
C ASP D 53 -41.31 7.45 40.75
N ALA D 54 -41.62 7.90 41.97
CA ALA D 54 -42.66 8.89 42.26
C ALA D 54 -44.08 8.36 42.09
N SER D 55 -44.40 7.76 40.94
CA SER D 55 -45.78 7.44 40.62
C SER D 55 -46.06 5.98 40.23
N ASN D 56 -45.04 5.13 40.11
CA ASN D 56 -45.26 3.75 39.69
C ASN D 56 -45.56 2.89 40.91
N ARG D 57 -46.58 2.07 40.80
CA ARG D 57 -47.00 1.21 41.90
C ARG D 57 -46.29 -0.13 41.80
N ALA D 58 -45.74 -0.59 42.92
CA ALA D 58 -45.00 -1.84 42.92
C ALA D 58 -45.95 -3.03 42.74
N THR D 59 -45.37 -4.16 42.34
CA THR D 59 -46.17 -5.34 42.06
C THR D 59 -46.76 -5.92 43.34
N GLY D 60 -48.05 -6.24 43.30
CA GLY D 60 -48.77 -6.77 44.44
C GLY D 60 -49.31 -5.74 45.42
N ILE D 61 -49.16 -4.45 45.13
CA ILE D 61 -49.62 -3.39 46.02
C ILE D 61 -51.05 -3.03 45.64
N PRO D 62 -51.97 -2.90 46.60
CA PRO D 62 -53.36 -2.57 46.25
C PRO D 62 -53.46 -1.26 45.50
N ALA D 63 -54.49 -1.15 44.67
CA ALA D 63 -54.66 -0.01 43.77
C ALA D 63 -55.06 1.28 44.48
N ARG D 64 -55.43 1.22 45.76
CA ARG D 64 -55.79 2.43 46.49
C ARG D 64 -54.57 3.30 46.82
N PHE D 65 -53.36 2.75 46.77
CA PHE D 65 -52.14 3.54 46.96
C PHE D 65 -51.72 4.20 45.65
N SER D 66 -51.42 5.49 45.71
CA SER D 66 -50.97 6.21 44.52
C SER D 66 -49.98 7.29 44.92
N GLY D 67 -48.96 7.49 44.09
CA GLY D 67 -47.94 8.49 44.32
C GLY D 67 -47.99 9.56 43.25
N SER D 68 -47.59 10.77 43.63
CA SER D 68 -47.55 11.87 42.68
C SER D 68 -46.52 12.89 43.15
N GLY D 69 -46.22 13.83 42.28
CA GLY D 69 -45.28 14.89 42.58
C GLY D 69 -43.98 14.73 41.82
N SER D 70 -43.17 15.77 41.91
CA SER D 70 -41.86 15.78 41.27
C SER D 70 -41.00 16.83 41.96
N GLY D 71 -39.73 16.84 41.57
CA GLY D 71 -38.79 17.83 42.06
C GLY D 71 -38.67 17.84 43.57
N THR D 72 -39.33 18.81 44.21
CA THR D 72 -39.26 18.94 45.66
C THR D 72 -40.52 18.51 46.38
N ASP D 73 -41.65 18.33 45.69
CA ASP D 73 -42.92 18.04 46.35
C ASP D 73 -43.47 16.70 45.91
N PHE D 74 -43.75 15.83 46.88
CA PHE D 74 -44.25 14.49 46.61
C PHE D 74 -45.39 14.18 47.57
N THR D 75 -46.34 13.38 47.08
CA THR D 75 -47.57 13.08 47.80
C THR D 75 -47.91 11.61 47.62
N LEU D 76 -48.33 10.97 48.71
CA LEU D 76 -48.85 9.60 48.70
C LEU D 76 -50.29 9.65 49.14
N THR D 77 -51.18 9.15 48.29
CA THR D 77 -52.62 9.19 48.52
C THR D 77 -53.13 7.77 48.71
N ILE D 78 -53.86 7.55 49.80
CA ILE D 78 -54.61 6.31 50.02
C ILE D 78 -56.07 6.70 49.96
N SER D 79 -56.74 6.32 48.87
CA SER D 79 -58.08 6.84 48.60
C SER D 79 -59.09 6.43 49.65
N SER D 80 -58.95 5.23 50.21
CA SER D 80 -59.89 4.74 51.22
C SER D 80 -59.14 3.80 52.14
N LEU D 81 -58.92 4.23 53.38
CA LEU D 81 -58.11 3.45 54.32
C LEU D 81 -58.79 2.15 54.71
N GLU D 82 -58.04 1.07 54.66
CA GLU D 82 -58.42 -0.23 55.19
C GLU D 82 -57.65 -0.46 56.49
N PRO D 83 -58.13 -1.38 57.36
CA PRO D 83 -57.40 -1.63 58.60
C PRO D 83 -55.94 -2.02 58.41
N GLU D 84 -55.61 -2.74 57.33
CA GLU D 84 -54.22 -3.04 57.01
C GLU D 84 -53.39 -1.77 56.86
N ASP D 85 -53.99 -0.71 56.31
CA ASP D 85 -53.22 0.44 55.87
C ASP D 85 -52.72 1.30 57.03
N PHE D 86 -53.08 0.98 58.27
CA PHE D 86 -52.61 1.75 59.42
C PHE D 86 -51.20 1.25 59.75
N ALA D 87 -50.22 2.05 59.38
CA ALA D 87 -48.81 1.68 59.48
C ALA D 87 -47.98 2.94 59.43
N VAL D 88 -46.67 2.81 59.29
CA VAL D 88 -45.78 3.95 59.16
C VAL D 88 -45.27 3.99 57.72
N TYR D 89 -45.28 5.19 57.14
CA TYR D 89 -44.91 5.37 55.75
C TYR D 89 -43.68 6.25 55.65
N TYR D 90 -42.66 5.79 54.92
CA TYR D 90 -41.42 6.53 54.73
C TYR D 90 -41.21 6.83 53.26
N CYS D 91 -40.72 8.03 52.96
CA CYS D 91 -40.25 8.32 51.62
C CYS D 91 -38.72 8.24 51.59
N GLN D 92 -38.20 7.84 50.43
CA GLN D 92 -36.76 7.72 50.22
C GLN D 92 -36.41 8.45 48.94
N GLN D 93 -35.52 9.44 49.03
CA GLN D 93 -34.95 10.04 47.84
C GLN D 93 -33.73 9.22 47.44
N ARG D 94 -33.60 8.96 46.15
CA ARG D 94 -32.62 8.00 45.66
C ARG D 94 -31.53 8.67 44.84
N SER D 95 -31.14 9.86 45.24
CA SER D 95 -30.00 10.54 44.65
C SER D 95 -28.75 10.18 45.46
N ASN D 96 -27.66 10.91 45.23
CA ASN D 96 -26.37 10.59 45.83
C ASN D 96 -25.94 11.55 46.93
N TRP D 97 -26.68 12.62 47.19
CA TRP D 97 -26.21 13.62 48.15
C TRP D 97 -27.22 13.96 49.24
N PRO D 98 -27.23 13.18 50.33
CA PRO D 98 -26.51 11.92 50.54
C PRO D 98 -27.30 10.75 49.96
N PRO D 99 -26.67 9.59 49.79
CA PRO D 99 -27.32 8.49 49.08
C PRO D 99 -28.46 7.86 49.86
N PHE D 100 -29.58 7.62 49.18
CA PHE D 100 -30.63 6.70 49.62
C PHE D 100 -31.23 7.09 50.96
N THR D 101 -31.36 8.39 51.21
CA THR D 101 -31.86 8.87 52.49
C THR D 101 -33.37 8.62 52.65
N PHE D 102 -33.75 8.13 53.83
CA PHE D 102 -35.15 7.96 54.21
C PHE D 102 -35.68 9.20 54.91
N GLY D 103 -36.99 9.43 54.76
CA GLY D 103 -37.64 10.51 55.46
C GLY D 103 -37.93 10.16 56.89
N PRO D 104 -38.40 11.15 57.66
CA PRO D 104 -38.67 10.92 59.08
C PRO D 104 -39.82 9.95 59.35
N GLY D 105 -40.69 9.73 58.39
CA GLY D 105 -41.81 8.82 58.55
C GLY D 105 -43.08 9.50 59.01
N THR D 106 -44.21 8.95 58.56
CA THR D 106 -45.53 9.43 58.93
C THR D 106 -46.34 8.26 59.46
N LYS D 107 -46.83 8.37 60.69
CA LYS D 107 -47.66 7.34 61.28
C LYS D 107 -49.12 7.63 60.98
N VAL D 108 -49.81 6.66 60.37
CA VAL D 108 -51.24 6.75 60.15
C VAL D 108 -51.91 5.77 61.12
N ASP D 109 -52.69 6.31 62.04
CA ASP D 109 -53.37 5.54 63.08
C ASP D 109 -54.86 5.90 63.06
N ILE D 110 -55.62 5.25 63.94
CA ILE D 110 -57.07 5.47 63.98
C ILE D 110 -57.42 6.70 64.81
N LYS D 111 -56.89 6.80 66.02
CA LYS D 111 -57.18 7.93 66.90
C LYS D 111 -55.98 8.28 67.77
N GLU E 4 -45.31 13.36 -4.62
CA GLU E 4 -44.10 13.59 -5.41
C GLU E 4 -43.77 12.44 -6.36
N ILE E 5 -44.02 11.21 -5.92
CA ILE E 5 -43.71 10.03 -6.72
C ILE E 5 -44.99 9.49 -7.34
N VAL E 6 -44.92 9.16 -8.63
CA VAL E 6 -46.04 8.64 -9.40
C VAL E 6 -45.70 7.23 -9.84
N LEU E 7 -46.60 6.29 -9.59
CA LEU E 7 -46.43 4.90 -9.95
C LEU E 7 -47.24 4.60 -11.20
N THR E 8 -46.60 3.99 -12.18
CA THR E 8 -47.26 3.50 -13.37
C THR E 8 -47.21 1.98 -13.39
N GLN E 9 -48.24 1.36 -13.96
CA GLN E 9 -48.32 -0.10 -13.98
C GLN E 9 -48.76 -0.55 -15.36
N SER E 10 -47.92 -1.33 -16.03
CA SER E 10 -48.22 -1.78 -17.39
C SER E 10 -48.07 -3.28 -17.53
N PRO E 11 -49.02 -3.93 -18.23
CA PRO E 11 -50.17 -3.29 -18.87
C PRO E 11 -51.38 -3.19 -17.93
N ALA E 12 -52.41 -2.46 -18.36
CA ALA E 12 -53.63 -2.35 -17.55
C ALA E 12 -54.36 -3.69 -17.48
N THR E 13 -54.47 -4.39 -18.60
CA THR E 13 -55.15 -5.66 -18.68
C THR E 13 -54.25 -6.68 -19.36
N LEU E 14 -54.15 -7.88 -18.79
CA LEU E 14 -53.36 -8.97 -19.34
C LEU E 14 -54.24 -10.20 -19.49
N SER E 15 -54.42 -10.66 -20.73
CA SER E 15 -55.26 -11.83 -21.03
C SER E 15 -54.36 -12.93 -21.59
N LEU E 16 -54.20 -14.01 -20.82
CA LEU E 16 -53.34 -15.11 -21.21
C LEU E 16 -54.04 -16.44 -20.91
N SER E 17 -53.45 -17.51 -21.41
CA SER E 17 -53.87 -18.88 -21.20
C SER E 17 -53.04 -19.54 -20.11
N PRO E 18 -53.60 -20.54 -19.43
CA PRO E 18 -52.81 -21.26 -18.41
C PRO E 18 -51.56 -21.89 -19.00
N GLY E 19 -50.43 -21.67 -18.33
CA GLY E 19 -49.15 -22.19 -18.75
C GLY E 19 -48.22 -21.13 -19.30
N GLU E 20 -48.74 -19.98 -19.71
CA GLU E 20 -47.93 -18.93 -20.30
C GLU E 20 -47.28 -18.07 -19.20
N ARG E 21 -46.20 -17.40 -19.57
CA ARG E 21 -45.46 -16.56 -18.64
C ARG E 21 -45.99 -15.14 -18.67
N ALA E 22 -46.32 -14.60 -17.49
CA ALA E 22 -46.83 -13.24 -17.36
C ALA E 22 -45.71 -12.33 -16.86
N THR E 23 -45.56 -11.18 -17.50
CA THR E 23 -44.56 -10.18 -17.13
C THR E 23 -45.25 -8.86 -16.87
N LEU E 24 -45.27 -8.45 -15.60
CA LEU E 24 -45.91 -7.23 -15.15
C LEU E 24 -44.88 -6.17 -14.79
N SER E 25 -45.16 -4.92 -15.14
CA SER E 25 -44.22 -3.82 -14.97
C SER E 25 -44.77 -2.77 -14.03
N CYS E 26 -43.89 -2.29 -13.14
CA CYS E 26 -44.19 -1.22 -12.19
C CYS E 26 -43.04 -0.23 -12.26
N ARG E 27 -43.37 1.04 -12.53
CA ARG E 27 -42.37 2.09 -12.69
C ARG E 27 -42.63 3.22 -11.72
N ALA E 28 -41.55 3.82 -11.21
CA ALA E 28 -41.64 4.93 -10.28
C ALA E 28 -40.98 6.16 -10.87
N SER E 29 -41.61 7.32 -10.68
CA SER E 29 -41.07 8.56 -11.26
C SER E 29 -39.72 8.92 -10.65
N GLN E 30 -39.46 8.49 -9.42
CA GLN E 30 -38.17 8.72 -8.78
C GLN E 30 -37.74 7.44 -8.07
N SER E 31 -36.45 7.37 -7.76
CA SER E 31 -35.88 6.15 -7.21
C SER E 31 -36.40 5.88 -5.80
N VAL E 32 -36.75 4.62 -5.55
CA VAL E 32 -37.13 4.13 -4.23
C VAL E 32 -36.18 3.05 -3.74
N TYR E 33 -34.99 2.97 -4.32
CA TYR E 33 -34.00 1.94 -3.99
C TYR E 33 -34.71 0.61 -4.20
N SER E 34 -34.81 -0.26 -3.21
CA SER E 34 -35.52 -1.53 -3.35
C SER E 34 -36.70 -1.63 -2.40
N TYR E 35 -37.22 -0.50 -1.93
CA TYR E 35 -38.36 -0.50 -1.00
C TYR E 35 -39.67 -0.58 -1.79
N LEU E 36 -39.91 -1.76 -2.36
CA LEU E 36 -41.08 -1.99 -3.20
C LEU E 36 -41.65 -3.37 -2.95
N ALA E 37 -42.98 -3.46 -2.92
CA ALA E 37 -43.68 -4.72 -2.68
C ALA E 37 -44.68 -5.00 -3.80
N TRP E 38 -45.05 -6.28 -3.92
CA TRP E 38 -46.08 -6.75 -4.84
C TRP E 38 -47.16 -7.50 -4.07
N TYR E 39 -48.41 -7.14 -4.30
CA TYR E 39 -49.57 -7.75 -3.67
C TYR E 39 -50.51 -8.34 -4.73
N GLN E 40 -51.13 -9.46 -4.39
CA GLN E 40 -52.13 -10.11 -5.21
C GLN E 40 -53.48 -10.01 -4.53
N GLN E 41 -54.51 -9.69 -5.31
CA GLN E 41 -55.89 -9.67 -4.84
C GLN E 41 -56.76 -10.45 -5.81
N LYS E 42 -57.30 -11.58 -5.35
CA LYS E 42 -58.27 -12.34 -6.10
C LYS E 42 -59.65 -11.74 -5.90
N PRO E 43 -60.58 -11.98 -6.84
CA PRO E 43 -61.92 -11.39 -6.72
C PRO E 43 -62.60 -11.78 -5.42
N GLY E 44 -63.00 -10.76 -4.64
CA GLY E 44 -63.75 -10.99 -3.42
C GLY E 44 -62.92 -11.33 -2.20
N GLN E 45 -61.62 -11.02 -2.20
CA GLN E 45 -60.75 -11.32 -1.09
C GLN E 45 -59.86 -10.11 -0.81
N ALA E 46 -59.24 -10.12 0.37
CA ALA E 46 -58.29 -9.09 0.71
C ALA E 46 -56.97 -9.30 -0.03
N PRO E 47 -56.17 -8.24 -0.19
CA PRO E 47 -54.88 -8.40 -0.85
C PRO E 47 -53.99 -9.39 -0.11
N ARG E 48 -53.00 -9.90 -0.83
CA ARG E 48 -52.10 -10.94 -0.33
C ARG E 48 -50.69 -10.53 -0.70
N LEU E 49 -49.81 -10.44 0.29
CA LEU E 49 -48.43 -10.05 0.05
C LEU E 49 -47.71 -11.12 -0.75
N LEU E 50 -47.20 -10.76 -1.93
CA LEU E 50 -46.44 -11.66 -2.79
C LEU E 50 -44.94 -11.44 -2.66
N ILE E 51 -44.48 -10.21 -2.91
CA ILE E 51 -43.06 -9.88 -2.94
C ILE E 51 -42.81 -8.70 -2.00
N TYR E 52 -41.69 -8.75 -1.27
CA TYR E 52 -41.28 -7.62 -0.45
C TYR E 52 -39.82 -7.30 -0.72
N ASP E 53 -39.49 -6.01 -0.63
CA ASP E 53 -38.14 -5.52 -0.91
C ASP E 53 -37.67 -5.98 -2.28
N ALA E 54 -38.54 -5.76 -3.28
CA ALA E 54 -38.23 -5.94 -4.69
C ALA E 54 -38.09 -7.40 -5.12
N SER E 55 -37.26 -8.17 -4.42
CA SER E 55 -36.86 -9.48 -4.89
C SER E 55 -37.11 -10.63 -3.93
N ASN E 56 -37.52 -10.36 -2.68
CA ASN E 56 -37.70 -11.41 -1.69
C ASN E 56 -39.11 -11.98 -1.75
N ARG E 57 -39.20 -13.31 -1.74
CA ARG E 57 -40.48 -14.00 -1.87
C ARG E 57 -41.08 -14.21 -0.48
N ALA E 58 -42.37 -13.86 -0.34
CA ALA E 58 -43.03 -13.95 0.95
C ALA E 58 -43.23 -15.41 1.35
N THR E 59 -43.46 -15.61 2.65
CA THR E 59 -43.61 -16.96 3.18
C THR E 59 -44.89 -17.60 2.65
N GLY E 60 -44.77 -18.84 2.19
CA GLY E 60 -45.91 -19.55 1.65
C GLY E 60 -46.26 -19.23 0.21
N ILE E 61 -45.45 -18.43 -0.48
CA ILE E 61 -45.72 -18.06 -1.86
C ILE E 61 -45.05 -19.04 -2.81
N PRO E 62 -45.75 -19.56 -3.81
CA PRO E 62 -45.14 -20.53 -4.74
C PRO E 62 -43.95 -19.93 -5.48
N ALA E 63 -43.04 -20.81 -5.89
CA ALA E 63 -41.78 -20.38 -6.50
C ALA E 63 -41.96 -19.82 -7.90
N ARG E 64 -43.13 -19.96 -8.52
CA ARG E 64 -43.33 -19.42 -9.86
C ARG E 64 -43.40 -17.90 -9.88
N PHE E 65 -43.72 -17.27 -8.75
CA PHE E 65 -43.70 -15.83 -8.65
C PHE E 65 -42.28 -15.35 -8.38
N SER E 66 -41.83 -14.34 -9.11
CA SER E 66 -40.49 -13.81 -8.89
C SER E 66 -40.50 -12.31 -9.15
N GLY E 67 -39.75 -11.57 -8.33
CA GLY E 67 -39.65 -10.14 -8.46
C GLY E 67 -38.22 -9.72 -8.79
N SER E 68 -38.10 -8.62 -9.51
CA SER E 68 -36.79 -8.11 -9.89
C SER E 68 -36.88 -6.61 -10.12
N GLY E 69 -35.73 -5.98 -10.24
CA GLY E 69 -35.64 -4.55 -10.51
C GLY E 69 -35.11 -3.78 -9.32
N SER E 70 -34.82 -2.51 -9.60
CA SER E 70 -34.31 -1.59 -8.59
C SER E 70 -34.57 -0.17 -9.06
N GLY E 71 -34.28 0.79 -8.18
CA GLY E 71 -34.41 2.20 -8.50
C GLY E 71 -35.80 2.61 -8.94
N THR E 72 -35.98 2.76 -10.25
CA THR E 72 -37.26 3.17 -10.82
C THR E 72 -38.01 2.05 -11.53
N ASP E 73 -37.35 0.92 -11.84
CA ASP E 73 -37.95 -0.11 -12.67
C ASP E 73 -38.09 -1.40 -11.89
N PHE E 74 -39.30 -1.94 -11.85
CA PHE E 74 -39.59 -3.18 -11.13
C PHE E 74 -40.48 -4.07 -11.99
N THR E 75 -40.28 -5.37 -11.85
CA THR E 75 -40.94 -6.36 -12.68
C THR E 75 -41.36 -7.56 -11.83
N LEU E 76 -42.59 -8.04 -12.06
CA LEU E 76 -43.11 -9.24 -11.43
C LEU E 76 -43.41 -10.28 -12.51
N THR E 77 -42.78 -11.44 -12.41
CA THR E 77 -42.92 -12.52 -13.40
C THR E 77 -43.60 -13.72 -12.78
N ILE E 78 -44.64 -14.22 -13.46
CA ILE E 78 -45.28 -15.48 -13.12
C ILE E 78 -44.95 -16.48 -14.22
N SER E 79 -44.06 -17.44 -13.91
CA SER E 79 -43.49 -18.31 -14.93
C SER E 79 -44.53 -19.24 -15.55
N SER E 80 -45.53 -19.66 -14.79
CA SER E 80 -46.54 -20.59 -15.30
C SER E 80 -47.87 -20.30 -14.62
N LEU E 81 -48.82 -19.77 -15.38
CA LEU E 81 -50.11 -19.39 -14.82
C LEU E 81 -50.91 -20.62 -14.39
N GLU E 82 -51.50 -20.54 -13.22
CA GLU E 82 -52.46 -21.51 -12.72
C GLU E 82 -53.87 -20.93 -12.81
N PRO E 83 -54.90 -21.77 -12.82
CA PRO E 83 -56.28 -21.25 -12.85
C PRO E 83 -56.62 -20.32 -11.70
N GLU E 84 -55.85 -20.36 -10.61
CA GLU E 84 -56.09 -19.50 -9.46
C GLU E 84 -55.33 -18.18 -9.52
N ASP E 85 -54.28 -18.10 -10.34
CA ASP E 85 -53.45 -16.90 -10.42
C ASP E 85 -54.12 -15.75 -11.14
N PHE E 86 -55.31 -15.96 -11.69
CA PHE E 86 -56.01 -14.92 -12.43
C PHE E 86 -56.67 -13.98 -11.42
N ALA E 87 -56.07 -12.81 -11.24
CA ALA E 87 -56.45 -11.85 -10.21
C ALA E 87 -55.90 -10.48 -10.60
N VAL E 88 -55.95 -9.53 -9.68
CA VAL E 88 -55.40 -8.20 -9.88
C VAL E 88 -54.14 -8.07 -9.06
N TYR E 89 -53.08 -7.52 -9.66
CA TYR E 89 -51.78 -7.40 -9.01
C TYR E 89 -51.41 -5.93 -8.88
N TYR E 90 -51.04 -5.53 -7.67
CA TYR E 90 -50.68 -4.15 -7.35
C TYR E 90 -49.25 -4.10 -6.84
N CYS E 91 -48.51 -3.06 -7.22
CA CYS E 91 -47.23 -2.78 -6.57
C CYS E 91 -47.39 -1.61 -5.60
N GLN E 92 -46.58 -1.63 -4.55
CA GLN E 92 -46.61 -0.61 -3.50
C GLN E 92 -45.20 -0.08 -3.28
N GLN E 93 -45.01 1.22 -3.47
CA GLN E 93 -43.77 1.87 -3.08
C GLN E 93 -43.85 2.27 -1.62
N ARG E 94 -42.76 2.02 -0.89
CA ARG E 94 -42.76 2.16 0.56
C ARG E 94 -41.83 3.28 1.03
N SER E 95 -41.80 4.37 0.29
CA SER E 95 -41.09 5.56 0.71
C SER E 95 -42.07 6.46 1.48
N ASN E 96 -41.70 7.72 1.69
CA ASN E 96 -42.51 8.63 2.49
C ASN E 96 -43.18 9.73 1.67
N TRP E 97 -42.87 9.85 0.38
CA TRP E 97 -43.40 10.98 -0.39
C TRP E 97 -44.06 10.60 -1.72
N PRO E 98 -45.37 10.26 -1.69
CA PRO E 98 -46.20 10.07 -0.50
C PRO E 98 -46.05 8.66 0.07
N PRO E 99 -46.45 8.45 1.31
CA PRO E 99 -46.18 7.17 1.98
C PRO E 99 -47.05 6.03 1.46
N PHE E 100 -46.40 4.89 1.19
CA PHE E 100 -47.07 3.59 1.00
C PHE E 100 -48.07 3.60 -0.16
N THR E 101 -47.72 4.29 -1.25
CA THR E 101 -48.63 4.41 -2.37
C THR E 101 -48.71 3.11 -3.17
N PHE E 102 -49.94 2.72 -3.53
CA PHE E 102 -50.20 1.58 -4.40
C PHE E 102 -50.27 2.02 -5.86
N GLY E 103 -49.88 1.12 -6.74
CA GLY E 103 -49.97 1.37 -8.16
C GLY E 103 -51.38 1.19 -8.69
N PRO E 104 -51.56 1.52 -9.96
CA PRO E 104 -52.90 1.41 -10.57
C PRO E 104 -53.41 -0.01 -10.68
N GLY E 105 -52.53 -1.00 -10.65
CA GLY E 105 -52.99 -2.38 -10.73
C GLY E 105 -52.97 -2.92 -12.15
N THR E 106 -52.78 -4.23 -12.25
CA THR E 106 -52.83 -4.94 -13.53
C THR E 106 -53.81 -6.09 -13.39
N LYS E 107 -54.75 -6.18 -14.34
CA LYS E 107 -55.80 -7.19 -14.31
C LYS E 107 -55.40 -8.37 -15.19
N VAL E 108 -55.48 -9.58 -14.65
CA VAL E 108 -55.04 -10.79 -15.34
C VAL E 108 -56.23 -11.73 -15.50
N ASP E 109 -56.59 -12.05 -16.74
CA ASP E 109 -57.73 -12.90 -17.04
C ASP E 109 -57.32 -14.04 -17.96
N ILE E 110 -58.26 -14.98 -18.17
CA ILE E 110 -58.02 -16.15 -19.01
C ILE E 110 -58.35 -15.84 -20.47
N LYS E 111 -57.97 -16.75 -21.38
CA LYS E 111 -58.24 -16.63 -22.84
C LYS E 111 -57.48 -15.47 -23.50
N GLU F 4 7.19 -12.39 12.58
CA GLU F 4 7.53 -11.21 13.36
C GLU F 4 7.66 -11.52 14.85
N ILE F 5 6.80 -12.42 15.36
CA ILE F 5 6.81 -12.81 16.77
C ILE F 5 7.44 -14.19 16.88
N VAL F 6 8.38 -14.34 17.81
CA VAL F 6 9.07 -15.60 18.03
C VAL F 6 8.73 -16.11 19.42
N LEU F 7 8.35 -17.38 19.50
CA LEU F 7 7.99 -18.02 20.75
C LEU F 7 9.12 -18.92 21.23
N THR F 8 9.53 -18.72 22.48
CA THR F 8 10.49 -19.57 23.18
C THR F 8 9.79 -20.28 24.33
N GLN F 9 10.25 -21.50 24.63
CA GLN F 9 9.65 -22.31 25.69
C GLN F 9 10.76 -22.97 26.48
N SER F 10 10.81 -22.69 27.78
CA SER F 10 11.88 -23.23 28.64
C SER F 10 11.32 -23.92 29.87
N PRO F 11 11.87 -25.09 30.21
CA PRO F 11 12.96 -25.71 29.47
C PRO F 11 12.44 -26.60 28.34
N ALA F 12 13.33 -27.07 27.47
CA ALA F 12 12.89 -27.94 26.39
C ALA F 12 12.38 -29.27 26.93
N THR F 13 13.09 -29.85 27.89
CA THR F 13 12.69 -31.10 28.53
C THR F 13 12.76 -30.91 30.04
N LEU F 14 11.72 -31.35 30.74
CA LEU F 14 11.65 -31.29 32.19
C LEU F 14 11.39 -32.69 32.71
N SER F 15 12.33 -33.22 33.50
CA SER F 15 12.24 -34.57 34.05
C SER F 15 12.04 -34.46 35.55
N LEU F 16 10.86 -34.83 36.03
CA LEU F 16 10.50 -34.73 37.43
C LEU F 16 9.77 -36.00 37.86
N SER F 17 9.59 -36.13 39.20
CA SER F 17 8.85 -37.22 39.84
C SER F 17 7.42 -36.77 40.15
N PRO F 18 6.48 -37.71 40.19
CA PRO F 18 5.11 -37.35 40.55
C PRO F 18 5.05 -36.70 41.93
N GLY F 19 4.35 -35.57 42.02
CA GLY F 19 4.21 -34.81 43.24
C GLY F 19 4.98 -33.51 43.28
N GLU F 20 6.00 -33.35 42.42
CA GLU F 20 6.79 -32.14 42.42
C GLU F 20 6.11 -31.05 41.59
N ARG F 21 6.50 -29.80 41.85
CA ARG F 21 5.94 -28.65 41.15
C ARG F 21 6.60 -28.49 39.79
N ALA F 22 5.79 -28.39 38.74
CA ALA F 22 6.27 -28.17 37.39
C ALA F 22 6.08 -26.71 37.02
N THR F 23 7.13 -26.09 36.49
CA THR F 23 7.10 -24.69 36.08
C THR F 23 7.53 -24.59 34.64
N LEU F 24 6.58 -24.29 33.75
CA LEU F 24 6.86 -24.16 32.32
C LEU F 24 6.84 -22.69 31.95
N SER F 25 7.77 -22.29 31.10
CA SER F 25 7.95 -20.89 30.73
C SER F 25 7.76 -20.71 29.24
N CYS F 26 7.05 -19.64 28.87
CA CYS F 26 6.80 -19.27 27.48
C CYS F 26 7.09 -17.79 27.33
N ARG F 27 8.01 -17.45 26.43
CA ARG F 27 8.41 -16.07 26.21
C ARG F 27 8.19 -15.69 24.75
N ALA F 28 7.79 -14.43 24.53
CA ALA F 28 7.53 -13.92 23.20
C ALA F 28 8.50 -12.77 22.91
N SER F 29 8.98 -12.71 21.68
CA SER F 29 9.95 -11.68 21.30
C SER F 29 9.36 -10.28 21.44
N GLN F 30 8.05 -10.14 21.29
CA GLN F 30 7.37 -8.86 21.48
C GLN F 30 6.11 -9.09 22.30
N SER F 31 5.58 -8.00 22.86
CA SER F 31 4.44 -8.11 23.77
C SER F 31 3.19 -8.58 23.02
N VAL F 32 2.51 -9.57 23.59
CA VAL F 32 1.29 -10.11 23.03
C VAL F 32 0.10 -9.91 23.99
N TYR F 33 0.23 -8.96 24.93
CA TYR F 33 -0.78 -8.65 25.94
C TYR F 33 -1.08 -9.93 26.72
N SER F 34 -2.34 -10.39 26.79
CA SER F 34 -2.67 -11.63 27.46
C SER F 34 -3.31 -12.64 26.51
N TYR F 35 -3.11 -12.47 25.20
CA TYR F 35 -3.69 -13.37 24.21
C TYR F 35 -2.75 -14.56 23.99
N LEU F 36 -2.71 -15.41 25.01
CA LEU F 36 -1.86 -16.57 25.02
C LEU F 36 -2.60 -17.74 25.63
N ALA F 37 -2.46 -18.91 25.04
CA ALA F 37 -3.13 -20.12 25.48
C ALA F 37 -2.12 -21.23 25.75
N TRP F 38 -2.53 -22.21 26.53
CA TRP F 38 -1.75 -23.39 26.83
C TRP F 38 -2.55 -24.62 26.45
N TYR F 39 -1.93 -25.50 25.66
CA TYR F 39 -2.53 -26.74 25.20
C TYR F 39 -1.70 -27.93 25.65
N GLN F 40 -2.40 -29.03 25.94
CA GLN F 40 -1.79 -30.29 26.31
C GLN F 40 -2.02 -31.29 25.19
N GLN F 41 -0.98 -32.04 24.84
CA GLN F 41 -1.07 -33.12 23.87
C GLN F 41 -0.44 -34.37 24.50
N LYS F 42 -1.27 -35.37 24.76
CA LYS F 42 -0.79 -36.67 25.18
C LYS F 42 -0.39 -37.48 23.95
N PRO F 43 0.50 -38.47 24.12
CA PRO F 43 0.92 -39.28 22.97
C PRO F 43 -0.27 -39.96 22.31
N GLY F 44 -0.41 -39.75 21.00
CA GLY F 44 -1.43 -40.42 20.23
C GLY F 44 -2.81 -39.79 20.29
N GLN F 45 -2.92 -38.53 20.69
CA GLN F 45 -4.21 -37.87 20.81
C GLN F 45 -4.12 -36.48 20.21
N ALA F 46 -5.30 -35.89 19.99
CA ALA F 46 -5.39 -34.53 19.52
C ALA F 46 -5.06 -33.56 20.66
N PRO F 47 -4.68 -32.32 20.34
CA PRO F 47 -4.39 -31.35 21.39
C PRO F 47 -5.62 -31.08 22.26
N ARG F 48 -5.36 -30.60 23.46
CA ARG F 48 -6.40 -30.36 24.46
C ARG F 48 -6.15 -29.01 25.10
N LEU F 49 -7.16 -28.15 25.07
CA LEU F 49 -7.04 -26.80 25.62
C LEU F 49 -6.95 -26.84 27.15
N LEU F 50 -5.85 -26.30 27.68
CA LEU F 50 -5.65 -26.20 29.12
C LEU F 50 -5.99 -24.81 29.67
N ILE F 51 -5.32 -23.78 29.16
CA ILE F 51 -5.47 -22.42 29.66
C ILE F 51 -5.78 -21.51 28.47
N TYR F 52 -6.65 -20.54 28.69
CA TYR F 52 -6.92 -19.54 27.67
C TYR F 52 -6.82 -18.15 28.28
N ASP F 53 -6.37 -17.20 27.48
CA ASP F 53 -6.16 -15.82 27.92
C ASP F 53 -5.26 -15.76 29.15
N ALA F 54 -4.11 -16.44 29.04
CA ALA F 54 -3.01 -16.38 30.01
C ALA F 54 -3.30 -17.09 31.33
N SER F 55 -4.41 -16.76 31.99
CA SER F 55 -4.63 -17.21 33.35
C SER F 55 -5.93 -17.97 33.59
N ASN F 56 -6.82 -18.04 32.60
CA ASN F 56 -8.11 -18.69 32.79
C ASN F 56 -8.01 -20.19 32.48
N ARG F 57 -8.58 -20.99 33.36
CA ARG F 57 -8.53 -22.45 33.24
C ARG F 57 -9.73 -22.94 32.43
N ALA F 58 -9.47 -23.82 31.47
CA ALA F 58 -10.53 -24.33 30.61
C ALA F 58 -11.48 -25.22 31.40
N THR F 59 -12.66 -25.45 30.83
CA THR F 59 -13.69 -26.24 31.48
C THR F 59 -13.26 -27.70 31.58
N GLY F 60 -13.44 -28.28 32.77
CA GLY F 60 -13.08 -29.68 32.99
C GLY F 60 -11.63 -29.93 33.29
N ILE F 61 -10.81 -28.89 33.45
CA ILE F 61 -9.39 -29.04 33.71
C ILE F 61 -9.12 -29.09 35.22
N PRO F 62 -8.31 -30.03 35.69
CA PRO F 62 -8.03 -30.13 37.13
C PRO F 62 -7.41 -28.86 37.68
N ALA F 63 -7.60 -28.67 38.99
CA ALA F 63 -7.17 -27.44 39.65
C ALA F 63 -5.66 -27.32 39.82
N ARG F 64 -4.90 -28.39 39.57
CA ARG F 64 -3.44 -28.30 39.71
C ARG F 64 -2.81 -27.47 38.60
N PHE F 65 -3.46 -27.34 37.46
CA PHE F 65 -2.95 -26.52 36.38
C PHE F 65 -3.31 -25.06 36.62
N SER F 66 -2.34 -24.16 36.47
CA SER F 66 -2.61 -22.75 36.62
C SER F 66 -1.73 -21.96 35.66
N GLY F 67 -2.29 -20.90 35.09
CA GLY F 67 -1.57 -20.05 34.17
C GLY F 67 -1.41 -18.66 34.74
N SER F 68 -0.31 -18.01 34.39
CA SER F 68 -0.05 -16.65 34.85
C SER F 68 0.90 -15.99 33.85
N GLY F 69 1.04 -14.67 34.01
CA GLY F 69 1.94 -13.89 33.19
C GLY F 69 1.19 -13.01 32.21
N SER F 70 1.95 -12.11 31.59
CA SER F 70 1.39 -11.18 30.61
C SER F 70 2.52 -10.70 29.70
N GLY F 71 2.13 -9.95 28.68
CA GLY F 71 3.08 -9.34 27.76
C GLY F 71 4.01 -10.33 27.09
N THR F 72 5.24 -10.42 27.58
CA THR F 72 6.23 -11.31 27.01
C THR F 72 6.51 -12.54 27.86
N ASP F 73 6.09 -12.56 29.13
CA ASP F 73 6.47 -13.64 30.05
C ASP F 73 5.24 -14.38 30.54
N PHE F 74 5.22 -15.70 30.36
CA PHE F 74 4.10 -16.52 30.78
C PHE F 74 4.60 -17.78 31.46
N THR F 75 3.84 -18.26 32.43
CA THR F 75 4.21 -19.40 33.25
C THR F 75 3.00 -20.29 33.47
N LEU F 76 3.21 -21.60 33.31
CA LEU F 76 2.21 -22.62 33.61
C LEU F 76 2.74 -23.46 34.75
N THR F 77 2.00 -23.51 35.86
CA THR F 77 2.43 -24.20 37.07
C THR F 77 1.51 -25.39 37.34
N ILE F 78 2.13 -26.54 37.58
CA ILE F 78 1.44 -27.74 38.06
C ILE F 78 1.91 -27.97 39.49
N SER F 79 1.01 -27.71 40.44
CA SER F 79 1.42 -27.72 41.85
C SER F 79 1.86 -29.11 42.29
N SER F 80 1.28 -30.15 41.70
CA SER F 80 1.63 -31.52 42.06
C SER F 80 1.43 -32.40 40.83
N LEU F 81 2.52 -32.92 40.28
CA LEU F 81 2.45 -33.71 39.07
C LEU F 81 1.74 -35.03 39.32
N GLU F 82 0.82 -35.38 38.44
CA GLU F 82 0.16 -36.68 38.44
C GLU F 82 0.70 -37.51 37.28
N PRO F 83 0.56 -38.85 37.34
CA PRO F 83 1.03 -39.68 36.22
C PRO F 83 0.37 -39.33 34.89
N GLU F 84 -0.90 -38.89 34.90
CA GLU F 84 -1.59 -38.53 33.68
C GLU F 84 -1.02 -37.27 33.02
N ASP F 85 -0.31 -36.44 33.77
CA ASP F 85 0.16 -35.15 33.29
C ASP F 85 1.43 -35.24 32.45
N PHE F 86 2.04 -36.40 32.29
CA PHE F 86 3.27 -36.52 31.51
C PHE F 86 2.89 -36.51 30.03
N ALA F 87 3.12 -35.37 29.38
CA ALA F 87 2.72 -35.16 27.99
C ALA F 87 3.51 -33.98 27.46
N VAL F 88 3.12 -33.46 26.29
CA VAL F 88 3.78 -32.32 25.67
C VAL F 88 2.85 -31.10 25.80
N TYR F 89 3.42 -29.96 26.20
CA TYR F 89 2.65 -28.75 26.44
C TYR F 89 3.12 -27.64 25.52
N TYR F 90 2.17 -27.01 24.80
CA TYR F 90 2.47 -25.94 23.86
C TYR F 90 1.80 -24.66 24.29
N CYS F 91 2.49 -23.53 24.13
CA CYS F 91 1.83 -22.23 24.27
C CYS F 91 1.56 -21.67 22.89
N GLN F 92 0.45 -20.94 22.78
CA GLN F 92 0.00 -20.38 21.51
C GLN F 92 -0.27 -18.90 21.70
N GLN F 93 0.45 -18.06 20.96
CA GLN F 93 0.12 -16.64 20.89
C GLN F 93 -0.93 -16.44 19.81
N ARG F 94 -1.94 -15.64 20.12
CA ARG F 94 -3.12 -15.51 19.26
C ARG F 94 -3.21 -14.11 18.67
N SER F 95 -2.07 -13.53 18.32
CA SER F 95 -2.03 -12.27 17.61
C SER F 95 -2.09 -12.53 16.12
N ASN F 96 -1.78 -11.51 15.32
CA ASN F 96 -1.87 -11.60 13.87
C ASN F 96 -0.51 -11.65 13.18
N TRP F 97 0.57 -11.45 13.92
CA TRP F 97 1.90 -11.33 13.29
C TRP F 97 2.97 -12.20 13.92
N PRO F 98 3.09 -13.46 13.46
CA PRO F 98 2.19 -14.12 12.52
C PRO F 98 0.99 -14.74 13.26
N PRO F 99 -0.08 -15.08 12.55
CA PRO F 99 -1.31 -15.50 13.24
C PRO F 99 -1.19 -16.89 13.86
N PHE F 100 -1.62 -16.98 15.13
CA PHE F 100 -1.90 -18.25 15.80
C PHE F 100 -0.68 -19.17 15.87
N THR F 101 0.48 -18.58 16.12
CA THR F 101 1.72 -19.35 16.15
C THR F 101 1.81 -20.20 17.41
N PHE F 102 2.20 -21.46 17.25
CA PHE F 102 2.47 -22.35 18.37
C PHE F 102 3.94 -22.28 18.78
N GLY F 103 4.18 -22.51 20.07
CA GLY F 103 5.53 -22.60 20.57
C GLY F 103 6.16 -23.94 20.25
N PRO F 104 7.45 -24.06 20.57
CA PRO F 104 8.17 -25.31 20.28
C PRO F 104 7.70 -26.50 21.11
N GLY F 105 7.07 -26.27 22.25
CA GLY F 105 6.59 -27.36 23.08
C GLY F 105 7.60 -27.76 24.14
N THR F 106 7.08 -28.23 25.28
CA THR F 106 7.89 -28.73 26.37
C THR F 106 7.39 -30.11 26.77
N LYS F 107 8.27 -31.11 26.71
CA LYS F 107 7.93 -32.47 27.10
C LYS F 107 8.28 -32.70 28.55
N VAL F 108 7.39 -33.40 29.26
CA VAL F 108 7.54 -33.69 30.69
C VAL F 108 7.47 -35.20 30.87
N ASP F 109 8.55 -35.80 31.38
CA ASP F 109 8.67 -37.24 31.58
C ASP F 109 9.08 -37.52 33.02
N ILE F 110 9.21 -38.81 33.34
CA ILE F 110 9.59 -39.28 34.66
C ILE F 110 11.11 -39.23 34.81
N LYS F 111 11.60 -39.32 36.05
CA LYS F 111 13.03 -39.32 36.36
C LYS F 111 13.79 -40.43 35.64
N GLN G 4 -40.45 -18.42 48.31
CA GLN G 4 -39.17 -19.02 47.96
C GLN G 4 -38.09 -17.94 47.79
N VAL G 5 -38.48 -16.79 47.26
CA VAL G 5 -37.58 -15.65 47.13
C VAL G 5 -37.43 -15.02 48.51
N GLN G 6 -36.24 -15.15 49.12
CA GLN G 6 -36.08 -14.61 50.46
C GLN G 6 -34.63 -14.25 50.76
N LEU G 7 -34.48 -13.30 51.67
CA LEU G 7 -33.21 -12.94 52.27
C LEU G 7 -33.29 -13.25 53.76
N VAL G 8 -32.29 -13.95 54.27
CA VAL G 8 -32.29 -14.38 55.67
C VAL G 8 -31.01 -13.88 56.32
N GLU G 9 -31.16 -13.00 57.31
CA GLU G 9 -30.06 -12.35 57.98
C GLU G 9 -29.74 -13.08 59.28
N SER G 10 -28.53 -12.83 59.80
CA SER G 10 -28.12 -13.47 61.04
C SER G 10 -26.85 -12.82 61.57
N GLY G 11 -26.55 -13.12 62.84
CA GLY G 11 -25.31 -12.71 63.49
C GLY G 11 -25.48 -11.69 64.59
N GLY G 12 -26.64 -11.05 64.72
CA GLY G 12 -26.80 -10.02 65.72
C GLY G 12 -26.79 -10.55 67.14
N GLY G 13 -26.76 -9.61 68.08
CA GLY G 13 -26.73 -9.92 69.49
C GLY G 13 -26.23 -8.73 70.27
N VAL G 14 -25.90 -8.99 71.53
CA VAL G 14 -25.40 -7.95 72.42
C VAL G 14 -23.88 -7.95 72.34
N VAL G 15 -23.31 -6.78 72.04
CA VAL G 15 -21.88 -6.63 71.84
C VAL G 15 -21.39 -5.46 72.68
N GLN G 16 -20.17 -5.56 73.19
CA GLN G 16 -19.61 -4.46 73.97
C GLN G 16 -19.21 -3.32 73.04
N PRO G 17 -19.19 -2.08 73.55
CA PRO G 17 -18.75 -0.97 72.70
C PRO G 17 -17.28 -1.11 72.32
N GLY G 18 -16.97 -0.70 71.10
CA GLY G 18 -15.61 -0.78 70.60
C GLY G 18 -15.24 -2.11 69.96
N ARG G 19 -16.08 -3.14 70.13
CA ARG G 19 -15.78 -4.45 69.56
C ARG G 19 -16.26 -4.51 68.12
N SER G 20 -16.19 -5.69 67.51
CA SER G 20 -16.59 -5.89 66.12
C SER G 20 -17.66 -6.97 66.04
N LEU G 21 -18.43 -6.92 64.95
CA LEU G 21 -19.49 -7.87 64.68
C LEU G 21 -19.69 -7.97 63.18
N ARG G 22 -20.01 -9.17 62.71
CA ARG G 22 -20.19 -9.43 61.27
C ARG G 22 -21.59 -9.95 61.04
N LEU G 23 -22.38 -9.21 60.26
CA LEU G 23 -23.74 -9.62 59.93
C LEU G 23 -23.76 -10.30 58.58
N SER G 24 -24.59 -11.33 58.45
CA SER G 24 -24.71 -12.11 57.23
C SER G 24 -26.13 -12.04 56.71
N CYS G 25 -26.26 -12.19 55.39
CA CYS G 25 -27.55 -12.07 54.69
C CYS G 25 -27.50 -13.09 53.55
N ALA G 26 -27.97 -14.30 53.81
CA ALA G 26 -28.00 -15.35 52.81
C ALA G 26 -29.23 -15.18 51.92
N ALA G 27 -29.02 -15.18 50.62
CA ALA G 27 -30.09 -15.02 49.65
C ALA G 27 -30.50 -16.38 49.10
N SER G 28 -31.76 -16.49 48.70
CA SER G 28 -32.19 -17.69 47.99
C SER G 28 -33.43 -17.37 47.17
N GLY G 29 -33.60 -18.12 46.08
CA GLY G 29 -34.78 -18.01 45.24
C GLY G 29 -34.65 -17.08 44.06
N PHE G 30 -33.50 -16.44 43.88
CA PHE G 30 -33.31 -15.53 42.77
C PHE G 30 -31.83 -15.42 42.48
N ILE G 31 -31.50 -14.88 41.30
CA ILE G 31 -30.12 -14.71 40.88
C ILE G 31 -29.49 -13.57 41.68
N PHE G 32 -28.93 -13.91 42.84
CA PHE G 32 -28.35 -12.92 43.75
C PHE G 32 -27.22 -12.13 43.11
N SER G 33 -26.46 -12.77 42.21
CA SER G 33 -25.29 -12.13 41.63
C SER G 33 -25.63 -11.01 40.66
N SER G 34 -26.90 -10.77 40.37
CA SER G 34 -27.30 -9.71 39.45
C SER G 34 -27.84 -8.47 40.13
N TYR G 35 -28.08 -8.54 41.44
CA TYR G 35 -28.69 -7.46 42.17
C TYR G 35 -27.67 -6.70 43.01
N ALA G 36 -27.90 -5.40 43.16
CA ALA G 36 -27.23 -4.62 44.18
C ALA G 36 -27.86 -4.93 45.53
N MET G 37 -27.14 -4.56 46.60
CA MET G 37 -27.60 -4.86 47.94
C MET G 37 -27.43 -3.64 48.85
N HIS G 38 -28.36 -3.49 49.79
CA HIS G 38 -28.36 -2.43 50.80
C HIS G 38 -28.39 -3.04 52.20
N TRP G 39 -27.77 -2.33 53.14
CA TRP G 39 -28.02 -2.49 54.57
C TRP G 39 -28.73 -1.25 55.08
N VAL G 40 -29.84 -1.45 55.81
CA VAL G 40 -30.69 -0.41 56.36
C VAL G 40 -31.01 -0.77 57.80
N ARG G 41 -30.81 0.17 58.73
CA ARG G 41 -31.02 -0.13 60.14
C ARG G 41 -32.16 0.70 60.73
N GLN G 42 -32.65 0.26 61.89
CA GLN G 42 -33.74 0.96 62.55
C GLN G 42 -33.53 0.88 64.06
N ALA G 43 -33.25 2.02 64.68
CA ALA G 43 -33.10 2.08 66.11
C ALA G 43 -34.44 1.83 66.79
N PRO G 44 -34.44 1.33 68.02
CA PRO G 44 -35.70 1.08 68.72
C PRO G 44 -36.53 2.34 68.84
N GLY G 45 -37.75 2.30 68.27
CA GLY G 45 -38.67 3.40 68.32
C GLY G 45 -38.38 4.54 67.36
N ASN G 46 -37.37 4.43 66.51
CA ASN G 46 -36.97 5.46 65.58
C ASN G 46 -37.43 5.10 64.16
N GLY G 47 -37.02 5.88 63.19
CA GLY G 47 -37.32 5.61 61.80
C GLY G 47 -36.26 4.76 61.12
N LEU G 48 -36.33 4.75 59.80
CA LEU G 48 -35.38 3.99 59.00
C LEU G 48 -34.18 4.86 58.69
N GLU G 49 -33.00 4.24 58.71
CA GLU G 49 -31.75 4.90 58.37
C GLU G 49 -30.97 4.00 57.42
N TRP G 50 -30.69 4.50 56.22
CA TRP G 50 -29.90 3.75 55.26
C TRP G 50 -28.45 3.68 55.73
N VAL G 51 -27.82 2.52 55.60
CA VAL G 51 -26.47 2.27 56.12
C VAL G 51 -25.45 2.11 55.00
N ALA G 52 -25.63 1.11 54.14
CA ALA G 52 -24.59 0.84 53.15
C ALA G 52 -25.21 0.29 51.89
N PHE G 53 -24.42 0.30 50.82
CA PHE G 53 -24.86 -0.13 49.50
C PHE G 53 -23.67 -0.65 48.72
N MET G 54 -23.91 -1.67 47.91
CA MET G 54 -22.90 -2.12 46.97
C MET G 54 -23.59 -2.65 45.71
N SER G 55 -22.87 -2.53 44.58
CA SER G 55 -23.38 -2.94 43.29
C SER G 55 -23.20 -4.45 43.11
N TYR G 56 -23.54 -4.95 41.93
CA TYR G 56 -23.62 -6.39 41.73
C TYR G 56 -22.25 -7.06 41.84
N ASP G 57 -21.19 -6.40 41.36
CA ASP G 57 -19.85 -6.96 41.41
C ASP G 57 -18.93 -6.24 42.38
N GLY G 58 -19.48 -5.37 43.22
CA GLY G 58 -18.68 -4.64 44.18
C GLY G 58 -17.95 -3.45 43.63
N SER G 59 -18.23 -3.04 42.38
CA SER G 59 -17.54 -1.89 41.82
C SER G 59 -17.89 -0.60 42.54
N ASN G 60 -19.15 -0.47 42.96
CA ASN G 60 -19.63 0.71 43.67
C ASN G 60 -19.99 0.33 45.10
N LYS G 61 -19.39 1.03 46.07
CA LYS G 61 -19.75 0.90 47.47
C LYS G 61 -20.07 2.29 48.00
N LYS G 62 -21.14 2.38 48.78
CA LYS G 62 -21.58 3.65 49.36
C LYS G 62 -21.91 3.44 50.82
N TYR G 63 -21.60 4.43 51.64
CA TYR G 63 -21.76 4.38 53.07
C TYR G 63 -22.40 5.66 53.59
N ALA G 64 -23.19 5.53 54.65
CA ALA G 64 -23.68 6.70 55.35
C ALA G 64 -22.55 7.30 56.18
N ASP G 65 -22.63 8.62 56.39
CA ASP G 65 -21.55 9.33 57.10
C ASP G 65 -21.37 8.80 58.51
N SER G 66 -22.46 8.39 59.17
CA SER G 66 -22.36 7.91 60.54
C SER G 66 -21.63 6.58 60.64
N VAL G 67 -21.52 5.83 59.54
CA VAL G 67 -20.84 4.55 59.54
C VAL G 67 -19.60 4.54 58.68
N LYS G 68 -19.31 5.61 57.97
CA LYS G 68 -18.13 5.65 57.11
C LYS G 68 -16.86 5.56 57.94
N GLY G 69 -15.97 4.66 57.53
CA GLY G 69 -14.73 4.40 58.24
C GLY G 69 -14.82 3.30 59.29
N ARG G 70 -16.01 2.85 59.64
CA ARG G 70 -16.18 1.78 60.60
C ARG G 70 -16.85 0.55 60.03
N PHE G 71 -17.77 0.71 59.09
CA PHE G 71 -18.47 -0.42 58.50
C PHE G 71 -17.90 -0.72 57.12
N THR G 72 -18.00 -1.99 56.73
CA THR G 72 -17.48 -2.46 55.44
C THR G 72 -18.44 -3.51 54.91
N ILE G 73 -19.13 -3.17 53.82
CA ILE G 73 -20.07 -4.08 53.16
C ILE G 73 -19.29 -4.93 52.18
N SER G 74 -19.65 -6.21 52.08
CA SER G 74 -18.98 -7.11 51.16
C SER G 74 -19.97 -8.16 50.71
N ARG G 75 -19.53 -9.01 49.79
CA ARG G 75 -20.44 -9.95 49.16
C ARG G 75 -19.65 -11.18 48.72
N ASP G 76 -20.31 -12.33 48.74
CA ASP G 76 -19.76 -13.58 48.24
C ASP G 76 -20.83 -14.20 47.33
N ASN G 77 -20.59 -14.16 46.02
CA ASN G 77 -21.58 -14.62 45.07
C ASN G 77 -21.60 -16.12 44.91
N SER G 78 -20.54 -16.82 45.33
CA SER G 78 -20.59 -18.28 45.32
C SER G 78 -21.41 -18.81 46.48
N LYS G 79 -21.39 -18.12 47.62
CA LYS G 79 -22.24 -18.46 48.75
C LYS G 79 -23.58 -17.74 48.72
N ASN G 80 -23.78 -16.82 47.78
CA ASN G 80 -24.99 -16.01 47.70
C ASN G 80 -25.25 -15.30 49.03
N THR G 81 -24.22 -14.64 49.54
CA THR G 81 -24.31 -14.07 50.87
C THR G 81 -23.77 -12.64 50.87
N LEU G 82 -24.41 -11.77 51.63
CA LEU G 82 -23.97 -10.40 51.83
C LEU G 82 -23.46 -10.26 53.26
N TYR G 83 -22.43 -9.45 53.44
CA TYR G 83 -21.80 -9.27 54.74
C TYR G 83 -21.73 -7.80 55.10
N LEU G 84 -21.89 -7.52 56.39
CA LEU G 84 -21.66 -6.18 56.94
C LEU G 84 -20.69 -6.30 58.10
N GLN G 85 -19.50 -5.72 57.94
CA GLN G 85 -18.46 -5.75 58.95
C GLN G 85 -18.55 -4.47 59.78
N MET G 86 -18.80 -4.61 61.07
CA MET G 86 -19.00 -3.50 61.99
C MET G 86 -17.86 -3.46 62.99
N ASN G 87 -17.01 -2.44 62.87
CA ASN G 87 -15.92 -2.22 63.80
C ASN G 87 -16.22 -0.98 64.63
N SER G 88 -15.64 -0.92 65.83
CA SER G 88 -15.79 0.20 66.74
C SER G 88 -17.28 0.49 67.00
N LEU G 89 -17.98 -0.52 67.49
CA LEU G 89 -19.40 -0.40 67.74
C LEU G 89 -19.68 0.60 68.85
N ARG G 90 -20.61 1.52 68.60
CA ARG G 90 -21.00 2.54 69.56
C ARG G 90 -22.46 2.36 69.94
N ALA G 91 -22.90 3.16 70.93
CA ALA G 91 -24.28 3.07 71.38
C ALA G 91 -25.26 3.44 70.28
N GLU G 92 -24.88 4.35 69.40
CA GLU G 92 -25.74 4.79 68.30
C GLU G 92 -25.90 3.73 67.23
N ASP G 93 -25.14 2.65 67.27
CA ASP G 93 -25.31 1.57 66.32
C ASP G 93 -26.37 0.57 66.75
N THR G 94 -26.92 0.70 67.96
CA THR G 94 -27.96 -0.19 68.42
C THR G 94 -29.20 -0.06 67.55
N ALA G 95 -29.55 -1.14 66.87
CA ALA G 95 -30.65 -1.10 65.92
C ALA G 95 -30.92 -2.52 65.43
N VAL G 96 -32.04 -2.67 64.74
CA VAL G 96 -32.32 -3.87 63.96
C VAL G 96 -31.85 -3.62 62.54
N TYR G 97 -31.06 -4.55 62.00
CA TYR G 97 -30.43 -4.38 60.70
C TYR G 97 -31.12 -5.28 59.69
N TYR G 98 -31.58 -4.67 58.59
CA TYR G 98 -32.20 -5.34 57.46
C TYR G 98 -31.28 -5.24 56.24
N CYS G 99 -31.26 -6.29 55.43
CA CYS G 99 -30.67 -6.23 54.10
C CYS G 99 -31.78 -6.20 53.06
N ALA G 100 -31.50 -5.57 51.92
CA ALA G 100 -32.51 -5.48 50.88
C ALA G 100 -31.85 -5.52 49.51
N ARG G 101 -32.57 -6.06 48.53
CA ARG G 101 -32.03 -6.17 47.18
C ARG G 101 -32.51 -5.00 46.33
N ASP G 102 -31.74 -4.71 45.29
CA ASP G 102 -32.00 -3.56 44.44
C ASP G 102 -31.58 -3.92 43.03
N ARG G 103 -32.36 -3.46 42.03
CA ARG G 103 -32.00 -3.74 40.65
C ARG G 103 -30.68 -3.07 40.26
N GLY G 104 -30.32 -1.99 40.95
CA GLY G 104 -29.10 -1.27 40.63
C GLY G 104 -29.13 -0.46 39.36
N ILE G 105 -30.31 -0.23 38.79
CA ILE G 105 -30.44 0.55 37.56
C ILE G 105 -30.36 2.02 37.93
N ALA G 106 -29.41 2.73 37.34
CA ALA G 106 -29.10 4.08 37.79
C ALA G 106 -28.76 4.98 36.60
N ALA G 107 -28.75 6.28 36.86
CA ALA G 107 -28.36 7.28 35.88
C ALA G 107 -27.14 8.01 36.40
N GLY G 108 -26.05 7.99 35.63
CA GLY G 108 -24.82 8.66 36.01
C GLY G 108 -24.21 8.18 37.30
N GLY G 109 -24.58 7.00 37.78
CA GLY G 109 -24.12 6.53 39.07
C GLY G 109 -24.59 7.34 40.26
N ASN G 110 -25.55 8.24 40.06
CA ASN G 110 -26.02 9.15 41.12
C ASN G 110 -27.50 9.01 41.43
N TYR G 111 -28.34 8.77 40.44
CA TYR G 111 -29.78 8.62 40.63
C TYR G 111 -30.17 7.18 40.31
N TYR G 112 -30.87 6.54 41.24
CA TYR G 112 -31.23 5.13 41.10
C TYR G 112 -32.73 4.97 40.92
N TYR G 113 -33.12 4.24 39.87
CA TYR G 113 -34.52 3.94 39.60
C TYR G 113 -35.03 2.87 40.57
N TYR G 114 -36.33 2.60 40.48
CA TYR G 114 -37.00 1.50 41.20
C TYR G 114 -36.80 1.68 42.70
N GLY G 115 -36.65 0.58 43.44
CA GLY G 115 -36.47 0.66 44.88
C GLY G 115 -36.05 -0.67 45.44
N MET G 116 -36.01 -0.73 46.76
CA MET G 116 -35.65 -1.96 47.48
C MET G 116 -36.92 -2.77 47.67
N ASP G 117 -37.07 -3.84 46.88
CA ASP G 117 -38.35 -4.53 46.75
C ASP G 117 -38.51 -5.74 47.65
N VAL G 118 -37.45 -6.47 47.97
CA VAL G 118 -37.55 -7.58 48.92
C VAL G 118 -36.54 -7.35 50.04
N TRP G 119 -36.98 -7.64 51.27
CA TRP G 119 -36.20 -7.38 52.47
C TRP G 119 -36.11 -8.66 53.30
N GLY G 120 -35.12 -8.68 54.20
CA GLY G 120 -35.00 -9.74 55.17
C GLY G 120 -35.85 -9.49 56.40
N GLN G 121 -35.84 -10.47 57.30
CA GLN G 121 -36.60 -10.36 58.54
C GLN G 121 -35.93 -9.46 59.57
N GLY G 122 -34.65 -9.12 59.37
CA GLY G 122 -33.92 -8.28 60.31
C GLY G 122 -33.18 -9.09 61.38
N THR G 123 -32.10 -8.50 61.89
CA THR G 123 -31.36 -9.10 62.98
C THR G 123 -31.01 -8.01 63.98
N THR G 124 -31.23 -8.28 65.26
CA THR G 124 -31.12 -7.25 66.30
C THR G 124 -29.67 -7.13 66.76
N VAL G 125 -29.15 -5.91 66.77
CA VAL G 125 -27.82 -5.61 67.27
C VAL G 125 -27.99 -4.63 68.42
N THR G 126 -27.50 -5.02 69.60
CA THR G 126 -27.60 -4.22 70.81
C THR G 126 -26.20 -3.98 71.35
N VAL G 127 -25.85 -2.73 71.60
CA VAL G 127 -24.54 -2.38 72.11
C VAL G 127 -24.69 -2.03 73.58
N SER G 128 -24.33 -2.98 74.44
CA SER G 128 -24.53 -2.87 75.88
C SER G 128 -23.77 -1.68 76.46
N SER G 129 -24.50 -0.76 77.06
CA SER G 129 -23.89 0.39 77.73
C SER G 129 -24.88 1.03 78.70
N GLN H 4 -55.20 -19.17 12.99
CA GLN H 4 -55.17 -18.63 14.34
C GLN H 4 -54.72 -17.17 14.33
N VAL H 5 -53.78 -16.84 13.46
CA VAL H 5 -53.34 -15.46 13.27
C VAL H 5 -54.39 -14.75 12.41
N GLN H 6 -55.12 -13.80 13.00
CA GLN H 6 -56.19 -13.18 12.24
C GLN H 6 -56.45 -11.76 12.72
N LEU H 7 -56.97 -10.96 11.79
CA LEU H 7 -57.53 -9.63 12.04
C LEU H 7 -59.01 -9.67 11.66
N VAL H 8 -59.86 -9.13 12.52
CA VAL H 8 -61.31 -9.15 12.32
C VAL H 8 -61.83 -7.73 12.43
N GLU H 9 -62.36 -7.19 11.34
CA GLU H 9 -62.81 -5.81 11.29
C GLU H 9 -64.31 -5.71 11.48
N SER H 10 -64.77 -4.50 11.81
CA SER H 10 -66.18 -4.22 12.03
C SER H 10 -66.39 -2.71 12.06
N GLY H 11 -67.66 -2.31 12.01
CA GLY H 11 -68.03 -0.91 12.15
C GLY H 11 -68.59 -0.28 10.89
N GLY H 12 -68.46 -0.92 9.74
CA GLY H 12 -68.94 -0.33 8.50
C GLY H 12 -70.46 -0.24 8.47
N GLY H 13 -70.94 0.43 7.42
CA GLY H 13 -72.37 0.59 7.23
C GLY H 13 -72.64 1.77 6.32
N VAL H 14 -73.92 2.16 6.28
CA VAL H 14 -74.38 3.29 5.49
C VAL H 14 -74.43 4.52 6.37
N VAL H 15 -73.76 5.59 5.94
CA VAL H 15 -73.66 6.83 6.69
C VAL H 15 -73.93 8.00 5.74
N GLN H 16 -74.37 9.11 6.31
CA GLN H 16 -74.59 10.30 5.52
C GLN H 16 -73.36 11.22 5.55
N PRO H 17 -73.16 12.06 4.54
CA PRO H 17 -71.98 12.93 4.54
C PRO H 17 -72.01 13.91 5.70
N GLY H 18 -70.82 14.22 6.20
CA GLY H 18 -70.65 15.12 7.32
C GLY H 18 -70.69 14.44 8.68
N ARG H 19 -71.13 13.19 8.74
CA ARG H 19 -71.21 12.46 10.00
C ARG H 19 -69.87 11.79 10.29
N SER H 20 -69.82 11.00 11.35
CA SER H 20 -68.62 10.27 11.76
C SER H 20 -68.94 8.79 11.91
N LEU H 21 -67.89 7.98 11.81
CA LEU H 21 -68.01 6.54 11.95
C LEU H 21 -66.67 6.02 12.43
N ARG H 22 -66.68 4.99 13.29
CA ARG H 22 -65.42 4.47 13.82
C ARG H 22 -65.33 2.98 13.49
N LEU H 23 -64.27 2.61 12.78
CA LEU H 23 -64.00 1.23 12.38
C LEU H 23 -63.04 0.57 13.37
N SER H 24 -63.26 -0.73 13.60
CA SER H 24 -62.45 -1.52 14.52
C SER H 24 -61.82 -2.71 13.80
N CYS H 25 -60.68 -3.15 14.35
CA CYS H 25 -59.85 -4.22 13.79
C CYS H 25 -59.25 -4.98 14.98
N ALA H 26 -59.95 -6.01 15.43
CA ALA H 26 -59.50 -6.83 16.55
C ALA H 26 -58.50 -7.87 16.08
N ALA H 27 -57.34 -7.92 16.74
CA ALA H 27 -56.27 -8.83 16.39
C ALA H 27 -56.24 -10.03 17.33
N SER H 28 -55.78 -11.16 16.80
CA SER H 28 -55.57 -12.33 17.65
C SER H 28 -54.53 -13.25 17.01
N GLY H 29 -53.83 -13.98 17.87
CA GLY H 29 -52.85 -14.95 17.42
C GLY H 29 -51.42 -14.46 17.33
N PHE H 30 -51.16 -13.19 17.66
CA PHE H 30 -49.80 -12.67 17.58
C PHE H 30 -49.69 -11.48 18.53
N ILE H 31 -48.44 -11.11 18.81
CA ILE H 31 -48.18 -10.01 19.73
C ILE H 31 -48.52 -8.69 19.04
N PHE H 32 -49.78 -8.27 19.17
CA PHE H 32 -50.26 -7.08 18.47
C PHE H 32 -49.48 -5.83 18.88
N SER H 33 -49.02 -5.77 20.13
CA SER H 33 -48.35 -4.57 20.61
C SER H 33 -46.99 -4.35 19.98
N SER H 34 -46.51 -5.29 19.16
CA SER H 34 -45.21 -5.16 18.54
C SER H 34 -45.26 -4.76 17.07
N TYR H 35 -46.44 -4.77 16.46
CA TYR H 35 -46.58 -4.51 15.04
C TYR H 35 -47.16 -3.12 14.80
N ALA H 36 -46.71 -2.49 13.71
CA ALA H 36 -47.39 -1.33 13.17
C ALA H 36 -48.64 -1.77 12.42
N MET H 37 -49.54 -0.81 12.17
CA MET H 37 -50.83 -1.11 11.56
C MET H 37 -51.16 -0.09 10.48
N HIS H 38 -51.82 -0.56 9.43
CA HIS H 38 -52.25 0.24 8.28
C HIS H 38 -53.75 0.14 8.08
N TRP H 39 -54.35 1.25 7.64
CA TRP H 39 -55.68 1.27 7.06
C TRP H 39 -55.55 1.53 5.57
N VAL H 40 -56.20 0.68 4.77
CA VAL H 40 -56.17 0.74 3.32
C VAL H 40 -57.58 0.52 2.77
N ARG H 41 -58.05 1.42 1.91
CA ARG H 41 -59.42 1.34 1.40
C ARG H 41 -59.41 1.09 -0.10
N GLN H 42 -60.57 0.64 -0.60
CA GLN H 42 -60.75 0.32 -2.01
C GLN H 42 -62.15 0.75 -2.43
N ALA H 43 -62.23 1.78 -3.27
CA ALA H 43 -63.52 2.26 -3.75
C ALA H 43 -64.15 1.23 -4.69
N PRO H 44 -65.48 1.23 -4.79
CA PRO H 44 -66.17 0.26 -5.67
C PRO H 44 -65.70 0.36 -7.11
N GLY H 45 -65.13 -0.75 -7.61
CA GLY H 45 -64.61 -0.82 -8.96
C GLY H 45 -63.26 -0.17 -9.17
N ASN H 46 -62.64 0.35 -8.12
CA ASN H 46 -61.36 1.04 -8.19
C ASN H 46 -60.26 0.14 -7.65
N GLY H 47 -59.05 0.67 -7.55
CA GLY H 47 -57.91 -0.03 -6.98
C GLY H 47 -57.77 0.21 -5.50
N LEU H 48 -56.59 -0.13 -4.98
CA LEU H 48 -56.27 0.03 -3.58
C LEU H 48 -55.73 1.43 -3.31
N GLU H 49 -56.10 1.98 -2.15
CA GLU H 49 -55.62 3.31 -1.74
C GLU H 49 -55.21 3.25 -0.28
N TRP H 50 -53.95 3.56 -0.01
CA TRP H 50 -53.47 3.61 1.37
C TRP H 50 -54.08 4.81 2.09
N VAL H 51 -54.50 4.59 3.33
CA VAL H 51 -55.21 5.61 4.11
C VAL H 51 -54.35 6.08 5.29
N ALA H 52 -53.99 5.17 6.19
CA ALA H 52 -53.32 5.63 7.41
C ALA H 52 -52.36 4.58 7.93
N PHE H 53 -51.48 5.00 8.83
CA PHE H 53 -50.46 4.13 9.39
C PHE H 53 -50.08 4.61 10.78
N MET H 54 -49.80 3.66 11.68
CA MET H 54 -49.24 4.01 12.98
C MET H 54 -48.30 2.90 13.44
N SER H 55 -47.30 3.29 14.21
CA SER H 55 -46.27 2.35 14.67
C SER H 55 -46.80 1.57 15.87
N TYR H 56 -45.93 0.76 16.50
CA TYR H 56 -46.39 -0.17 17.51
C TYR H 56 -46.96 0.52 18.73
N ASP H 57 -46.38 1.65 19.13
CA ASP H 57 -46.89 2.39 20.29
C ASP H 57 -47.53 3.70 19.90
N GLY H 58 -47.74 3.94 18.60
CA GLY H 58 -48.37 5.16 18.15
C GLY H 58 -47.45 6.36 18.08
N SER H 59 -46.14 6.17 18.21
CA SER H 59 -45.22 7.30 18.18
C SER H 59 -45.22 7.96 16.81
N ASN H 60 -45.34 7.18 15.75
CA ASN H 60 -45.37 7.68 14.38
C ASN H 60 -46.75 7.46 13.80
N LYS H 61 -47.36 8.53 13.31
CA LYS H 61 -48.64 8.47 12.60
C LYS H 61 -48.48 9.10 11.22
N LYS H 62 -49.08 8.46 10.22
CA LYS H 62 -49.06 8.97 8.86
C LYS H 62 -50.45 8.87 8.24
N TYR H 63 -50.81 9.88 7.45
CA TYR H 63 -52.12 9.94 6.80
C TYR H 63 -51.94 10.34 5.34
N ALA H 64 -52.84 9.85 4.48
CA ALA H 64 -52.89 10.31 3.10
C ALA H 64 -53.52 11.69 3.03
N ASP H 65 -53.13 12.45 2.00
CA ASP H 65 -53.59 13.83 1.90
C ASP H 65 -55.11 13.92 1.81
N SER H 66 -55.76 12.93 1.17
CA SER H 66 -57.20 12.99 0.98
C SER H 66 -57.97 12.83 2.29
N VAL H 67 -57.35 12.27 3.32
CA VAL H 67 -58.03 12.06 4.60
C VAL H 67 -57.40 12.88 5.73
N LYS H 68 -56.32 13.60 5.46
CA LYS H 68 -55.66 14.38 6.50
C LYS H 68 -56.58 15.47 7.03
N GLY H 69 -56.67 15.57 8.36
CA GLY H 69 -57.55 16.53 8.99
C GLY H 69 -58.94 16.04 9.27
N ARG H 70 -59.32 14.88 8.72
CA ARG H 70 -60.63 14.29 8.93
C ARG H 70 -60.58 12.92 9.60
N PHE H 71 -59.56 12.11 9.32
CA PHE H 71 -59.44 10.77 9.88
C PHE H 71 -58.38 10.75 10.98
N THR H 72 -58.55 9.80 11.91
CA THR H 72 -57.65 9.65 13.05
C THR H 72 -57.48 8.18 13.37
N ILE H 73 -56.27 7.65 13.19
CA ILE H 73 -55.98 6.26 13.50
C ILE H 73 -55.54 6.19 14.96
N SER H 74 -55.98 5.13 15.66
CA SER H 74 -55.60 4.94 17.05
C SER H 74 -55.55 3.45 17.32
N ARG H 75 -55.09 3.09 18.52
CA ARG H 75 -54.87 1.69 18.82
C ARG H 75 -55.00 1.48 20.33
N ASP H 76 -55.42 0.27 20.71
CA ASP H 76 -55.54 -0.14 22.11
C ASP H 76 -54.81 -1.46 22.27
N ASN H 77 -53.66 -1.40 22.96
CA ASN H 77 -52.79 -2.57 23.07
C ASN H 77 -53.23 -3.55 24.14
N SER H 78 -54.10 -3.15 25.08
CA SER H 78 -54.66 -4.13 26.00
C SER H 78 -55.81 -4.90 25.38
N LYS H 79 -56.60 -4.25 24.52
CA LYS H 79 -57.67 -4.93 23.79
C LYS H 79 -57.19 -5.51 22.47
N ASN H 80 -55.94 -5.23 22.08
CA ASN H 80 -55.39 -5.72 20.82
C ASN H 80 -56.27 -5.30 19.65
N THR H 81 -56.60 -4.01 19.58
CA THR H 81 -57.53 -3.53 18.57
C THR H 81 -57.00 -2.25 17.93
N LEU H 82 -57.27 -2.11 16.64
CA LEU H 82 -56.95 -0.90 15.88
C LEU H 82 -58.25 -0.17 15.54
N TYR H 83 -58.19 1.15 15.56
CA TYR H 83 -59.35 1.99 15.31
C TYR H 83 -59.07 2.99 14.22
N LEU H 84 -60.09 3.27 13.41
CA LEU H 84 -60.06 4.37 12.44
C LEU H 84 -61.28 5.25 12.71
N GLN H 85 -61.04 6.49 13.12
CA GLN H 85 -62.10 7.47 13.36
C GLN H 85 -62.25 8.32 12.12
N MET H 86 -63.43 8.27 11.51
CA MET H 86 -63.71 8.97 10.26
C MET H 86 -64.68 10.10 10.59
N ASN H 87 -64.17 11.32 10.56
CA ASN H 87 -64.97 12.51 10.75
C ASN H 87 -65.09 13.22 9.41
N SER H 88 -66.16 14.01 9.28
CA SER H 88 -66.41 14.78 8.07
C SER H 88 -66.41 13.87 6.85
N LEU H 89 -67.31 12.88 6.90
CA LEU H 89 -67.40 11.90 5.83
C LEU H 89 -67.87 12.54 4.53
N ARG H 90 -67.31 12.07 3.42
CA ARG H 90 -67.68 12.51 2.10
C ARG H 90 -68.11 11.32 1.27
N ALA H 91 -68.82 11.59 0.18
CA ALA H 91 -69.23 10.50 -0.71
C ALA H 91 -68.03 9.74 -1.25
N GLU H 92 -66.90 10.42 -1.45
CA GLU H 92 -65.69 9.80 -1.98
C GLU H 92 -65.04 8.84 -1.00
N ASP H 93 -65.49 8.81 0.25
CA ASP H 93 -64.99 7.88 1.25
C ASP H 93 -65.66 6.52 1.15
N THR H 94 -66.67 6.39 0.29
CA THR H 94 -67.34 5.11 0.07
C THR H 94 -66.34 4.10 -0.47
N ALA H 95 -66.10 3.03 0.29
CA ALA H 95 -65.09 2.05 -0.07
C ALA H 95 -65.18 0.88 0.91
N VAL H 96 -64.48 -0.19 0.59
CA VAL H 96 -64.25 -1.27 1.54
C VAL H 96 -62.92 -1.04 2.23
N TYR H 97 -62.91 -1.11 3.56
CA TYR H 97 -61.74 -0.77 4.37
C TYR H 97 -61.11 -2.04 4.95
N TYR H 98 -59.81 -2.20 4.71
CA TYR H 98 -59.00 -3.27 5.27
C TYR H 98 -57.98 -2.68 6.24
N CYS H 99 -57.68 -3.44 7.29
CA CYS H 99 -56.53 -3.19 8.14
C CYS H 99 -55.47 -4.25 7.84
N ALA H 100 -54.20 -3.88 8.04
CA ALA H 100 -53.11 -4.82 7.82
C ALA H 100 -51.98 -4.54 8.80
N ARG H 101 -51.22 -5.57 9.15
CA ARG H 101 -50.12 -5.43 10.08
C ARG H 101 -48.79 -5.29 9.34
N ASP H 102 -47.81 -4.70 10.01
CA ASP H 102 -46.51 -4.42 9.43
C ASP H 102 -45.45 -4.54 10.52
N ARG H 103 -44.27 -5.06 10.16
CA ARG H 103 -43.19 -5.17 11.13
C ARG H 103 -42.72 -3.81 11.63
N GLY H 104 -42.96 -2.74 10.87
CA GLY H 104 -42.58 -1.41 11.28
C GLY H 104 -41.10 -1.13 11.25
N ILE H 105 -40.31 -2.01 10.64
CA ILE H 105 -38.86 -1.83 10.54
C ILE H 105 -38.58 -0.90 9.36
N ALA H 106 -37.86 0.19 9.63
CA ALA H 106 -37.71 1.26 8.67
C ALA H 106 -36.32 1.86 8.75
N ALA H 107 -36.00 2.67 7.73
CA ALA H 107 -34.75 3.42 7.67
C ALA H 107 -35.08 4.91 7.63
N GLY H 108 -34.51 5.67 8.58
CA GLY H 108 -34.72 7.10 8.61
C GLY H 108 -36.16 7.54 8.76
N GLY H 109 -37.04 6.66 9.21
CA GLY H 109 -38.46 6.99 9.27
C GLY H 109 -39.11 7.22 7.93
N ASN H 110 -38.42 6.89 6.83
CA ASN H 110 -38.92 7.16 5.48
C ASN H 110 -39.11 5.93 4.63
N TYR H 111 -38.22 4.95 4.71
CA TYR H 111 -38.32 3.74 3.90
C TYR H 111 -38.57 2.55 4.80
N TYR H 112 -39.61 1.79 4.51
CA TYR H 112 -40.03 0.70 5.36
C TYR H 112 -39.80 -0.62 4.64
N TYR H 113 -39.07 -1.53 5.30
CA TYR H 113 -38.78 -2.84 4.77
C TYR H 113 -40.02 -3.72 4.81
N TYR H 114 -39.90 -4.93 4.27
CA TYR H 114 -40.93 -5.98 4.34
C TYR H 114 -42.22 -5.43 3.74
N GLY H 115 -43.36 -5.84 4.27
CA GLY H 115 -44.63 -5.37 3.77
C GLY H 115 -45.77 -5.77 4.68
N MET H 116 -46.98 -5.49 4.22
CA MET H 116 -48.20 -5.81 4.96
C MET H 116 -48.58 -7.25 4.62
N ASP H 117 -48.31 -8.16 5.57
CA ASP H 117 -48.34 -9.58 5.27
C ASP H 117 -49.67 -10.26 5.60
N VAL H 118 -50.39 -9.80 6.62
CA VAL H 118 -51.70 -10.34 6.95
C VAL H 118 -52.70 -9.19 6.99
N TRP H 119 -53.92 -9.47 6.51
CA TRP H 119 -54.96 -8.47 6.38
C TRP H 119 -56.24 -8.98 7.03
N GLY H 120 -57.16 -8.05 7.31
CA GLY H 120 -58.48 -8.42 7.75
C GLY H 120 -59.41 -8.73 6.59
N GLN H 121 -60.62 -9.16 6.92
CA GLN H 121 -61.60 -9.51 5.90
C GLN H 121 -62.22 -8.29 5.22
N GLY H 122 -62.04 -7.10 5.79
CA GLY H 122 -62.61 -5.89 5.24
C GLY H 122 -63.98 -5.58 5.81
N THR H 123 -64.31 -4.30 5.84
CA THR H 123 -65.64 -3.86 6.26
C THR H 123 -66.07 -2.76 5.30
N THR H 124 -67.32 -2.85 4.83
CA THR H 124 -67.82 -1.96 3.79
C THR H 124 -68.39 -0.68 4.40
N VAL H 125 -67.94 0.46 3.87
CA VAL H 125 -68.43 1.77 4.25
C VAL H 125 -69.07 2.41 3.04
N THR H 126 -70.34 2.78 3.16
CA THR H 126 -71.10 3.41 2.11
C THR H 126 -71.56 4.77 2.60
N VAL H 127 -71.22 5.82 1.87
CA VAL H 127 -71.64 7.16 2.26
C VAL H 127 -72.71 7.63 1.30
N SER H 128 -73.95 7.15 1.51
CA SER H 128 -75.11 7.62 0.79
C SER H 128 -75.57 8.95 1.37
N SER H 129 -76.78 9.39 1.03
CA SER H 129 -77.27 10.67 1.52
C SER H 129 -78.79 10.71 1.60
N GLN I 4 -21.54 -35.89 22.09
CA GLN I 4 -22.31 -35.59 20.89
C GLN I 4 -21.65 -34.49 20.08
N VAL I 5 -21.02 -33.53 20.77
CA VAL I 5 -20.29 -32.46 20.10
C VAL I 5 -18.96 -33.05 19.60
N GLN I 6 -18.83 -33.19 18.29
CA GLN I 6 -17.65 -33.83 17.73
C GLN I 6 -17.36 -33.30 16.33
N LEU I 7 -16.09 -33.39 15.96
CA LEU I 7 -15.60 -33.11 14.61
C LEU I 7 -15.02 -34.39 14.03
N VAL I 8 -15.39 -34.72 12.79
CA VAL I 8 -14.95 -35.96 12.14
C VAL I 8 -14.35 -35.59 10.79
N GLU I 9 -13.05 -35.83 10.64
CA GLU I 9 -12.30 -35.49 9.43
C GLU I 9 -12.12 -36.70 8.52
N SER I 10 -11.76 -36.41 7.27
CA SER I 10 -11.53 -37.47 6.29
C SER I 10 -10.83 -36.84 5.08
N GLY I 11 -10.31 -37.70 4.20
CA GLY I 11 -9.77 -37.27 2.93
C GLY I 11 -8.27 -37.37 2.76
N GLY I 12 -7.51 -37.58 3.83
CA GLY I 12 -6.06 -37.65 3.74
C GLY I 12 -5.62 -38.87 2.97
N GLY I 13 -4.31 -39.00 2.80
CA GLY I 13 -3.81 -40.19 2.14
C GLY I 13 -2.40 -39.99 1.62
N VAL I 14 -1.99 -40.94 0.78
CA VAL I 14 -0.68 -40.93 0.16
C VAL I 14 -0.81 -40.29 -1.22
N VAL I 15 -0.01 -39.25 -1.47
CA VAL I 15 -0.07 -38.48 -2.71
C VAL I 15 1.35 -38.30 -3.23
N GLN I 16 1.49 -38.33 -4.56
CA GLN I 16 2.76 -37.95 -5.15
C GLN I 16 2.91 -36.43 -5.14
N PRO I 17 4.15 -35.92 -5.10
CA PRO I 17 4.35 -34.47 -5.00
C PRO I 17 3.76 -33.73 -6.18
N GLY I 18 3.25 -32.52 -5.90
CA GLY I 18 2.67 -31.67 -6.91
C GLY I 18 1.19 -31.88 -7.18
N ARG I 19 0.61 -32.96 -6.69
CA ARG I 19 -0.80 -33.21 -6.92
C ARG I 19 -1.63 -32.50 -5.84
N SER I 20 -2.94 -32.75 -5.84
CA SER I 20 -3.86 -32.12 -4.91
C SER I 20 -4.62 -33.16 -4.10
N LEU I 21 -5.10 -32.72 -2.95
CA LEU I 21 -5.86 -33.56 -2.03
C LEU I 21 -6.78 -32.64 -1.23
N ARG I 22 -7.98 -33.12 -0.92
CA ARG I 22 -9.00 -32.31 -0.27
C ARG I 22 -9.42 -32.94 1.06
N LEU I 23 -9.23 -32.20 2.14
CA LEU I 23 -9.58 -32.66 3.48
C LEU I 23 -10.95 -32.12 3.88
N SER I 24 -11.72 -32.95 4.58
CA SER I 24 -13.05 -32.63 5.06
C SER I 24 -13.12 -32.75 6.58
N CYS I 25 -14.01 -31.97 7.18
CA CYS I 25 -14.17 -31.88 8.64
C CYS I 25 -15.65 -31.62 8.92
N ALA I 26 -16.41 -32.70 9.09
CA ALA I 26 -17.84 -32.60 9.39
C ALA I 26 -18.06 -32.37 10.87
N ALA I 27 -18.86 -31.36 11.20
CA ALA I 27 -19.16 -31.03 12.59
C ALA I 27 -20.53 -31.55 12.98
N SER I 28 -20.70 -31.86 14.26
CA SER I 28 -22.00 -32.26 14.74
C SER I 28 -22.11 -32.00 16.23
N GLY I 29 -23.33 -31.75 16.69
CA GLY I 29 -23.61 -31.52 18.08
C GLY I 29 -23.61 -30.07 18.52
N PHE I 30 -23.35 -29.14 17.61
CA PHE I 30 -23.33 -27.72 17.96
C PHE I 30 -23.65 -26.90 16.73
N ILE I 31 -23.96 -25.63 16.96
CA ILE I 31 -24.31 -24.71 15.89
C ILE I 31 -23.04 -24.38 15.12
N PHE I 32 -22.74 -25.19 14.10
CA PHE I 32 -21.50 -25.03 13.35
C PHE I 32 -21.43 -23.67 12.65
N SER I 33 -22.58 -23.14 12.21
CA SER I 33 -22.57 -21.91 11.44
C SER I 33 -22.17 -20.69 12.24
N SER I 34 -21.97 -20.82 13.55
CA SER I 34 -21.61 -19.69 14.40
C SER I 34 -20.14 -19.70 14.81
N TYR I 35 -19.40 -20.77 14.52
CA TYR I 35 -18.03 -20.89 14.96
C TYR I 35 -17.05 -20.64 13.82
N ALA I 36 -15.92 -20.01 14.16
CA ALA I 36 -14.78 -19.98 13.28
C ALA I 36 -14.06 -21.32 13.33
N MET I 37 -13.23 -21.58 12.32
CA MET I 37 -12.56 -22.86 12.22
C MET I 37 -11.08 -22.66 11.89
N HIS I 38 -10.26 -23.56 12.42
CA HIS I 38 -8.82 -23.63 12.19
C HIS I 38 -8.43 -24.98 11.63
N TRP I 39 -7.42 -24.96 10.77
CA TRP I 39 -6.67 -26.15 10.39
C TRP I 39 -5.29 -26.04 11.00
N VAL I 40 -4.87 -27.10 11.70
CA VAL I 40 -3.58 -27.19 12.39
C VAL I 40 -2.96 -28.56 12.10
N ARG I 41 -1.72 -28.59 11.64
CA ARG I 41 -1.07 -29.84 11.26
C ARG I 41 0.14 -30.11 12.16
N GLN I 42 0.60 -31.35 12.12
CA GLN I 42 1.73 -31.79 12.93
C GLN I 42 2.56 -32.75 12.10
N ALA I 43 3.79 -32.33 11.76
CA ALA I 43 4.69 -33.19 11.02
C ALA I 43 5.16 -34.35 11.89
N PRO I 44 5.56 -35.47 11.28
CA PRO I 44 5.99 -36.63 12.08
C PRO I 44 7.16 -36.29 12.99
N GLY I 45 6.94 -36.46 14.30
CA GLY I 45 7.95 -36.18 15.29
C GLY I 45 8.17 -34.72 15.60
N ASN I 46 7.42 -33.81 14.97
CA ASN I 46 7.57 -32.39 15.19
C ASN I 46 6.43 -31.91 16.09
N GLY I 47 6.35 -30.60 16.29
CA GLY I 47 5.31 -29.99 17.08
C GLY I 47 4.11 -29.60 16.22
N LEU I 48 3.27 -28.75 16.78
CA LEU I 48 2.08 -28.28 16.10
C LEU I 48 2.44 -27.06 15.25
N GLU I 49 1.81 -26.97 14.08
CA GLU I 49 1.97 -25.85 13.17
C GLU I 49 0.60 -25.43 12.69
N TRP I 50 0.24 -24.17 12.95
CA TRP I 50 -1.03 -23.65 12.48
C TRP I 50 -1.01 -23.48 10.98
N VAL I 51 -2.12 -23.85 10.33
CA VAL I 51 -2.21 -23.85 8.87
C VAL I 51 -3.16 -22.76 8.38
N ALA I 52 -4.43 -22.81 8.80
CA ALA I 52 -5.40 -21.90 8.22
C ALA I 52 -6.50 -21.56 9.22
N PHE I 53 -7.26 -20.52 8.90
CA PHE I 53 -8.34 -20.04 9.75
C PHE I 53 -9.39 -19.32 8.90
N MET I 54 -10.66 -19.49 9.26
CA MET I 54 -11.72 -18.71 8.64
C MET I 54 -12.81 -18.44 9.67
N SER I 55 -13.48 -17.30 9.53
CA SER I 55 -14.51 -16.88 10.46
C SER I 55 -15.83 -17.59 10.14
N TYR I 56 -16.90 -17.23 10.89
CA TYR I 56 -18.13 -18.00 10.81
C TYR I 56 -18.77 -17.91 9.43
N ASP I 57 -18.66 -16.75 8.76
CA ASP I 57 -19.22 -16.55 7.44
C ASP I 57 -18.14 -16.43 6.35
N GLY I 58 -16.88 -16.67 6.69
CA GLY I 58 -15.81 -16.60 5.72
C GLY I 58 -15.32 -15.20 5.39
N SER I 59 -15.74 -14.18 6.14
CA SER I 59 -15.31 -12.82 5.84
C SER I 59 -13.81 -12.64 6.07
N ASN I 60 -13.28 -13.29 7.09
CA ASN I 60 -11.86 -13.21 7.42
C ASN I 60 -11.23 -14.60 7.23
N LYS I 61 -10.22 -14.67 6.37
CA LYS I 61 -9.43 -15.88 6.14
C LYS I 61 -7.95 -15.58 6.37
N LYS I 62 -7.26 -16.51 7.03
CA LYS I 62 -5.84 -16.37 7.30
C LYS I 62 -5.14 -17.68 6.97
N TYR I 63 -3.92 -17.57 6.46
CA TYR I 63 -3.12 -18.72 6.06
C TYR I 63 -1.70 -18.57 6.60
N ALA I 64 -1.05 -19.69 6.85
CA ALA I 64 0.36 -19.65 7.20
C ALA I 64 1.19 -19.37 5.97
N ASP I 65 2.35 -18.74 6.19
CA ASP I 65 3.21 -18.34 5.06
C ASP I 65 3.66 -19.54 4.25
N SER I 66 3.88 -20.69 4.90
CA SER I 66 4.35 -21.87 4.20
C SER I 66 3.30 -22.45 3.26
N VAL I 67 2.03 -22.14 3.47
CA VAL I 67 0.93 -22.68 2.67
C VAL I 67 0.21 -21.62 1.85
N LYS I 68 0.60 -20.34 1.97
CA LYS I 68 -0.08 -19.28 1.23
C LYS I 68 0.10 -19.49 -0.27
N GLY I 69 -1.02 -19.42 -1.00
CA GLY I 69 -1.00 -19.62 -2.43
C GLY I 69 -1.22 -21.05 -2.88
N ARG I 70 -1.17 -22.02 -1.97
CA ARG I 70 -1.38 -23.42 -2.30
C ARG I 70 -2.60 -24.03 -1.63
N PHE I 71 -2.95 -23.59 -0.42
CA PHE I 71 -4.09 -24.14 0.31
C PHE I 71 -5.25 -23.15 0.25
N THR I 72 -6.47 -23.69 0.39
CA THR I 72 -7.69 -22.89 0.35
C THR I 72 -8.68 -23.46 1.35
N ILE I 73 -8.97 -22.72 2.41
CA ILE I 73 -9.95 -23.13 3.41
C ILE I 73 -11.31 -22.62 2.99
N SER I 74 -12.33 -23.47 3.18
CA SER I 74 -13.70 -23.08 2.86
C SER I 74 -14.65 -23.83 3.79
N ARG I 75 -15.94 -23.53 3.68
CA ARG I 75 -16.93 -24.14 4.56
C ARG I 75 -18.29 -24.16 3.87
N ASP I 76 -19.11 -25.13 4.27
CA ASP I 76 -20.51 -25.23 3.84
C ASP I 76 -21.37 -25.38 5.08
N ASN I 77 -22.14 -24.33 5.40
CA ASN I 77 -22.93 -24.31 6.63
C ASN I 77 -24.22 -25.09 6.53
N SER I 78 -24.70 -25.38 5.32
CA SER I 78 -25.88 -26.24 5.18
C SER I 78 -25.51 -27.70 5.39
N LYS I 79 -24.31 -28.11 4.98
CA LYS I 79 -23.80 -29.44 5.27
C LYS I 79 -23.02 -29.50 6.57
N ASN I 80 -22.80 -28.35 7.21
CA ASN I 80 -22.05 -28.26 8.48
C ASN I 80 -20.67 -28.88 8.36
N THR I 81 -19.93 -28.50 7.32
CA THR I 81 -18.64 -29.11 7.05
C THR I 81 -17.62 -28.05 6.68
N LEU I 82 -16.37 -28.31 7.10
CA LEU I 82 -15.23 -27.48 6.77
C LEU I 82 -14.35 -28.22 5.77
N TYR I 83 -13.77 -27.49 4.82
CA TYR I 83 -12.93 -28.06 3.77
C TYR I 83 -11.57 -27.38 3.73
N LEU I 84 -10.54 -28.17 3.40
CA LEU I 84 -9.20 -27.66 3.11
C LEU I 84 -8.75 -28.22 1.76
N GLN I 85 -8.53 -27.34 0.79
CA GLN I 85 -8.05 -27.72 -0.54
C GLN I 85 -6.54 -27.55 -0.60
N MET I 86 -5.82 -28.64 -0.83
CA MET I 86 -4.36 -28.65 -0.82
C MET I 86 -3.86 -28.95 -2.23
N ASN I 87 -3.28 -27.95 -2.89
CA ASN I 87 -2.70 -28.11 -4.21
C ASN I 87 -1.18 -28.06 -4.15
N SER I 88 -0.55 -28.70 -5.12
CA SER I 88 0.91 -28.71 -5.29
C SER I 88 1.61 -29.12 -4.00
N LEU I 89 1.26 -30.32 -3.54
CA LEU I 89 1.79 -30.81 -2.28
C LEU I 89 3.30 -31.05 -2.37
N ARG I 90 4.02 -30.54 -1.38
CA ARG I 90 5.46 -30.78 -1.26
C ARG I 90 5.70 -31.88 -0.23
N ALA I 91 6.98 -32.13 0.06
CA ALA I 91 7.32 -33.12 1.08
C ALA I 91 7.09 -32.57 2.48
N GLU I 92 7.23 -31.26 2.68
CA GLU I 92 7.05 -30.64 3.98
C GLU I 92 5.59 -30.62 4.42
N ASP I 93 4.66 -30.94 3.52
CA ASP I 93 3.25 -31.00 3.91
C ASP I 93 2.85 -32.33 4.52
N THR I 94 3.74 -33.32 4.51
CA THR I 94 3.44 -34.60 5.14
C THR I 94 3.27 -34.42 6.63
N ALA I 95 2.06 -34.69 7.12
CA ALA I 95 1.71 -34.41 8.52
C ALA I 95 0.34 -35.00 8.81
N VAL I 96 -0.01 -35.00 10.10
CA VAL I 96 -1.38 -35.27 10.53
C VAL I 96 -2.12 -33.94 10.66
N TYR I 97 -3.30 -33.85 10.05
CA TYR I 97 -4.06 -32.61 9.98
C TYR I 97 -5.28 -32.70 10.89
N TYR I 98 -5.41 -31.72 11.79
CA TYR I 98 -6.55 -31.55 12.66
C TYR I 98 -7.33 -30.31 12.29
N CYS I 99 -8.66 -30.37 12.44
CA CYS I 99 -9.51 -29.19 12.41
C CYS I 99 -9.97 -28.90 13.82
N ALA I 100 -10.22 -27.62 14.11
CA ALA I 100 -10.68 -27.24 15.43
C ALA I 100 -11.61 -26.04 15.33
N ARG I 101 -12.53 -25.95 16.28
CA ARG I 101 -13.48 -24.84 16.30
C ARG I 101 -13.00 -23.75 17.25
N ASP I 102 -13.47 -22.54 16.99
CA ASP I 102 -13.06 -21.38 17.76
C ASP I 102 -14.26 -20.44 17.85
N ARG I 103 -14.41 -19.79 19.00
CA ARG I 103 -15.50 -18.84 19.17
C ARG I 103 -15.38 -17.64 18.23
N GLY I 104 -14.17 -17.34 17.75
CA GLY I 104 -14.00 -16.23 16.84
C GLY I 104 -14.13 -14.86 17.44
N ILE I 105 -14.11 -14.75 18.76
CA ILE I 105 -14.21 -13.45 19.43
C ILE I 105 -12.84 -12.81 19.44
N ALA I 106 -12.72 -11.61 18.86
CA ALA I 106 -11.42 -11.01 18.63
C ALA I 106 -11.48 -9.51 18.83
N ALA I 107 -10.29 -8.91 18.91
CA ALA I 107 -10.13 -7.45 19.01
C ALA I 107 -9.38 -6.95 17.79
N GLY I 108 -10.00 -6.04 17.04
CA GLY I 108 -9.38 -5.49 15.85
C GLY I 108 -9.04 -6.48 14.76
N GLY I 109 -9.63 -7.67 14.80
CA GLY I 109 -9.29 -8.71 13.86
C GLY I 109 -7.88 -9.24 13.98
N ASN I 110 -7.19 -8.91 15.07
CA ASN I 110 -5.79 -9.27 15.27
C ASN I 110 -5.56 -10.13 16.51
N TYR I 111 -6.24 -9.85 17.61
CA TYR I 111 -6.07 -10.60 18.85
C TYR I 111 -7.34 -11.37 19.16
N TYR I 112 -7.22 -12.68 19.33
CA TYR I 112 -8.36 -13.55 19.50
C TYR I 112 -8.40 -14.11 20.92
N TYR I 113 -9.54 -13.92 21.59
CA TYR I 113 -9.73 -14.45 22.93
C TYR I 113 -9.94 -15.95 22.87
N TYR I 114 -9.99 -16.55 24.06
CA TYR I 114 -10.31 -17.96 24.27
C TYR I 114 -9.30 -18.81 23.50
N GLY I 115 -9.75 -19.95 22.97
CA GLY I 115 -8.86 -20.83 22.24
C GLY I 115 -9.65 -21.90 21.53
N MET I 116 -8.91 -22.84 20.93
CA MET I 116 -9.49 -23.94 20.16
C MET I 116 -9.81 -25.08 21.12
N ASP I 117 -11.10 -25.28 21.43
CA ASP I 117 -11.50 -26.14 22.54
C ASP I 117 -11.85 -27.56 22.14
N VAL I 118 -12.40 -27.79 20.93
CA VAL I 118 -12.70 -29.13 20.47
C VAL I 118 -12.00 -29.34 19.13
N TRP I 119 -11.48 -30.55 18.92
CA TRP I 119 -10.69 -30.90 17.76
C TRP I 119 -11.25 -32.17 17.13
N GLY I 120 -10.85 -32.39 15.88
CA GLY I 120 -11.17 -33.64 15.22
C GLY I 120 -10.16 -34.72 15.58
N GLN I 121 -10.40 -35.93 15.05
CA GLN I 121 -9.50 -37.05 15.31
C GLN I 121 -8.21 -36.99 14.52
N GLY I 122 -8.14 -36.17 13.48
CA GLY I 122 -6.97 -36.03 12.62
C GLY I 122 -7.02 -36.95 11.43
N THR I 123 -6.37 -36.52 10.34
CA THR I 123 -6.24 -37.34 9.15
C THR I 123 -4.82 -37.21 8.60
N THR I 124 -4.22 -38.34 8.24
CA THR I 124 -2.83 -38.39 7.87
C THR I 124 -2.65 -38.12 6.37
N VAL I 125 -1.73 -37.22 6.05
CA VAL I 125 -1.34 -36.93 4.67
C VAL I 125 0.15 -37.23 4.52
N THR I 126 0.48 -38.13 3.58
CA THR I 126 1.87 -38.50 3.32
C THR I 126 2.19 -38.21 1.86
N VAL I 127 3.14 -37.32 1.61
CA VAL I 127 3.59 -36.97 0.27
C VAL I 127 5.06 -37.34 0.15
N SER I 128 5.37 -38.31 -0.72
CA SER I 128 6.76 -38.63 -1.03
C SER I 128 6.88 -39.52 -2.27
N ARG J 14 7.88 26.72 7.06
CA ARG J 14 8.95 27.52 7.66
C ARG J 14 10.31 26.83 7.55
N THR J 15 11.32 27.62 7.23
CA THR J 15 12.72 27.21 7.20
C THR J 15 13.53 28.23 7.97
N PRO J 16 14.69 27.84 8.51
CA PRO J 16 15.56 28.83 9.19
C PRO J 16 15.92 30.02 8.32
N SER J 17 15.82 29.88 7.00
CA SER J 17 15.95 31.00 6.06
C SER J 17 14.84 30.87 5.04
N ASP J 18 13.97 31.89 4.97
CA ASP J 18 12.82 31.86 4.08
C ASP J 18 13.25 31.81 2.61
N LYS J 19 13.53 30.60 2.10
CA LYS J 19 14.09 30.42 0.78
C LYS J 19 13.13 29.61 -0.09
N PRO J 20 12.82 30.06 -1.30
CA PRO J 20 11.89 29.30 -2.16
C PRO J 20 12.46 27.92 -2.48
N VAL J 21 11.64 26.90 -2.26
CA VAL J 21 12.07 25.51 -2.37
C VAL J 21 10.91 24.66 -2.87
N ALA J 22 11.26 23.57 -3.55
CA ALA J 22 10.27 22.64 -4.09
C ALA J 22 10.96 21.32 -4.37
N HIS J 23 10.28 20.23 -4.00
CA HIS J 23 10.76 18.89 -4.29
C HIS J 23 9.50 18.02 -4.47
N VAL J 24 9.12 17.79 -5.72
CA VAL J 24 7.91 17.06 -6.04
C VAL J 24 8.29 15.70 -6.57
N VAL J 25 7.38 14.73 -6.40
CA VAL J 25 7.62 13.36 -6.83
C VAL J 25 6.53 12.95 -7.80
N ALA J 26 6.82 11.88 -8.54
CA ALA J 26 5.87 11.39 -9.53
C ALA J 26 4.71 10.68 -8.86
N ASN J 27 3.54 10.84 -9.45
CA ASN J 27 2.34 10.17 -8.94
C ASN J 27 2.43 8.68 -9.19
N PRO J 28 2.51 7.83 -8.15
CA PRO J 28 2.57 6.39 -8.40
C PRO J 28 1.29 5.82 -8.98
N GLN J 29 0.14 6.44 -8.68
CA GLN J 29 -1.14 5.99 -9.20
C GLN J 29 -1.36 6.38 -10.65
N ALA J 30 -0.49 7.22 -11.22
CA ALA J 30 -0.65 7.63 -12.60
C ALA J 30 -0.44 6.46 -13.53
N GLU J 31 -1.21 6.42 -14.62
CA GLU J 31 -1.20 5.30 -15.55
C GLU J 31 -0.40 5.74 -16.78
N GLY J 32 0.88 5.40 -16.79
CA GLY J 32 1.75 5.70 -17.90
C GLY J 32 1.90 7.19 -18.14
N GLN J 33 2.13 7.95 -17.09
CA GLN J 33 2.24 9.39 -17.22
C GLN J 33 3.07 9.94 -16.07
N LEU J 34 3.81 11.00 -16.34
CA LEU J 34 4.62 11.68 -15.33
C LEU J 34 3.82 12.84 -14.77
N GLN J 35 3.28 12.68 -13.56
CA GLN J 35 2.51 13.72 -12.88
C GLN J 35 3.20 14.04 -11.58
N TRP J 36 3.61 15.30 -11.42
CA TRP J 36 4.31 15.72 -10.22
C TRP J 36 3.33 16.06 -9.11
N LEU J 37 3.65 15.62 -7.89
CA LEU J 37 2.80 15.80 -6.73
C LEU J 37 3.59 16.36 -5.56
N ASN J 38 2.91 17.14 -4.72
CA ASN J 38 3.51 17.78 -3.56
C ASN J 38 3.07 17.21 -2.22
N ARG J 39 1.79 16.87 -2.07
CA ARG J 39 1.26 16.35 -0.81
C ARG J 39 1.60 14.86 -0.72
N ARG J 40 2.85 14.61 -0.33
CA ARG J 40 3.36 13.26 -0.19
C ARG J 40 4.37 13.22 0.94
N ALA J 41 4.80 12.01 1.28
CA ALA J 41 5.84 11.82 2.29
C ALA J 41 7.20 12.22 1.73
N ASN J 42 7.81 13.23 2.33
CA ASN J 42 9.14 13.73 1.95
C ASN J 42 9.10 14.46 0.61
N ALA J 43 7.99 15.13 0.32
CA ALA J 43 7.85 16.00 -0.83
C ALA J 43 7.27 17.33 -0.36
N LEU J 44 7.88 18.42 -0.79
CA LEU J 44 7.55 19.76 -0.31
C LEU J 44 7.37 20.73 -1.46
N LEU J 45 6.75 21.86 -1.15
CA LEU J 45 6.46 22.92 -2.10
C LEU J 45 6.09 24.17 -1.32
N ALA J 46 7.07 25.00 -0.97
CA ALA J 46 6.85 26.05 0.01
C ALA J 46 7.55 27.35 -0.41
N ASN J 47 7.08 28.44 0.20
CA ASN J 47 7.69 29.77 0.09
C ASN J 47 7.56 30.32 -1.33
N GLY J 48 6.34 30.29 -1.86
CA GLY J 48 6.02 30.94 -3.11
C GLY J 48 6.11 30.08 -4.34
N VAL J 49 6.91 29.01 -4.32
CA VAL J 49 7.04 28.16 -5.49
C VAL J 49 5.71 27.47 -5.76
N GLU J 50 5.21 27.61 -6.98
CA GLU J 50 3.91 27.06 -7.34
C GLU J 50 4.06 25.85 -8.25
N LEU J 51 2.95 25.14 -8.44
CA LEU J 51 2.88 23.98 -9.33
C LEU J 51 1.62 24.15 -10.18
N ARG J 52 1.80 24.59 -11.43
CA ARG J 52 0.69 24.82 -12.33
C ARG J 52 0.94 24.10 -13.64
N ASP J 53 -0.08 23.40 -14.13
CA ASP J 53 -0.03 22.67 -15.40
C ASP J 53 1.17 21.74 -15.46
N ASN J 54 1.42 21.03 -14.35
CA ASN J 54 2.53 20.08 -14.22
C ASN J 54 3.89 20.77 -14.38
N GLN J 55 3.97 22.05 -14.04
CA GLN J 55 5.19 22.83 -14.14
C GLN J 55 5.44 23.55 -12.82
N LEU J 56 6.71 23.90 -12.58
CA LEU J 56 7.10 24.66 -11.39
C LEU J 56 7.15 26.14 -11.73
N VAL J 57 6.45 26.95 -10.95
CA VAL J 57 6.40 28.39 -11.16
C VAL J 57 7.28 29.07 -10.11
N VAL J 58 8.22 29.88 -10.59
CA VAL J 58 9.23 30.50 -9.74
C VAL J 58 8.66 31.78 -9.13
N PRO J 59 8.85 32.01 -7.83
CA PRO J 59 8.26 33.20 -7.20
C PRO J 59 9.18 34.42 -7.16
N SER J 60 10.49 34.21 -7.09
CA SER J 60 11.45 35.30 -6.95
C SER J 60 12.63 35.09 -7.89
N GLU J 61 13.20 36.20 -8.36
CA GLU J 61 14.39 36.13 -9.18
C GLU J 61 15.62 35.86 -8.31
N GLY J 62 16.48 34.96 -8.77
CA GLY J 62 17.69 34.62 -8.05
C GLY J 62 18.34 33.39 -8.64
N LEU J 63 19.35 32.90 -7.93
CA LEU J 63 20.08 31.71 -8.35
C LEU J 63 19.45 30.48 -7.72
N TYR J 64 18.98 29.57 -8.57
CA TYR J 64 18.28 28.37 -8.14
C TYR J 64 19.10 27.14 -8.49
N LEU J 65 19.08 26.17 -7.58
CA LEU J 65 19.56 24.83 -7.88
C LEU J 65 18.38 24.01 -8.39
N ILE J 66 18.52 23.46 -9.59
CA ILE J 66 17.48 22.68 -10.25
C ILE J 66 18.01 21.26 -10.41
N TYR J 67 17.21 20.28 -10.01
CA TYR J 67 17.62 18.89 -10.12
C TYR J 67 16.39 18.04 -10.36
N SER J 68 16.62 16.85 -10.90
CA SER J 68 15.56 15.88 -11.16
C SER J 68 16.19 14.53 -11.44
N GLN J 69 15.51 13.47 -11.02
CA GLN J 69 15.88 12.12 -11.38
C GLN J 69 14.65 11.37 -11.85
N VAL J 70 14.81 10.62 -12.94
CA VAL J 70 13.77 9.71 -13.41
C VAL J 70 14.38 8.32 -13.47
N LEU J 71 13.53 7.31 -13.34
CA LEU J 71 13.99 5.92 -13.35
C LEU J 71 13.15 5.15 -14.35
N PHE J 72 13.81 4.50 -15.30
CA PHE J 72 13.17 3.68 -16.32
C PHE J 72 13.38 2.20 -16.06
N LYS J 73 12.41 1.39 -16.47
CA LYS J 73 12.50 -0.06 -16.33
C LYS J 73 11.91 -0.72 -17.57
N GLY J 74 12.51 -1.84 -17.98
CA GLY J 74 12.01 -2.54 -19.16
C GLY J 74 12.18 -4.04 -19.03
N GLN J 75 11.40 -4.76 -19.85
CA GLN J 75 11.49 -6.21 -19.94
C GLN J 75 11.83 -6.57 -21.39
N GLY J 76 13.08 -6.96 -21.61
CA GLY J 76 13.50 -7.26 -22.96
C GLY J 76 13.62 -5.99 -23.79
N CYS J 77 13.72 -6.20 -25.09
CA CYS J 77 13.90 -5.10 -26.03
C CYS J 77 13.00 -5.28 -27.25
N PRO J 78 12.27 -4.25 -27.64
CA PRO J 78 11.39 -4.35 -28.80
C PRO J 78 12.19 -4.21 -30.09
N SER J 79 11.48 -4.35 -31.22
CA SER J 79 12.15 -4.27 -32.52
C SER J 79 12.58 -2.85 -32.86
N THR J 80 11.85 -1.84 -32.37
CA THR J 80 12.23 -0.47 -32.61
C THR J 80 13.32 -0.03 -31.62
N HIS J 81 14.20 0.86 -32.08
CA HIS J 81 15.25 1.37 -31.22
C HIS J 81 14.61 2.21 -30.11
N VAL J 82 15.16 2.10 -28.91
CA VAL J 82 14.59 2.73 -27.72
C VAL J 82 15.57 3.77 -27.20
N LEU J 83 15.19 5.03 -27.27
CA LEU J 83 15.95 6.12 -26.69
C LEU J 83 15.16 6.70 -25.52
N LEU J 84 15.84 6.88 -24.39
CA LEU J 84 15.24 7.44 -23.19
C LEU J 84 15.85 8.81 -22.96
N THR J 85 15.01 9.85 -22.97
CA THR J 85 15.48 11.21 -22.77
C THR J 85 14.86 11.80 -21.51
N HIS J 86 15.61 12.67 -20.85
CA HIS J 86 15.13 13.41 -19.70
C HIS J 86 15.59 14.86 -19.83
N THR J 87 14.65 15.80 -19.69
CA THR J 87 14.95 17.20 -19.99
C THR J 87 14.24 18.12 -19.01
N ILE J 88 15.01 19.07 -18.47
CA ILE J 88 14.49 20.19 -17.69
C ILE J 88 14.58 21.44 -18.54
N SER J 89 13.44 22.13 -18.69
CA SER J 89 13.30 23.28 -19.56
C SER J 89 12.70 24.45 -18.80
N ARG J 90 12.90 25.65 -19.36
CA ARG J 90 12.47 26.90 -18.75
C ARG J 90 11.61 27.67 -19.74
N ILE J 91 10.56 28.30 -19.22
CA ILE J 91 9.67 29.17 -19.98
C ILE J 91 9.73 30.56 -19.36
N ALA J 92 10.10 31.55 -20.18
CA ALA J 92 10.25 32.92 -19.70
C ALA J 92 8.88 33.51 -19.34
N VAL J 93 8.94 34.70 -18.73
CA VAL J 93 7.73 35.34 -18.21
C VAL J 93 6.86 35.89 -19.35
N SER J 94 7.39 36.86 -20.10
CA SER J 94 6.52 37.69 -20.94
C SER J 94 5.95 36.96 -22.15
N TYR J 95 6.59 35.88 -22.61
CA TYR J 95 6.05 35.14 -23.74
C TYR J 95 6.60 33.71 -23.69
N GLN J 96 5.91 32.82 -24.40
CA GLN J 96 6.25 31.40 -24.37
C GLN J 96 7.52 31.15 -25.19
N THR J 97 8.48 30.48 -24.56
CA THR J 97 9.69 29.99 -25.23
C THR J 97 10.25 28.88 -24.37
N LYS J 98 10.45 27.69 -24.95
CA LYS J 98 10.94 26.55 -24.19
C LYS J 98 12.41 26.33 -24.56
N VAL J 99 13.29 26.68 -23.62
CA VAL J 99 14.73 26.46 -23.75
C VAL J 99 15.13 25.27 -22.90
N ASN J 100 15.92 24.36 -23.46
CA ASN J 100 16.41 23.24 -22.68
C ASN J 100 17.51 23.73 -21.74
N LEU J 101 17.34 23.47 -20.44
CA LEU J 101 18.38 23.77 -19.47
C LEU J 101 19.26 22.55 -19.21
N LEU J 102 18.64 21.41 -18.92
CA LEU J 102 19.39 20.18 -18.68
C LEU J 102 18.77 19.08 -19.53
N SER J 103 19.60 18.15 -19.99
CA SER J 103 19.06 17.09 -20.83
C SER J 103 20.06 15.95 -20.91
N ALA J 104 19.55 14.73 -20.90
CA ALA J 104 20.39 13.54 -21.00
C ALA J 104 19.64 12.46 -21.76
N ILE J 105 20.41 11.62 -22.45
CA ILE J 105 19.90 10.54 -23.28
C ILE J 105 20.56 9.24 -22.86
N LYS J 106 19.81 8.14 -22.92
CA LYS J 106 20.35 6.82 -22.67
C LYS J 106 19.75 5.84 -23.67
N SER J 107 20.51 4.79 -23.97
CA SER J 107 20.14 3.79 -24.98
C SER J 107 20.23 2.42 -24.32
N PRO J 108 19.15 1.98 -23.67
CA PRO J 108 19.21 0.71 -22.91
C PRO J 108 19.20 -0.52 -23.78
N CYS J 109 18.72 -0.43 -25.02
CA CYS J 109 18.51 -1.60 -25.87
C CYS J 109 19.48 -1.55 -27.05
N GLN J 110 20.46 -2.46 -27.06
CA GLN J 110 21.40 -2.53 -28.17
C GLN J 110 20.81 -3.26 -29.36
N ARG J 111 20.03 -4.31 -29.14
CA ARG J 111 19.43 -5.05 -30.22
C ARG J 111 18.12 -5.68 -29.75
N GLU J 112 17.28 -6.04 -30.70
CA GLU J 112 15.99 -6.64 -30.38
C GLU J 112 16.17 -7.99 -29.71
N THR J 113 15.36 -8.25 -28.70
CA THR J 113 15.35 -9.56 -28.06
C THR J 113 14.94 -10.60 -29.10
N PRO J 114 15.79 -11.56 -29.42
CA PRO J 114 15.44 -12.54 -30.46
C PRO J 114 14.29 -13.42 -30.03
N GLU J 115 13.62 -14.00 -31.03
CA GLU J 115 12.57 -14.96 -30.73
C GLU J 115 13.19 -16.22 -30.13
N GLY J 116 12.64 -16.68 -29.03
CA GLY J 116 13.23 -17.78 -28.30
C GLY J 116 14.16 -17.38 -27.18
N ALA J 117 14.33 -16.09 -26.93
CA ALA J 117 15.17 -15.58 -25.86
C ALA J 117 14.32 -14.97 -24.76
N GLU J 118 14.83 -15.05 -23.53
CA GLU J 118 14.09 -14.55 -22.38
C GLU J 118 14.12 -13.03 -22.35
N ALA J 119 13.00 -12.43 -21.93
CA ALA J 119 12.90 -10.97 -21.81
C ALA J 119 13.41 -10.55 -20.43
N LYS J 120 14.73 -10.48 -20.31
CA LYS J 120 15.35 -10.18 -19.03
C LYS J 120 15.21 -8.70 -18.70
N PRO J 121 14.93 -8.37 -17.44
CA PRO J 121 14.66 -6.98 -17.07
C PRO J 121 15.92 -6.12 -17.03
N TRP J 122 15.71 -4.82 -17.20
CA TRP J 122 16.79 -3.84 -17.13
C TRP J 122 16.26 -2.55 -16.51
N TYR J 123 17.18 -1.79 -15.90
CA TYR J 123 16.88 -0.55 -15.20
C TYR J 123 17.82 0.54 -15.67
N GLU J 124 17.30 1.76 -15.81
CA GLU J 124 18.12 2.89 -16.24
C GLU J 124 17.73 4.18 -15.53
N PRO J 125 18.54 4.69 -14.60
CA PRO J 125 18.26 6.00 -14.00
C PRO J 125 18.91 7.13 -14.77
N ILE J 126 18.31 8.31 -14.64
CA ILE J 126 18.90 9.54 -15.18
C ILE J 126 18.80 10.64 -14.13
N TYR J 127 19.92 11.31 -13.87
CA TYR J 127 20.02 12.42 -12.93
C TYR J 127 20.46 13.68 -13.65
N LEU J 128 19.81 14.79 -13.32
CA LEU J 128 20.10 16.11 -13.86
C LEU J 128 20.17 17.10 -12.71
N GLY J 129 21.15 18.00 -12.77
CA GLY J 129 21.30 19.02 -11.75
C GLY J 129 22.16 20.15 -12.26
N GLY J 130 21.86 21.36 -11.79
CA GLY J 130 22.63 22.51 -12.20
C GLY J 130 22.07 23.76 -11.59
N VAL J 131 22.84 24.84 -11.68
CA VAL J 131 22.49 26.12 -11.09
C VAL J 131 22.15 27.09 -12.20
N PHE J 132 21.00 27.77 -12.07
CA PHE J 132 20.52 28.68 -13.10
C PHE J 132 19.90 29.92 -12.47
N GLN J 133 20.08 31.07 -13.11
CA GLN J 133 19.42 32.29 -12.67
C GLN J 133 18.02 32.34 -13.27
N LEU J 134 17.01 32.45 -12.42
CA LEU J 134 15.62 32.48 -12.87
C LEU J 134 14.95 33.76 -12.38
N GLU J 135 14.00 34.26 -13.18
CA GLU J 135 13.21 35.42 -12.82
C GLU J 135 11.84 35.02 -12.32
N LYS J 136 11.16 35.98 -11.70
CA LYS J 136 9.81 35.77 -11.19
C LYS J 136 8.86 35.50 -12.34
N GLY J 137 8.14 34.39 -12.26
CA GLY J 137 7.16 34.02 -13.27
C GLY J 137 7.61 32.97 -14.26
N ASP J 138 8.84 32.49 -14.17
CA ASP J 138 9.32 31.45 -15.05
C ASP J 138 8.61 30.13 -14.77
N ARG J 139 8.55 29.27 -15.79
CA ARG J 139 7.89 27.97 -15.69
C ARG J 139 8.88 26.87 -16.06
N LEU J 140 9.29 26.09 -15.07
CA LEU J 140 10.20 24.99 -15.28
C LEU J 140 9.43 23.70 -15.48
N SER J 141 9.89 22.88 -16.43
CA SER J 141 9.25 21.60 -16.73
C SER J 141 10.29 20.49 -16.72
N ALA J 142 9.92 19.35 -16.13
CA ALA J 142 10.75 18.15 -16.15
C ALA J 142 10.02 17.07 -16.92
N GLU J 143 10.51 16.78 -18.13
CA GLU J 143 9.82 15.90 -19.07
C GLU J 143 10.70 14.73 -19.48
N ILE J 144 10.03 13.66 -19.92
CA ILE J 144 10.67 12.51 -20.53
C ILE J 144 9.97 12.25 -21.87
N ASN J 145 10.60 11.43 -22.70
CA ASN J 145 10.03 11.11 -24.00
C ASN J 145 9.28 9.79 -24.02
N ARG J 146 9.54 8.91 -23.06
CA ARG J 146 8.90 7.60 -22.98
C ARG J 146 8.31 7.40 -21.59
N PRO J 147 7.13 7.98 -21.32
CA PRO J 147 6.49 7.75 -20.02
C PRO J 147 6.13 6.29 -19.77
N ASP J 148 5.95 5.50 -20.83
CA ASP J 148 5.62 4.09 -20.67
C ASP J 148 6.75 3.28 -20.03
N TYR J 149 7.99 3.76 -20.11
CA TYR J 149 9.11 3.06 -19.48
C TYR J 149 9.38 3.54 -18.07
N LEU J 150 8.57 4.45 -17.55
CA LEU J 150 8.82 5.00 -16.22
C LEU J 150 8.53 3.96 -15.15
N ASP J 151 9.34 3.98 -14.08
CA ASP J 151 9.25 3.02 -12.99
C ASP J 151 9.16 3.76 -11.66
N PHE J 152 7.97 3.78 -11.08
CA PHE J 152 7.79 4.33 -9.74
C PHE J 152 7.33 3.25 -8.77
N ALA J 153 8.03 2.12 -8.78
CA ALA J 153 7.72 1.04 -7.86
C ALA J 153 8.13 1.39 -6.43
N GLU J 154 9.15 2.22 -6.26
CA GLU J 154 9.60 2.67 -4.96
C GLU J 154 9.42 4.18 -4.83
N SER J 155 9.49 4.67 -3.59
CA SER J 155 9.11 6.05 -3.31
C SER J 155 10.14 7.03 -3.84
N GLY J 156 11.40 6.89 -3.41
CA GLY J 156 12.41 7.90 -3.67
C GLY J 156 13.16 7.79 -4.99
N GLN J 157 12.45 7.40 -6.05
CA GLN J 157 13.09 7.15 -7.34
C GLN J 157 12.85 8.23 -8.39
N VAL J 158 11.69 8.90 -8.40
CA VAL J 158 11.38 9.91 -9.40
C VAL J 158 11.08 11.22 -8.69
N TYR J 159 11.84 12.26 -9.00
CA TYR J 159 11.63 13.52 -8.30
C TYR J 159 12.17 14.68 -9.12
N PHE J 160 11.73 15.88 -8.75
CA PHE J 160 12.01 17.12 -9.48
C PHE J 160 11.95 18.26 -8.48
N GLY J 161 13.04 18.97 -8.30
CA GLY J 161 13.12 20.00 -7.27
C GLY J 161 13.98 21.17 -7.67
N ILE J 162 13.69 22.33 -7.06
CA ILE J 162 14.50 23.53 -7.17
C ILE J 162 14.62 24.14 -5.78
N ILE J 163 15.66 24.95 -5.58
CA ILE J 163 15.81 25.68 -4.33
C ILE J 163 16.66 26.92 -4.55
N ALA J 164 16.18 28.07 -4.09
CA ALA J 164 16.91 29.31 -4.26
C ALA J 164 18.14 29.30 -3.36
N LEU J 165 19.28 29.66 -3.94
CA LEU J 165 20.51 29.77 -3.16
C LEU J 165 20.82 31.20 -2.72
N THR J 166 20.32 32.20 -3.44
CA THR J 166 20.49 33.58 -3.03
C THR J 166 19.48 33.97 -1.96
N ARG K 14 21.23 37.90 -5.84
CA ARG K 14 22.22 38.97 -5.92
C ARG K 14 21.77 40.19 -5.12
N THR K 15 20.59 40.09 -4.51
CA THR K 15 19.96 41.24 -3.84
C THR K 15 20.55 41.52 -2.45
N PRO K 16 20.82 40.51 -1.60
CA PRO K 16 21.49 40.82 -0.32
C PRO K 16 22.97 41.10 -0.52
N SER K 17 23.68 40.12 -1.07
CA SER K 17 25.07 40.26 -1.47
C SER K 17 25.34 39.26 -2.58
N ASP K 18 26.01 39.71 -3.64
CA ASP K 18 26.20 38.86 -4.81
C ASP K 18 27.19 37.73 -4.48
N LYS K 19 26.76 36.51 -4.74
CA LYS K 19 27.44 35.26 -4.41
C LYS K 19 28.15 34.70 -5.65
N PRO K 20 29.42 34.32 -5.52
CA PRO K 20 30.17 33.82 -6.69
C PRO K 20 29.57 32.54 -7.26
N VAL K 21 29.35 32.56 -8.57
CA VAL K 21 28.64 31.49 -9.29
C VAL K 21 29.21 31.36 -10.70
N ALA K 22 29.08 30.16 -11.26
CA ALA K 22 29.57 29.86 -12.60
C ALA K 22 28.84 28.63 -13.13
N HIS K 23 28.38 28.70 -14.39
CA HIS K 23 27.79 27.56 -15.07
C HIS K 23 28.07 27.73 -16.56
N VAL K 24 29.11 27.06 -17.05
CA VAL K 24 29.56 27.18 -18.43
C VAL K 24 29.22 25.90 -19.18
N VAL K 25 29.04 26.02 -20.49
CA VAL K 25 28.64 24.91 -21.34
C VAL K 25 29.70 24.68 -22.42
N ALA K 26 29.60 23.53 -23.07
CA ALA K 26 30.54 23.20 -24.15
C ALA K 26 30.21 24.01 -25.39
N ASN K 27 31.26 24.45 -26.08
CA ASN K 27 31.15 25.23 -27.32
C ASN K 27 30.59 24.36 -28.44
N PRO K 28 29.40 24.67 -28.97
CA PRO K 28 28.86 23.84 -30.06
C PRO K 28 29.67 23.93 -31.34
N GLN K 29 30.33 25.05 -31.61
CA GLN K 29 31.13 25.21 -32.81
C GLN K 29 32.47 24.48 -32.72
N ALA K 30 32.82 23.94 -31.55
CA ALA K 30 34.06 23.20 -31.39
C ALA K 30 34.03 21.89 -32.16
N GLU K 31 35.17 21.50 -32.72
CA GLU K 31 35.32 20.30 -33.54
C GLU K 31 36.04 19.23 -32.74
N GLY K 32 35.28 18.34 -32.11
CA GLY K 32 35.89 17.24 -31.36
C GLY K 32 36.74 17.66 -30.19
N GLN K 33 36.43 18.79 -29.57
CA GLN K 33 37.19 19.28 -28.45
C GLN K 33 36.23 19.88 -27.42
N LEU K 34 36.44 19.53 -26.16
CA LEU K 34 35.63 20.06 -25.06
C LEU K 34 36.15 21.45 -24.72
N GLN K 35 35.42 22.47 -25.14
CA GLN K 35 35.77 23.86 -24.87
C GLN K 35 34.65 24.49 -24.09
N TRP K 36 34.96 25.00 -22.90
CA TRP K 36 33.93 25.59 -22.07
C TRP K 36 33.69 27.03 -22.51
N LEU K 37 32.41 27.38 -22.68
CA LEU K 37 32.00 28.72 -23.04
C LEU K 37 30.86 29.13 -22.11
N ASN K 38 30.61 30.44 -22.01
CA ASN K 38 29.62 30.97 -21.07
C ASN K 38 28.72 32.02 -21.70
N ARG K 39 28.83 32.26 -23.01
CA ARG K 39 28.08 33.28 -23.72
C ARG K 39 26.71 32.79 -24.19
N ARG K 40 26.17 31.74 -23.59
CA ARG K 40 24.92 31.16 -24.05
C ARG K 40 23.74 31.62 -23.20
N ALA K 41 22.54 31.42 -23.75
CA ALA K 41 21.30 31.66 -23.03
C ALA K 41 21.17 30.66 -21.88
N ASN K 42 21.04 31.19 -20.66
CA ASN K 42 20.89 30.38 -19.44
C ASN K 42 22.19 29.72 -19.03
N ALA K 43 23.31 30.40 -19.27
CA ALA K 43 24.63 30.02 -18.81
C ALA K 43 25.28 31.23 -18.15
N LEU K 44 25.92 31.02 -17.01
CA LEU K 44 26.43 32.13 -16.22
C LEU K 44 27.89 31.94 -15.84
N LEU K 45 28.51 33.06 -15.50
CA LEU K 45 29.91 33.16 -15.08
C LEU K 45 30.12 34.55 -14.49
N ALA K 46 29.86 34.71 -13.20
CA ALA K 46 29.80 36.03 -12.62
C ALA K 46 30.39 36.02 -11.21
N ASN K 47 30.73 37.23 -10.74
CA ASN K 47 31.11 37.49 -9.35
C ASN K 47 32.45 36.87 -8.99
N GLY K 48 33.46 37.15 -9.82
CA GLY K 48 34.83 36.81 -9.52
C GLY K 48 35.29 35.48 -10.09
N VAL K 49 34.39 34.53 -10.31
CA VAL K 49 34.80 33.24 -10.86
C VAL K 49 35.26 33.46 -12.30
N GLU K 50 36.49 33.08 -12.60
CA GLU K 50 37.06 33.32 -13.92
C GLU K 50 37.19 32.03 -14.71
N LEU K 51 37.50 32.19 -16.00
CA LEU K 51 37.73 31.08 -16.90
C LEU K 51 39.02 31.36 -17.67
N ARG K 52 40.11 30.71 -17.27
CA ARG K 52 41.41 30.87 -17.89
C ARG K 52 41.95 29.50 -18.24
N ASP K 53 42.48 29.35 -19.46
CA ASP K 53 43.04 28.09 -19.94
C ASP K 53 42.04 26.95 -19.78
N ASN K 54 40.78 27.23 -20.12
CA ASN K 54 39.68 26.27 -20.05
C ASN K 54 39.45 25.75 -18.63
N GLN K 55 39.81 26.57 -17.63
CA GLN K 55 39.64 26.19 -16.24
C GLN K 55 38.88 27.28 -15.49
N LEU K 56 38.26 26.88 -14.39
CA LEU K 56 37.55 27.81 -13.51
C LEU K 56 38.47 28.27 -12.40
N VAL K 57 38.58 29.58 -12.23
CA VAL K 57 39.42 30.19 -11.21
C VAL K 57 38.53 30.70 -10.08
N VAL K 58 38.81 30.24 -8.87
CA VAL K 58 37.99 30.52 -7.68
C VAL K 58 38.42 31.86 -7.09
N PRO K 59 37.48 32.75 -6.71
CA PRO K 59 37.87 34.06 -6.18
C PRO K 59 37.98 34.12 -4.67
N SER K 60 37.21 33.32 -3.95
CA SER K 60 37.13 33.41 -2.50
C SER K 60 37.22 32.03 -1.86
N GLU K 61 37.79 31.99 -0.67
CA GLU K 61 37.84 30.75 0.10
C GLU K 61 36.46 30.44 0.65
N GLY K 62 36.03 29.19 0.52
CA GLY K 62 34.74 28.80 1.04
C GLY K 62 34.34 27.42 0.55
N LEU K 63 33.09 27.08 0.87
CA LEU K 63 32.51 25.81 0.49
C LEU K 63 31.78 25.98 -0.84
N TYR K 64 32.21 25.24 -1.86
CA TYR K 64 31.65 25.32 -3.20
C TYR K 64 30.93 24.04 -3.57
N LEU K 65 29.82 24.18 -4.28
CA LEU K 65 29.18 23.08 -4.99
C LEU K 65 29.75 23.01 -6.40
N ILE K 66 30.32 21.86 -6.75
CA ILE K 66 30.92 21.63 -8.05
C ILE K 66 30.16 20.52 -8.75
N TYR K 67 29.80 20.75 -10.01
CA TYR K 67 29.05 19.76 -10.77
C TYR K 67 29.43 19.87 -12.24
N SER K 68 29.18 18.77 -12.97
CA SER K 68 29.46 18.72 -14.40
C SER K 68 28.76 17.51 -15.00
N GLN K 69 28.28 17.66 -16.23
CA GLN K 69 27.74 16.54 -16.99
C GLN K 69 28.33 16.52 -18.39
N VAL K 70 28.70 15.33 -18.85
CA VAL K 70 29.11 15.14 -20.23
C VAL K 70 28.24 14.05 -20.86
N LEU K 71 28.08 14.12 -22.17
CA LEU K 71 27.28 13.15 -22.92
C LEU K 71 28.10 12.61 -24.08
N PHE K 72 28.25 11.28 -24.14
CA PHE K 72 28.97 10.62 -25.22
C PHE K 72 27.97 9.94 -26.15
N LYS K 73 28.32 9.86 -27.42
CA LYS K 73 27.47 9.23 -28.42
C LYS K 73 28.34 8.43 -29.37
N GLY K 74 27.83 7.28 -29.80
CA GLY K 74 28.59 6.44 -30.70
C GLY K 74 27.67 5.70 -31.66
N GLN K 75 28.26 5.23 -32.75
CA GLN K 75 27.57 4.39 -33.72
C GLN K 75 28.29 3.05 -33.76
N GLY K 76 27.69 2.02 -33.16
CA GLY K 76 28.34 0.73 -33.10
C GLY K 76 29.52 0.72 -32.13
N CYS K 77 30.32 -0.33 -32.25
CA CYS K 77 31.48 -0.51 -31.38
C CYS K 77 32.69 -0.95 -32.20
N PRO K 78 33.83 -0.30 -32.05
CA PRO K 78 35.04 -0.67 -32.78
C PRO K 78 35.70 -1.89 -32.15
N SER K 79 36.79 -2.34 -32.77
CA SER K 79 37.48 -3.53 -32.29
C SER K 79 38.18 -3.26 -30.96
N THR K 80 38.64 -2.04 -30.74
CA THR K 80 39.30 -1.68 -29.49
C THR K 80 38.27 -1.39 -28.40
N HIS K 81 38.65 -1.70 -27.17
CA HIS K 81 37.79 -1.43 -26.03
C HIS K 81 37.62 0.07 -25.85
N VAL K 82 36.42 0.50 -25.49
CA VAL K 82 36.08 1.92 -25.35
C VAL K 82 35.70 2.20 -23.90
N LEU K 83 36.52 2.98 -23.21
CA LEU K 83 36.22 3.46 -21.88
C LEU K 83 35.99 4.96 -21.92
N LEU K 84 34.93 5.42 -21.28
CA LEU K 84 34.58 6.82 -21.19
C LEU K 84 34.78 7.26 -19.76
N THR K 85 35.68 8.22 -19.55
CA THR K 85 35.95 8.72 -18.20
C THR K 85 35.60 10.20 -18.15
N HIS K 86 35.14 10.64 -16.98
CA HIS K 86 34.86 12.05 -16.74
C HIS K 86 35.39 12.40 -15.37
N THR K 87 36.14 13.49 -15.27
CA THR K 87 36.84 13.82 -14.03
C THR K 87 36.86 15.33 -13.81
N ILE K 88 36.53 15.74 -12.59
CA ILE K 88 36.71 17.10 -12.11
C ILE K 88 37.89 17.08 -11.15
N SER K 89 38.89 17.90 -11.43
CA SER K 89 40.13 17.93 -10.67
C SER K 89 40.44 19.35 -10.22
N ARG K 90 41.31 19.45 -9.21
CA ARG K 90 41.62 20.72 -8.57
C ARG K 90 43.12 20.98 -8.60
N ILE K 91 43.47 22.25 -8.82
CA ILE K 91 44.84 22.74 -8.77
C ILE K 91 44.90 23.76 -7.64
N ALA K 92 45.74 23.49 -6.64
CA ALA K 92 45.85 24.39 -5.50
C ALA K 92 46.50 25.69 -5.92
N VAL K 93 46.50 26.65 -5.00
CA VAL K 93 47.01 27.99 -5.33
C VAL K 93 48.54 27.97 -5.43
N SER K 94 49.19 27.04 -4.75
CA SER K 94 50.65 26.99 -4.72
C SER K 94 51.25 25.73 -5.34
N TYR K 95 50.45 24.68 -5.54
CA TYR K 95 50.93 23.42 -6.08
C TYR K 95 50.50 23.30 -7.54
N GLN K 96 51.45 22.96 -8.41
CA GLN K 96 51.13 22.74 -9.81
C GLN K 96 50.52 21.37 -10.08
N THR K 97 50.27 20.58 -9.05
CA THR K 97 49.71 19.25 -9.19
C THR K 97 48.18 19.32 -9.21
N LYS K 98 47.58 18.34 -9.87
CA LYS K 98 46.13 18.24 -9.99
C LYS K 98 45.66 17.03 -9.18
N VAL K 99 44.78 17.28 -8.21
CA VAL K 99 44.14 16.22 -7.44
C VAL K 99 42.74 16.00 -7.99
N ASN K 100 42.37 14.73 -8.18
CA ASN K 100 41.03 14.42 -8.65
C ASN K 100 40.01 14.62 -7.52
N LEU K 101 38.99 15.42 -7.80
CA LEU K 101 37.90 15.64 -6.85
C LEU K 101 36.75 14.69 -7.10
N LEU K 102 36.26 14.63 -8.34
CA LEU K 102 35.18 13.76 -8.74
C LEU K 102 35.61 13.01 -9.99
N SER K 103 35.11 11.78 -10.14
CA SER K 103 35.54 10.95 -11.26
C SER K 103 34.57 9.79 -11.45
N ALA K 104 34.28 9.47 -12.72
CA ALA K 104 33.42 8.34 -13.04
C ALA K 104 33.87 7.71 -14.35
N ILE K 105 33.65 6.40 -14.48
CA ILE K 105 34.04 5.61 -15.63
C ILE K 105 32.84 4.82 -16.12
N LYS K 106 32.72 4.69 -17.45
CA LYS K 106 31.67 3.91 -18.08
C LYS K 106 32.24 3.14 -19.26
N SER K 107 31.66 1.98 -19.53
CA SER K 107 32.13 1.07 -20.58
C SER K 107 30.97 0.75 -21.51
N PRO K 108 30.74 1.59 -22.53
CA PRO K 108 29.58 1.37 -23.40
C PRO K 108 29.74 0.21 -24.35
N CYS K 109 30.96 -0.19 -24.69
CA CYS K 109 31.19 -1.18 -25.74
C CYS K 109 31.78 -2.45 -25.15
N GLN K 110 30.97 -3.51 -25.10
CA GLN K 110 31.46 -4.80 -24.64
C GLN K 110 32.16 -5.54 -25.77
N ARG K 111 31.41 -5.96 -26.79
CA ARG K 111 31.95 -6.63 -27.96
C ARG K 111 31.98 -5.69 -29.15
N GLU K 112 32.83 -6.04 -30.13
CA GLU K 112 32.88 -5.31 -31.38
C GLU K 112 31.64 -5.64 -32.22
N THR K 113 31.09 -4.62 -32.86
CA THR K 113 29.97 -4.80 -33.78
C THR K 113 30.37 -5.73 -34.91
N PRO K 114 29.72 -6.89 -35.07
CA PRO K 114 30.13 -7.81 -36.12
C PRO K 114 29.86 -7.24 -37.51
N GLU K 115 30.59 -7.77 -38.48
CA GLU K 115 30.34 -7.41 -39.86
C GLU K 115 28.99 -7.99 -40.29
N GLY K 116 28.19 -7.15 -40.94
CA GLY K 116 26.84 -7.53 -41.29
C GLY K 116 25.79 -7.07 -40.29
N ALA K 117 26.20 -6.39 -39.23
CA ALA K 117 25.29 -5.85 -38.24
C ALA K 117 25.26 -4.33 -38.32
N GLU K 118 24.13 -3.76 -37.96
CA GLU K 118 23.97 -2.32 -38.05
C GLU K 118 24.75 -1.63 -36.93
N ALA K 119 25.32 -0.47 -37.26
CA ALA K 119 26.04 0.35 -36.29
C ALA K 119 25.03 1.23 -35.56
N LYS K 120 24.32 0.62 -34.62
CA LYS K 120 23.23 1.32 -33.96
C LYS K 120 23.79 2.35 -32.98
N PRO K 121 23.17 3.51 -32.88
CA PRO K 121 23.70 4.56 -32.01
C PRO K 121 23.45 4.28 -30.54
N TRP K 122 24.32 4.85 -29.70
CA TRP K 122 24.21 4.73 -28.26
C TRP K 122 24.63 6.04 -27.63
N TYR K 123 24.10 6.29 -26.42
CA TYR K 123 24.35 7.49 -25.66
C TYR K 123 24.72 7.10 -24.24
N GLU K 124 25.66 7.86 -23.65
CA GLU K 124 26.14 7.62 -22.29
C GLU K 124 26.39 8.95 -21.59
N PRO K 125 25.57 9.33 -20.62
CA PRO K 125 25.89 10.51 -19.83
C PRO K 125 26.69 10.16 -18.58
N ILE K 126 27.48 11.12 -18.12
CA ILE K 126 28.18 11.02 -16.84
C ILE K 126 27.96 12.33 -16.10
N TYR K 127 27.50 12.22 -14.85
CA TYR K 127 27.25 13.37 -14.00
C TYR K 127 28.11 13.26 -12.75
N LEU K 128 28.71 14.39 -12.36
CA LEU K 128 29.53 14.50 -11.18
C LEU K 128 29.09 15.71 -10.37
N GLY K 129 29.03 15.56 -9.05
CA GLY K 129 28.65 16.66 -8.19
C GLY K 129 29.10 16.41 -6.76
N GLY K 130 29.43 17.49 -6.07
CA GLY K 130 29.86 17.37 -4.69
C GLY K 130 30.25 18.72 -4.14
N VAL K 131 30.43 18.76 -2.82
CA VAL K 131 30.78 19.99 -2.11
C VAL K 131 32.22 19.88 -1.62
N PHE K 132 33.02 20.91 -1.90
CA PHE K 132 34.42 20.90 -1.56
C PHE K 132 34.85 22.27 -1.05
N GLN K 133 35.77 22.26 -0.08
CA GLN K 133 36.36 23.49 0.43
C GLN K 133 37.51 23.93 -0.48
N LEU K 134 37.42 25.12 -1.05
CA LEU K 134 38.46 25.66 -1.90
C LEU K 134 38.94 27.00 -1.35
N GLU K 135 40.21 27.30 -1.59
CA GLU K 135 40.77 28.59 -1.21
C GLU K 135 40.83 29.50 -2.44
N LYS K 136 41.01 30.79 -2.17
CA LYS K 136 41.11 31.77 -3.24
C LYS K 136 42.33 31.50 -4.10
N GLY K 137 42.12 31.38 -5.41
CA GLY K 137 43.17 31.12 -6.36
C GLY K 137 43.24 29.69 -6.86
N ASP K 138 42.39 28.80 -6.37
CA ASP K 138 42.36 27.44 -6.87
C ASP K 138 41.86 27.41 -8.30
N ARG K 139 42.04 26.27 -8.96
CA ARG K 139 41.72 26.13 -10.38
C ARG K 139 41.02 24.79 -10.61
N LEU K 140 39.76 24.83 -11.00
CA LEU K 140 38.97 23.63 -11.26
C LEU K 140 38.98 23.31 -12.74
N SER K 141 39.14 22.03 -13.07
CA SER K 141 39.12 21.56 -14.46
C SER K 141 38.18 20.37 -14.60
N ALA K 142 37.39 20.37 -15.68
CA ALA K 142 36.50 19.26 -16.00
C ALA K 142 36.93 18.62 -17.31
N GLU K 143 37.49 17.42 -17.24
CA GLU K 143 38.12 16.78 -18.37
C GLU K 143 37.47 15.43 -18.66
N ILE K 144 37.59 15.00 -19.91
CA ILE K 144 37.21 13.69 -20.37
C ILE K 144 38.41 13.06 -21.06
N ASN K 145 38.35 11.76 -21.27
CA ASN K 145 39.45 11.05 -21.91
C ASN K 145 39.24 10.82 -23.39
N ARG K 146 38.00 10.89 -23.89
CA ARG K 146 37.70 10.64 -25.30
C ARG K 146 36.90 11.81 -25.87
N PRO K 147 37.57 12.92 -26.21
CA PRO K 147 36.84 14.05 -26.80
C PRO K 147 36.15 13.73 -28.11
N ASP K 148 36.63 12.72 -28.84
CA ASP K 148 36.00 12.37 -30.10
C ASP K 148 34.60 11.81 -29.92
N TYR K 149 34.28 11.30 -28.73
CA TYR K 149 32.96 10.76 -28.46
C TYR K 149 32.00 11.79 -27.86
N LEU K 150 32.43 13.03 -27.68
CA LEU K 150 31.58 14.02 -27.03
C LEU K 150 30.41 14.40 -27.94
N ASP K 151 29.25 14.64 -27.34
CA ASP K 151 28.03 14.96 -28.07
C ASP K 151 27.42 16.24 -27.49
N PHE K 152 27.60 17.37 -28.17
CA PHE K 152 26.90 18.57 -27.77
C PHE K 152 26.00 19.05 -28.89
N ALA K 153 25.22 18.12 -29.46
CA ALA K 153 24.28 18.49 -30.51
C ALA K 153 23.12 19.30 -29.98
N GLU K 154 22.75 19.10 -28.73
CA GLU K 154 21.70 19.87 -28.08
C GLU K 154 22.28 20.70 -26.95
N SER K 155 21.45 21.59 -26.40
CA SER K 155 21.93 22.66 -25.55
C SER K 155 22.36 22.15 -24.18
N GLY K 156 21.46 21.51 -23.45
CA GLY K 156 21.71 21.18 -22.06
C GLY K 156 22.36 19.84 -21.80
N GLN K 157 23.31 19.42 -22.66
CA GLN K 157 23.87 18.08 -22.57
C GLN K 157 25.27 18.04 -21.95
N VAL K 158 26.07 19.09 -22.13
CA VAL K 158 27.42 19.17 -21.57
C VAL K 158 27.51 20.47 -20.79
N TYR K 159 27.87 20.39 -19.51
CA TYR K 159 27.96 21.61 -18.71
C TYR K 159 28.88 21.37 -17.52
N PHE K 160 29.30 22.49 -16.92
CA PHE K 160 30.31 22.49 -15.85
C PHE K 160 30.09 23.74 -15.02
N GLY K 161 29.81 23.59 -13.74
CA GLY K 161 29.48 24.73 -12.90
C GLY K 161 29.95 24.59 -11.48
N ILE K 162 30.19 25.73 -10.83
CA ILE K 162 30.49 25.82 -9.40
C ILE K 162 29.72 26.97 -8.79
N ILE K 163 29.50 26.91 -7.48
CA ILE K 163 28.91 28.02 -6.76
C ILE K 163 29.32 27.98 -5.29
N ALA K 164 29.84 29.09 -4.77
CA ALA K 164 30.26 29.14 -3.38
C ALA K 164 29.04 29.20 -2.46
N LEU K 165 29.03 28.32 -1.47
CA LEU K 165 27.99 28.34 -0.43
C LEU K 165 28.47 28.98 0.86
N THR K 166 29.78 28.96 1.10
CA THR K 166 30.43 29.60 2.25
C THR K 166 29.75 29.27 3.57
N ARG L 14 39.21 27.12 7.97
CA ARG L 14 38.77 27.17 6.59
C ARG L 14 37.32 27.63 6.47
N THR L 15 36.61 27.66 7.60
CA THR L 15 35.21 28.07 7.64
C THR L 15 35.07 29.24 8.62
N PRO L 16 35.40 30.46 8.19
CA PRO L 16 35.07 31.63 9.03
C PRO L 16 33.58 31.80 9.24
N SER L 17 32.80 31.76 8.15
CA SER L 17 31.35 31.69 8.24
C SER L 17 30.94 30.22 8.25
N ASP L 18 30.35 29.79 9.36
CA ASP L 18 30.09 28.37 9.58
C ASP L 18 28.76 27.95 8.98
N LYS L 19 28.59 26.63 8.83
CA LYS L 19 27.47 25.95 8.20
C LYS L 19 27.72 24.45 8.28
N PRO L 20 26.76 23.67 8.77
CA PRO L 20 26.99 22.22 8.90
C PRO L 20 27.23 21.58 7.53
N VAL L 21 28.33 20.84 7.43
CA VAL L 21 28.78 20.31 6.14
C VAL L 21 29.48 18.98 6.34
N ALA L 22 29.41 18.14 5.29
CA ALA L 22 30.04 16.83 5.32
C ALA L 22 30.25 16.32 3.90
N HIS L 23 31.45 15.80 3.64
CA HIS L 23 31.78 15.12 2.38
C HIS L 23 32.81 14.07 2.73
N VAL L 24 32.34 12.83 2.89
CA VAL L 24 33.16 11.70 3.29
C VAL L 24 33.34 10.77 2.10
N VAL L 25 34.46 10.05 2.09
CA VAL L 25 34.81 9.17 0.98
C VAL L 25 35.01 7.75 1.51
N ALA L 26 35.04 6.80 0.57
CA ALA L 26 35.23 5.41 0.92
C ALA L 26 36.68 5.13 1.31
N ASN L 27 36.84 4.28 2.32
CA ASN L 27 38.16 3.91 2.79
C ASN L 27 38.86 3.05 1.74
N PRO L 28 39.97 3.49 1.15
CA PRO L 28 40.64 2.65 0.15
C PRO L 28 41.22 1.37 0.73
N GLN L 29 41.61 1.37 2.01
CA GLN L 29 42.15 0.19 2.66
C GLN L 29 41.08 -0.84 3.05
N ALA L 30 39.80 -0.51 2.88
CA ALA L 30 38.74 -1.46 3.20
C ALA L 30 38.76 -2.63 2.22
N GLU L 31 38.47 -3.82 2.74
CA GLU L 31 38.49 -5.05 1.95
C GLU L 31 37.05 -5.46 1.69
N GLY L 32 36.52 -5.06 0.54
CA GLY L 32 35.16 -5.44 0.17
C GLY L 32 34.09 -4.92 1.10
N GLN L 33 34.30 -3.77 1.72
CA GLN L 33 33.30 -3.12 2.55
C GLN L 33 33.26 -1.64 2.21
N LEU L 34 32.15 -1.01 2.56
CA LEU L 34 31.96 0.43 2.33
C LEU L 34 32.02 1.13 3.68
N GLN L 35 33.15 1.79 3.94
CA GLN L 35 33.39 2.51 5.18
C GLN L 35 33.67 3.96 4.84
N TRP L 36 32.88 4.87 5.41
CA TRP L 36 33.04 6.29 5.13
C TRP L 36 34.13 6.88 6.02
N LEU L 37 34.98 7.71 5.43
CA LEU L 37 36.10 8.31 6.13
C LEU L 37 36.16 9.81 5.87
N ASN L 38 36.87 10.50 6.76
CA ASN L 38 37.07 11.94 6.69
C ASN L 38 38.58 12.18 6.62
N ARG L 39 39.11 12.23 5.40
CA ARG L 39 40.51 12.60 5.20
C ARG L 39 40.66 14.12 5.24
N ARG L 40 41.90 14.56 5.46
CA ARG L 40 42.18 15.99 5.42
C ARG L 40 42.25 16.52 3.99
N ALA L 41 42.37 15.62 3.01
CA ALA L 41 42.61 16.01 1.63
C ALA L 41 41.29 15.97 0.86
N ASN L 42 40.60 17.12 0.85
CA ASN L 42 39.39 17.35 0.06
C ASN L 42 38.23 16.50 0.53
N ALA L 43 38.22 16.16 1.81
CA ALA L 43 37.10 15.51 2.47
C ALA L 43 36.85 16.27 3.77
N LEU L 44 35.60 16.57 4.05
CA LEU L 44 35.30 17.44 5.17
C LEU L 44 34.19 16.85 6.03
N LEU L 45 34.11 17.37 7.26
CA LEU L 45 33.13 16.95 8.25
C LEU L 45 33.13 18.00 9.34
N ALA L 46 32.32 19.04 9.20
CA ALA L 46 32.47 20.21 10.05
C ALA L 46 31.12 20.78 10.48
N ASN L 47 31.17 21.53 11.58
CA ASN L 47 30.05 22.34 12.08
C ASN L 47 28.89 21.48 12.55
N GLY L 48 29.19 20.51 13.42
CA GLY L 48 28.19 19.70 14.08
C GLY L 48 27.90 18.36 13.43
N VAL L 49 28.14 18.22 12.12
CA VAL L 49 27.85 16.95 11.46
C VAL L 49 28.77 15.88 11.99
N GLU L 50 28.19 14.78 12.47
CA GLU L 50 28.98 13.71 13.07
C GLU L 50 29.01 12.49 12.15
N LEU L 51 29.89 11.56 12.47
CA LEU L 51 30.00 10.28 11.75
C LEU L 51 30.08 9.17 12.78
N ARG L 52 28.95 8.48 13.00
CA ARG L 52 28.87 7.40 13.97
C ARG L 52 28.23 6.18 13.35
N ASP L 53 28.82 5.01 13.58
CA ASP L 53 28.33 3.74 13.06
C ASP L 53 28.16 3.81 11.55
N ASN L 54 29.14 4.41 10.88
CA ASN L 54 29.17 4.57 9.42
C ASN L 54 27.98 5.36 8.91
N GLN L 55 27.42 6.24 9.75
CA GLN L 55 26.28 7.06 9.40
C GLN L 55 26.60 8.52 9.68
N LEU L 56 25.93 9.41 8.96
CA LEU L 56 26.07 10.85 9.16
C LEU L 56 24.96 11.33 10.09
N VAL L 57 25.35 12.02 11.16
CA VAL L 57 24.42 12.53 12.15
C VAL L 57 24.26 14.02 11.95
N VAL L 58 23.02 14.46 11.79
CA VAL L 58 22.63 15.84 11.47
C VAL L 58 22.54 16.67 12.75
N PRO L 59 23.09 17.89 12.78
CA PRO L 59 23.05 18.67 14.02
C PRO L 59 21.88 19.65 14.14
N SER L 60 21.37 20.17 13.03
CA SER L 60 20.34 21.21 13.06
C SER L 60 19.24 20.88 12.06
N GLU L 61 18.03 21.31 12.39
CA GLU L 61 16.89 21.15 11.49
C GLU L 61 16.97 22.17 10.37
N GLY L 62 16.72 21.71 9.14
CA GLY L 62 16.76 22.60 8.00
C GLY L 62 16.72 21.82 6.70
N LEU L 63 16.93 22.54 5.60
CA LEU L 63 16.95 21.94 4.27
C LEU L 63 18.39 21.59 3.88
N TYR L 64 18.63 20.31 3.63
CA TYR L 64 19.96 19.80 3.33
C TYR L 64 20.04 19.29 1.90
N LEU L 65 21.19 19.52 1.27
CA LEU L 65 21.55 18.90 0.01
C LEU L 65 22.29 17.60 0.32
N ILE L 66 21.74 16.49 -0.17
CA ILE L 66 22.26 15.15 0.05
C ILE L 66 22.69 14.59 -1.29
N TYR L 67 23.90 14.04 -1.34
CA TYR L 67 24.42 13.46 -2.57
C TYR L 67 25.35 12.30 -2.23
N SER L 68 25.52 11.42 -3.20
CA SER L 68 26.42 10.29 -3.03
C SER L 68 26.67 9.67 -4.40
N GLN L 69 27.90 9.19 -4.60
CA GLN L 69 28.24 8.44 -5.81
C GLN L 69 28.96 7.17 -5.42
N VAL L 70 28.58 6.07 -6.06
CA VAL L 70 29.30 4.81 -5.94
C VAL L 70 29.69 4.33 -7.32
N LEU L 71 30.75 3.54 -7.39
CA LEU L 71 31.25 2.97 -8.64
C LEU L 71 31.42 1.47 -8.50
N PHE L 72 30.76 0.71 -9.36
CA PHE L 72 30.86 -0.73 -9.38
C PHE L 72 31.73 -1.15 -10.57
N LYS L 73 32.41 -2.29 -10.42
CA LYS L 73 33.24 -2.84 -11.47
C LYS L 73 33.10 -4.35 -11.47
N GLY L 74 33.12 -4.94 -12.66
CA GLY L 74 32.99 -6.37 -12.78
C GLY L 74 33.82 -6.90 -13.92
N GLN L 75 34.11 -8.20 -13.85
CA GLN L 75 34.82 -8.94 -14.90
C GLN L 75 33.89 -10.06 -15.36
N GLY L 76 33.28 -9.89 -16.52
CA GLY L 76 32.34 -10.90 -16.98
C GLY L 76 31.04 -10.87 -16.18
N CYS L 77 30.26 -11.95 -16.36
CA CYS L 77 28.97 -12.08 -15.71
C CYS L 77 28.78 -13.49 -15.15
N PRO L 78 28.36 -13.61 -13.89
CA PRO L 78 28.12 -14.92 -13.29
C PRO L 78 26.76 -15.48 -13.72
N SER L 79 26.49 -16.70 -13.26
CA SER L 79 25.24 -17.36 -13.62
C SER L 79 24.03 -16.72 -12.93
N THR L 80 24.21 -16.20 -11.73
CA THR L 80 23.12 -15.52 -11.03
C THR L 80 22.97 -14.09 -11.52
N HIS L 81 21.73 -13.60 -11.48
CA HIS L 81 21.47 -12.23 -11.87
C HIS L 81 22.13 -11.28 -10.88
N VAL L 82 22.68 -10.18 -11.40
CA VAL L 82 23.42 -9.20 -10.61
C VAL L 82 22.67 -7.89 -10.68
N LEU L 83 22.10 -7.45 -9.55
CA LEU L 83 21.43 -6.17 -9.45
C LEU L 83 22.26 -5.27 -8.54
N LEU L 84 22.51 -4.05 -8.99
CA LEU L 84 23.27 -3.08 -8.22
C LEU L 84 22.35 -1.95 -7.79
N THR L 85 22.19 -1.78 -6.49
CA THR L 85 21.34 -0.73 -5.94
C THR L 85 22.18 0.24 -5.12
N HIS L 86 21.75 1.49 -5.10
CA HIS L 86 22.39 2.48 -4.24
C HIS L 86 21.29 3.32 -3.60
N THR L 87 21.36 3.48 -2.27
CA THR L 87 20.25 4.10 -1.55
C THR L 87 20.75 4.97 -0.40
N ILE L 88 20.18 6.17 -0.29
CA ILE L 88 20.39 7.06 0.86
C ILE L 88 19.11 7.05 1.68
N SER L 89 19.26 6.75 2.96
CA SER L 89 18.15 6.57 3.89
C SER L 89 18.32 7.46 5.10
N ARG L 90 17.21 7.70 5.80
CA ARG L 90 17.17 8.57 6.97
C ARG L 90 16.55 7.81 8.14
N ILE L 91 17.08 8.06 9.33
CA ILE L 91 16.54 7.52 10.58
C ILE L 91 16.13 8.70 11.43
N ALA L 92 14.85 8.72 11.81
CA ALA L 92 14.34 9.80 12.65
C ALA L 92 14.98 9.72 14.03
N VAL L 93 14.70 10.73 14.85
CA VAL L 93 15.36 10.84 16.15
C VAL L 93 14.90 9.73 17.08
N SER L 94 13.59 9.65 17.33
CA SER L 94 13.07 8.64 18.22
C SER L 94 12.67 7.36 17.50
N TYR L 95 12.74 7.33 16.17
CA TYR L 95 12.26 6.20 15.39
C TYR L 95 13.41 5.34 14.89
N GLN L 96 13.15 4.05 14.76
CA GLN L 96 14.18 3.07 14.46
C GLN L 96 14.26 2.69 12.98
N THR L 97 13.16 2.77 12.24
CA THR L 97 13.15 2.31 10.86
C THR L 97 13.89 3.28 9.94
N LYS L 98 14.32 2.74 8.80
CA LYS L 98 15.04 3.51 7.79
C LYS L 98 14.10 3.75 6.61
N VAL L 99 13.81 5.02 6.32
CA VAL L 99 13.00 5.40 5.16
C VAL L 99 13.95 5.79 4.04
N ASN L 100 13.71 5.26 2.85
CA ASN L 100 14.57 5.58 1.70
C ASN L 100 14.26 6.97 1.17
N LEU L 101 15.29 7.81 1.08
CA LEU L 101 15.16 9.12 0.45
C LEU L 101 15.56 9.07 -1.02
N LEU L 102 16.72 8.49 -1.31
CA LEU L 102 17.18 8.39 -2.69
C LEU L 102 17.54 6.95 -2.99
N SER L 103 17.34 6.53 -4.23
CA SER L 103 17.59 5.15 -4.59
C SER L 103 17.67 5.02 -6.11
N ALA L 104 18.59 4.19 -6.58
CA ALA L 104 18.72 3.90 -8.00
C ALA L 104 19.17 2.47 -8.19
N ILE L 105 18.76 1.89 -9.32
CA ILE L 105 19.03 0.48 -9.63
C ILE L 105 19.68 0.40 -11.01
N LYS L 106 20.62 -0.52 -11.15
CA LYS L 106 21.25 -0.81 -12.43
C LYS L 106 21.45 -2.32 -12.54
N SER L 107 21.38 -2.82 -13.78
CA SER L 107 21.47 -4.25 -14.07
C SER L 107 22.54 -4.46 -15.12
N PRO L 108 23.80 -4.61 -14.70
CA PRO L 108 24.89 -4.68 -15.69
C PRO L 108 24.98 -6.01 -16.41
N CYS L 109 24.49 -7.08 -15.79
CA CYS L 109 24.67 -8.43 -16.31
C CYS L 109 23.32 -8.99 -16.72
N GLN L 110 23.09 -9.09 -18.02
CA GLN L 110 21.88 -9.72 -18.50
C GLN L 110 22.02 -11.23 -18.48
N ARG L 111 22.92 -11.76 -19.30
CA ARG L 111 23.14 -13.19 -19.39
C ARG L 111 24.47 -13.57 -18.75
N GLU L 112 24.64 -14.87 -18.51
CA GLU L 112 25.89 -15.42 -18.01
C GLU L 112 26.93 -15.46 -19.13
N THR L 113 28.17 -15.10 -18.79
CA THR L 113 29.29 -15.22 -19.72
C THR L 113 29.52 -16.69 -20.06
N PRO L 114 29.37 -17.10 -21.31
CA PRO L 114 29.52 -18.53 -21.65
C PRO L 114 30.96 -19.01 -21.49
N GLU L 115 31.10 -20.32 -21.34
CA GLU L 115 32.43 -20.93 -21.32
C GLU L 115 33.05 -20.80 -22.69
N GLY L 116 34.30 -20.35 -22.74
CA GLY L 116 34.96 -20.04 -23.97
C GLY L 116 34.89 -18.58 -24.40
N ALA L 117 34.23 -17.73 -23.60
CA ALA L 117 34.14 -16.31 -23.87
C ALA L 117 34.94 -15.53 -22.83
N GLU L 118 35.45 -14.39 -23.25
CA GLU L 118 36.28 -13.58 -22.38
C GLU L 118 35.43 -12.91 -21.30
N ALA L 119 35.99 -12.78 -20.11
CA ALA L 119 35.32 -12.09 -19.00
C ALA L 119 35.67 -10.60 -19.12
N LYS L 120 34.97 -9.93 -20.03
CA LYS L 120 35.31 -8.54 -20.33
C LYS L 120 34.88 -7.64 -19.18
N PRO L 121 35.70 -6.66 -18.80
CA PRO L 121 35.37 -5.80 -17.67
C PRO L 121 34.29 -4.79 -18.01
N TRP L 122 33.59 -4.36 -16.97
CA TRP L 122 32.54 -3.36 -17.07
C TRP L 122 32.52 -2.49 -15.83
N TYR L 123 32.01 -1.27 -15.99
CA TYR L 123 31.93 -0.28 -14.92
C TYR L 123 30.53 0.28 -14.87
N GLU L 124 30.03 0.54 -13.66
CA GLU L 124 28.70 1.14 -13.49
C GLU L 124 28.67 2.12 -12.32
N PRO L 125 28.57 3.42 -12.59
CA PRO L 125 28.40 4.40 -11.51
C PRO L 125 26.93 4.63 -11.18
N ILE L 126 26.68 5.07 -9.95
CA ILE L 126 25.36 5.52 -9.53
C ILE L 126 25.51 6.82 -8.76
N TYR L 127 24.76 7.85 -9.16
CA TYR L 127 24.77 9.14 -8.50
C TYR L 127 23.37 9.48 -7.99
N LEU L 128 23.32 9.98 -6.76
CA LEU L 128 22.08 10.36 -6.11
C LEU L 128 22.23 11.75 -5.53
N GLY L 129 21.20 12.57 -5.67
CA GLY L 129 21.22 13.91 -5.12
C GLY L 129 19.82 14.46 -4.97
N GLY L 130 19.62 15.29 -3.95
CA GLY L 130 18.32 15.90 -3.72
C GLY L 130 18.36 16.73 -2.47
N VAL L 131 17.30 17.53 -2.29
CA VAL L 131 17.16 18.42 -1.14
C VAL L 131 16.05 17.89 -0.26
N PHE L 132 16.32 17.78 1.04
CA PHE L 132 15.37 17.20 1.97
C PHE L 132 15.38 17.96 3.28
N GLN L 133 14.21 18.02 3.92
CA GLN L 133 14.09 18.61 5.24
C GLN L 133 14.49 17.57 6.27
N LEU L 134 15.46 17.92 7.12
CA LEU L 134 15.95 17.03 8.16
C LEU L 134 15.82 17.70 9.52
N GLU L 135 15.54 16.90 10.55
CA GLU L 135 15.48 17.38 11.92
C GLU L 135 16.76 17.02 12.66
N LYS L 136 16.96 17.66 13.81
CA LYS L 136 18.15 17.43 14.63
C LYS L 136 18.14 15.99 15.14
N GLY L 137 19.22 15.26 14.88
CA GLY L 137 19.37 13.90 15.35
C GLY L 137 19.10 12.82 14.32
N ASP L 138 18.70 13.20 13.10
CA ASP L 138 18.49 12.22 12.05
C ASP L 138 19.81 11.59 11.61
N ARG L 139 19.74 10.31 11.23
CA ARG L 139 20.92 9.55 10.84
C ARG L 139 20.79 9.14 9.38
N LEU L 140 21.64 9.68 8.52
CA LEU L 140 21.63 9.38 7.10
C LEU L 140 22.65 8.30 6.77
N SER L 141 22.25 7.36 5.92
CA SER L 141 23.12 6.26 5.50
C SER L 141 23.13 6.17 3.98
N ALA L 142 24.32 5.96 3.43
CA ALA L 142 24.49 5.72 2.00
C ALA L 142 24.97 4.28 1.86
N GLU L 143 24.10 3.41 1.36
CA GLU L 143 24.35 1.99 1.34
C GLU L 143 24.26 1.46 -0.09
N ILE L 144 24.91 0.31 -0.27
CA ILE L 144 24.87 -0.48 -1.49
C ILE L 144 24.45 -1.91 -1.12
N ASN L 145 24.05 -2.68 -2.12
CA ASN L 145 23.63 -4.05 -1.89
C ASN L 145 24.70 -5.08 -2.18
N ARG L 146 25.70 -4.74 -3.00
CA ARG L 146 26.77 -5.65 -3.39
C ARG L 146 28.12 -4.99 -3.13
N PRO L 147 28.60 -5.00 -1.89
CA PRO L 147 29.91 -4.41 -1.60
C PRO L 147 31.04 -5.09 -2.34
N ASP L 148 30.88 -6.37 -2.71
CA ASP L 148 31.94 -7.07 -3.41
C ASP L 148 32.19 -6.50 -4.80
N TYR L 149 31.23 -5.79 -5.38
CA TYR L 149 31.39 -5.17 -6.69
C TYR L 149 31.90 -3.73 -6.61
N LEU L 150 32.16 -3.22 -5.41
CA LEU L 150 32.56 -1.83 -5.25
C LEU L 150 33.98 -1.61 -5.77
N ASP L 151 34.21 -0.44 -6.37
CA ASP L 151 35.51 -0.08 -6.94
C ASP L 151 35.93 1.28 -6.40
N PHE L 152 36.86 1.29 -5.43
CA PHE L 152 37.43 2.55 -4.98
C PHE L 152 38.93 2.57 -5.24
N ALA L 153 39.32 2.19 -6.46
CA ALA L 153 40.73 2.23 -6.85
C ALA L 153 41.25 3.64 -7.04
N GLU L 154 40.38 4.61 -7.31
CA GLU L 154 40.77 6.00 -7.50
C GLU L 154 40.04 6.87 -6.49
N SER L 155 40.51 8.11 -6.37
CA SER L 155 40.15 8.93 -5.22
C SER L 155 38.69 9.37 -5.27
N GLY L 156 38.29 10.09 -6.32
CA GLY L 156 36.99 10.73 -6.34
C GLY L 156 35.83 9.93 -6.90
N GLN L 157 35.83 8.61 -6.65
CA GLN L 157 34.84 7.73 -7.28
C GLN L 157 33.72 7.32 -6.34
N VAL L 158 33.98 7.21 -5.03
CA VAL L 158 32.98 6.84 -4.04
C VAL L 158 32.95 7.94 -2.99
N TYR L 159 31.77 8.54 -2.79
CA TYR L 159 31.66 9.62 -1.81
C TYR L 159 30.21 9.81 -1.39
N PHE L 160 30.04 10.54 -0.29
CA PHE L 160 28.75 10.73 0.37
C PHE L 160 28.81 12.04 1.12
N GLY L 161 27.91 12.98 0.81
CA GLY L 161 27.97 14.29 1.41
C GLY L 161 26.62 14.91 1.64
N ILE L 162 26.55 15.81 2.63
CA ILE L 162 25.38 16.65 2.90
C ILE L 162 25.85 18.06 3.23
N ILE L 163 24.97 19.03 2.97
CA ILE L 163 25.25 20.41 3.37
C ILE L 163 23.94 21.18 3.55
N ALA L 164 23.79 21.85 4.69
CA ALA L 164 22.59 22.61 4.97
C ALA L 164 22.54 23.88 4.12
N LEU L 165 21.39 24.12 3.48
CA LEU L 165 21.20 25.34 2.70
C LEU L 165 20.48 26.43 3.47
N THR L 166 19.66 26.05 4.45
CA THR L 166 19.00 27.03 5.31
C THR L 166 19.94 27.50 6.40
N GLU M 4 37.47 23.04 -43.42
CA GLU M 4 38.24 23.38 -42.23
C GLU M 4 39.59 22.64 -42.20
N ILE M 5 39.59 21.37 -42.61
CA ILE M 5 40.78 20.54 -42.58
C ILE M 5 41.30 20.40 -44.01
N VAL M 6 42.60 20.64 -44.19
CA VAL M 6 43.26 20.58 -45.48
C VAL M 6 44.28 19.45 -45.43
N LEU M 7 44.24 18.59 -46.45
CA LEU M 7 45.15 17.46 -46.54
C LEU M 7 46.26 17.75 -47.53
N THR M 8 47.50 17.55 -47.10
CA THR M 8 48.68 17.62 -47.92
C THR M 8 49.26 16.22 -48.08
N GLN M 9 49.82 15.94 -49.26
CA GLN M 9 50.39 14.63 -49.53
C GLN M 9 51.71 14.82 -50.26
N SER M 10 52.80 14.34 -49.66
CA SER M 10 54.13 14.52 -50.23
C SER M 10 54.86 13.19 -50.33
N PRO M 11 55.55 12.96 -51.45
CA PRO M 11 55.64 13.91 -52.57
C PRO M 11 54.53 13.69 -53.59
N ALA M 12 54.39 14.60 -54.54
CA ALA M 12 53.39 14.43 -55.59
C ALA M 12 53.75 13.26 -56.49
N THR M 13 55.02 13.14 -56.85
CA THR M 13 55.51 12.05 -57.69
C THR M 13 56.68 11.40 -56.96
N LEU M 14 56.69 10.08 -56.92
CA LEU M 14 57.74 9.31 -56.27
C LEU M 14 58.25 8.28 -57.27
N SER M 15 59.54 8.37 -57.62
CA SER M 15 60.17 7.49 -58.61
C SER M 15 61.21 6.59 -57.94
N LEU M 16 60.94 5.28 -57.90
CA LEU M 16 61.86 4.32 -57.31
C LEU M 16 61.99 3.10 -58.22
N SER M 17 62.95 2.26 -57.90
CA SER M 17 63.18 1.00 -58.57
C SER M 17 62.55 -0.13 -57.76
N PRO M 18 62.17 -1.23 -58.41
CA PRO M 18 61.64 -2.37 -57.67
C PRO M 18 62.63 -2.87 -56.63
N GLY M 19 62.13 -3.07 -55.42
CA GLY M 19 62.94 -3.53 -54.31
C GLY M 19 63.25 -2.47 -53.28
N GLU M 20 63.15 -1.19 -53.64
CA GLU M 20 63.45 -0.11 -52.72
C GLU M 20 62.24 0.18 -51.82
N ARG M 21 62.48 0.93 -50.75
CA ARG M 21 61.44 1.29 -49.82
C ARG M 21 60.80 2.61 -50.22
N ALA M 22 59.48 2.65 -50.21
CA ALA M 22 58.72 3.86 -50.50
C ALA M 22 58.18 4.42 -49.19
N THR M 23 58.33 5.73 -49.01
CA THR M 23 57.85 6.43 -47.82
C THR M 23 56.94 7.58 -48.28
N LEU M 24 55.64 7.44 -48.04
CA LEU M 24 54.65 8.41 -48.44
C LEU M 24 54.15 9.18 -47.23
N SER M 25 53.96 10.48 -47.41
CA SER M 25 53.65 11.40 -46.32
C SER M 25 52.28 12.04 -46.53
N CYS M 26 51.50 12.12 -45.44
CA CYS M 26 50.18 12.75 -45.43
C CYS M 26 50.10 13.64 -44.20
N ARG M 27 49.83 14.92 -44.39
CA ARG M 27 49.74 15.89 -43.29
C ARG M 27 48.38 16.56 -43.29
N ALA M 28 47.87 16.84 -42.10
CA ALA M 28 46.56 17.47 -41.93
C ALA M 28 46.72 18.81 -41.22
N SER M 29 45.95 19.80 -41.67
CA SER M 29 46.03 21.13 -41.07
C SER M 29 45.63 21.12 -39.60
N GLN M 30 44.76 20.20 -39.21
CA GLN M 30 44.38 20.03 -37.82
C GLN M 30 44.34 18.54 -37.51
N SER M 31 44.40 18.21 -36.24
CA SER M 31 44.48 16.81 -35.84
C SER M 31 43.20 16.06 -36.15
N VAL M 32 43.35 14.85 -36.66
CA VAL M 32 42.21 13.95 -36.87
C VAL M 32 42.35 12.70 -36.01
N TYR M 33 43.16 12.78 -34.95
CA TYR M 33 43.46 11.64 -34.08
C TYR M 33 44.04 10.53 -34.94
N SER M 34 43.46 9.34 -34.98
CA SER M 34 43.94 8.27 -35.86
C SER M 34 42.89 7.86 -36.88
N TYR M 35 41.91 8.72 -37.15
CA TYR M 35 40.86 8.41 -38.11
C TYR M 35 41.34 8.80 -39.51
N LEU M 36 42.29 8.00 -40.01
CA LEU M 36 42.90 8.23 -41.30
C LEU M 36 43.16 6.90 -41.97
N ALA M 37 42.82 6.81 -43.26
CA ALA M 37 42.97 5.58 -44.04
C ALA M 37 43.81 5.84 -45.28
N TRP M 38 44.35 4.75 -45.83
CA TRP M 38 45.15 4.78 -47.06
C TRP M 38 44.54 3.83 -48.08
N TYR M 39 44.36 4.34 -49.29
CA TYR M 39 43.80 3.63 -50.43
C TYR M 39 44.81 3.58 -51.56
N GLN M 40 44.77 2.49 -52.31
CA GLN M 40 45.59 2.29 -53.51
C GLN M 40 44.68 2.24 -54.73
N GLN M 41 45.09 2.91 -55.80
CA GLN M 41 44.38 2.86 -57.08
C GLN M 41 45.37 2.55 -58.20
N LYS M 42 45.23 1.38 -58.80
CA LYS M 42 45.98 0.94 -59.95
C LYS M 42 45.30 1.44 -61.24
N PRO M 43 46.04 1.53 -62.34
CA PRO M 43 45.44 2.02 -63.59
C PRO M 43 44.25 1.18 -64.01
N GLY M 44 43.10 1.83 -64.19
CA GLY M 44 41.91 1.17 -64.68
C GLY M 44 41.10 0.42 -63.66
N GLN M 45 41.27 0.70 -62.37
CA GLN M 45 40.54 -0.03 -61.34
C GLN M 45 39.99 0.93 -60.30
N ALA M 46 39.07 0.41 -59.49
CA ALA M 46 38.53 1.14 -58.37
C ALA M 46 39.56 1.18 -57.24
N PRO M 47 39.46 2.19 -56.37
CA PRO M 47 40.39 2.25 -55.24
C PRO M 47 40.25 1.02 -54.34
N ARG M 48 41.30 0.79 -53.56
CA ARG M 48 41.43 -0.40 -52.73
C ARG M 48 41.89 0.03 -51.36
N LEU M 49 41.15 -0.35 -50.32
CA LEU M 49 41.51 0.03 -48.96
C LEU M 49 42.79 -0.68 -48.55
N LEU M 50 43.82 0.09 -48.19
CA LEU M 50 45.09 -0.47 -47.73
C LEU M 50 45.21 -0.45 -46.21
N ILE M 51 45.09 0.73 -45.60
CA ILE M 51 45.29 0.89 -44.17
C ILE M 51 44.09 1.62 -43.60
N TYR M 52 43.65 1.21 -42.42
CA TYR M 52 42.58 1.91 -41.73
C TYR M 52 42.98 2.19 -40.28
N ASP M 53 42.48 3.30 -39.75
CA ASP M 53 42.81 3.77 -38.41
C ASP M 53 44.32 3.86 -38.24
N ALA M 54 44.95 4.51 -39.23
CA ALA M 54 46.37 4.86 -39.23
C ALA M 54 47.30 3.67 -39.44
N SER M 55 47.16 2.60 -38.64
CA SER M 55 48.17 1.53 -38.66
C SER M 55 47.65 0.13 -38.91
N ASN M 56 46.34 -0.09 -38.99
CA ASN M 56 45.81 -1.43 -39.16
C ASN M 56 45.76 -1.78 -40.64
N ARG M 57 46.25 -2.97 -40.98
CA ARG M 57 46.34 -3.41 -42.37
C ARG M 57 45.07 -4.18 -42.74
N ALA M 58 44.49 -3.81 -43.89
CA ALA M 58 43.24 -4.44 -44.32
C ALA M 58 43.47 -5.89 -44.76
N THR M 59 42.38 -6.64 -44.78
CA THR M 59 42.43 -8.07 -45.08
C THR M 59 42.87 -8.30 -46.52
N GLY M 60 43.81 -9.21 -46.72
CA GLY M 60 44.30 -9.53 -48.04
C GLY M 60 45.36 -8.59 -48.57
N ILE M 61 45.83 -7.65 -47.77
CA ILE M 61 46.84 -6.69 -48.22
C ILE M 61 48.21 -7.24 -47.86
N PRO M 62 49.18 -7.25 -48.79
CA PRO M 62 50.49 -7.82 -48.47
C PRO M 62 51.16 -7.11 -47.30
N ALA M 63 51.98 -7.87 -46.58
CA ALA M 63 52.56 -7.38 -45.33
C ALA M 63 53.60 -6.28 -45.52
N ARG M 64 54.01 -6.00 -46.76
CA ARG M 64 54.98 -4.93 -46.98
C ARG M 64 54.36 -3.54 -46.80
N PHE M 65 53.04 -3.40 -46.87
CA PHE M 65 52.39 -2.13 -46.61
C PHE M 65 52.18 -1.92 -45.11
N SER M 66 52.54 -0.74 -44.62
CA SER M 66 52.37 -0.43 -43.20
C SER M 66 52.11 1.06 -43.03
N GLY M 67 51.24 1.40 -42.07
CA GLY M 67 50.93 2.78 -41.77
C GLY M 67 51.37 3.16 -40.36
N SER M 68 51.71 4.43 -40.19
CA SER M 68 52.09 4.94 -38.88
C SER M 68 51.76 6.44 -38.84
N GLY M 69 51.86 7.01 -37.66
CA GLY M 69 51.60 8.41 -37.45
C GLY M 69 50.32 8.64 -36.65
N SER M 70 50.15 9.90 -36.24
CA SER M 70 48.97 10.30 -35.47
C SER M 70 48.79 11.80 -35.60
N GLY M 71 47.67 12.27 -35.07
CA GLY M 71 47.37 13.69 -35.04
C GLY M 71 47.37 14.34 -36.41
N THR M 72 48.45 15.04 -36.75
CA THR M 72 48.57 15.73 -38.02
C THR M 72 49.53 15.05 -39.00
N ASP M 73 50.37 14.11 -38.55
CA ASP M 73 51.39 13.54 -39.42
C ASP M 73 51.19 12.05 -39.57
N PHE M 74 51.11 11.59 -40.82
CA PHE M 74 50.88 10.19 -41.14
C PHE M 74 51.82 9.76 -42.25
N THR M 75 52.17 8.47 -42.23
CA THR M 75 53.16 7.89 -43.10
C THR M 75 52.69 6.52 -43.56
N LEU M 76 52.86 6.25 -44.84
CA LEU M 76 52.63 4.92 -45.42
C LEU M 76 53.97 4.42 -45.96
N THR M 77 54.40 3.26 -45.48
CA THR M 77 55.68 2.68 -45.84
C THR M 77 55.44 1.39 -46.63
N ILE M 78 56.07 1.29 -47.81
CA ILE M 78 56.12 0.05 -48.57
C ILE M 78 57.56 -0.41 -48.53
N SER M 79 57.82 -1.46 -47.75
CA SER M 79 59.21 -1.81 -47.42
C SER M 79 60.00 -2.23 -48.65
N SER M 80 59.37 -2.87 -49.63
CA SER M 80 60.07 -3.33 -50.81
C SER M 80 59.10 -3.31 -51.99
N LEU M 81 59.31 -2.39 -52.93
CA LEU M 81 58.37 -2.22 -54.04
C LEU M 81 58.39 -3.40 -54.98
N GLU M 82 57.21 -3.91 -55.30
CA GLU M 82 56.97 -4.91 -56.32
C GLU M 82 56.34 -4.25 -57.53
N PRO M 83 56.40 -4.88 -58.71
CA PRO M 83 55.78 -4.25 -59.89
C PRO M 83 54.31 -3.90 -59.69
N GLU M 84 53.55 -4.75 -59.01
CA GLU M 84 52.15 -4.45 -58.75
C GLU M 84 51.94 -3.26 -57.82
N ASP M 85 52.98 -2.85 -57.08
CA ASP M 85 52.83 -1.77 -56.11
C ASP M 85 52.88 -0.38 -56.76
N PHE M 86 53.17 -0.29 -58.04
CA PHE M 86 53.25 1.00 -58.73
C PHE M 86 51.84 1.47 -59.05
N ALA M 87 51.36 2.47 -58.32
CA ALA M 87 50.00 2.93 -58.40
C ALA M 87 49.91 4.33 -57.80
N VAL M 88 48.69 4.80 -57.58
CA VAL M 88 48.45 6.08 -56.92
C VAL M 88 47.90 5.80 -55.53
N TYR M 89 48.39 6.52 -54.53
CA TYR M 89 48.01 6.28 -53.15
C TYR M 89 47.36 7.53 -52.58
N TYR M 90 46.19 7.36 -51.95
CA TYR M 90 45.46 8.47 -51.35
C TYR M 90 45.29 8.24 -49.86
N CYS M 91 45.42 9.31 -49.08
CA CYS M 91 45.01 9.27 -47.69
C CYS M 91 43.66 9.95 -47.55
N GLN M 92 42.86 9.44 -46.61
CA GLN M 92 41.53 9.97 -46.35
C GLN M 92 41.43 10.23 -44.85
N GLN M 93 41.15 11.48 -44.49
CA GLN M 93 40.82 11.79 -43.10
C GLN M 93 39.34 11.58 -42.90
N ARG M 94 38.97 10.97 -41.79
CA ARG M 94 37.60 10.50 -41.58
C ARG M 94 36.90 11.24 -40.44
N SER M 95 37.16 12.55 -40.32
CA SER M 95 36.41 13.38 -39.39
C SER M 95 35.20 13.97 -40.13
N ASN M 96 34.57 14.99 -39.52
CA ASN M 96 33.35 15.59 -40.05
C ASN M 96 33.57 16.98 -40.65
N TRP M 97 34.78 17.55 -40.54
CA TRP M 97 34.98 18.93 -41.01
C TRP M 97 36.19 19.10 -41.92
N PRO M 98 36.01 18.90 -43.24
CA PRO M 98 34.83 18.37 -43.92
C PRO M 98 34.84 16.85 -43.92
N PRO M 99 33.69 16.23 -44.20
CA PRO M 99 33.59 14.77 -44.05
C PRO M 99 34.37 14.02 -45.14
N PHE M 100 35.13 13.02 -44.70
CA PHE M 100 35.65 11.97 -45.59
C PHE M 100 36.50 12.54 -46.72
N THR M 101 37.30 13.56 -46.41
CA THR M 101 38.12 14.23 -47.42
C THR M 101 39.31 13.37 -47.83
N PHE M 102 39.53 13.28 -49.15
CA PHE M 102 40.68 12.60 -49.73
C PHE M 102 41.85 13.55 -49.96
N GLY M 103 43.06 13.03 -49.85
CA GLY M 103 44.24 13.82 -50.14
C GLY M 103 44.50 13.93 -51.63
N PRO M 104 45.47 14.77 -51.98
CA PRO M 104 45.75 15.03 -53.41
C PRO M 104 46.30 13.84 -54.15
N GLY M 105 46.83 12.84 -53.47
CA GLY M 105 47.35 11.65 -54.10
C GLY M 105 48.85 11.73 -54.35
N THR M 106 49.49 10.57 -54.32
CA THR M 106 50.90 10.40 -54.62
C THR M 106 51.02 9.31 -55.67
N LYS M 107 51.81 9.56 -56.70
CA LYS M 107 52.05 8.56 -57.74
C LYS M 107 53.42 7.94 -57.51
N VAL M 108 53.45 6.62 -57.43
CA VAL M 108 54.71 5.86 -57.29
C VAL M 108 55.04 5.28 -58.66
N ASP M 109 56.18 5.68 -59.22
CA ASP M 109 56.58 5.27 -60.56
C ASP M 109 57.97 4.65 -60.54
N ILE M 110 58.37 4.11 -61.70
CA ILE M 110 59.69 3.52 -61.92
C ILE M 110 60.63 4.61 -62.41
N LYS M 111 61.92 4.47 -62.10
CA LYS M 111 62.94 5.34 -62.68
C LYS M 111 63.13 5.02 -64.16
N GLU N 4 46.05 -11.25 5.37
CA GLU N 4 44.93 -10.64 6.09
C GLU N 4 43.88 -11.70 6.42
N ILE N 5 43.67 -12.64 5.49
CA ILE N 5 42.70 -13.71 5.68
C ILE N 5 43.50 -14.97 6.02
N VAL N 6 43.10 -15.67 7.07
CA VAL N 6 43.77 -16.89 7.51
C VAL N 6 42.77 -18.03 7.39
N LEU N 7 43.18 -19.11 6.74
CA LEU N 7 42.34 -20.28 6.54
C LEU N 7 42.74 -21.40 7.49
N THR N 8 41.76 -21.94 8.20
CA THR N 8 41.91 -23.10 9.06
C THR N 8 41.13 -24.26 8.45
N GLN N 9 41.65 -25.47 8.62
CA GLN N 9 40.99 -26.66 8.08
C GLN N 9 41.06 -27.75 9.13
N SER N 10 39.90 -28.21 9.57
CA SER N 10 39.84 -29.24 10.62
C SER N 10 38.93 -30.40 10.20
N PRO N 11 39.37 -31.64 10.47
CA PRO N 11 40.63 -31.97 11.13
C PRO N 11 41.81 -32.11 10.17
N ALA N 12 43.02 -32.20 10.74
CA ALA N 12 44.21 -32.39 9.91
C ALA N 12 44.23 -33.77 9.26
N THR N 13 43.87 -34.80 10.01
CA THR N 13 43.86 -36.17 9.53
C THR N 13 42.51 -36.80 9.85
N LEU N 14 41.92 -37.49 8.87
CA LEU N 14 40.64 -38.18 9.02
C LEU N 14 40.79 -39.64 8.63
N SER N 15 40.56 -40.54 9.59
CA SER N 15 40.69 -41.98 9.36
C SER N 15 39.31 -42.61 9.47
N LEU N 16 38.79 -43.10 8.34
CA LEU N 16 37.48 -43.73 8.29
C LEU N 16 37.55 -44.97 7.42
N SER N 17 36.47 -45.76 7.47
CA SER N 17 36.19 -46.96 6.71
C SER N 17 35.28 -46.64 5.52
N PRO N 18 35.35 -47.44 4.46
CA PRO N 18 34.45 -47.23 3.31
C PRO N 18 32.99 -47.34 3.72
N GLY N 19 32.19 -46.35 3.29
CA GLY N 19 30.77 -46.30 3.58
C GLY N 19 30.37 -45.25 4.59
N GLU N 20 31.30 -44.76 5.40
CA GLU N 20 30.96 -43.79 6.44
C GLU N 20 30.91 -42.36 5.88
N ARG N 21 30.31 -41.47 6.67
CA ARG N 21 30.14 -40.07 6.29
C ARG N 21 31.34 -39.25 6.78
N ALA N 22 31.78 -38.32 5.93
CA ALA N 22 32.94 -37.48 6.22
C ALA N 22 32.50 -36.02 6.26
N THR N 23 32.93 -35.31 7.32
CA THR N 23 32.60 -33.90 7.50
C THR N 23 33.91 -33.12 7.69
N LEU N 24 34.27 -32.32 6.68
CA LEU N 24 35.48 -31.51 6.68
C LEU N 24 35.10 -30.05 6.89
N SER N 25 35.91 -29.34 7.66
CA SER N 25 35.63 -27.97 8.05
C SER N 25 36.73 -27.03 7.55
N CYS N 26 36.30 -25.87 7.05
CA CYS N 26 37.18 -24.79 6.58
C CYS N 26 36.66 -23.49 7.16
N ARG N 27 37.53 -22.76 7.87
CA ARG N 27 37.19 -21.50 8.51
C ARG N 27 38.09 -20.39 8.01
N ALA N 28 37.54 -19.18 7.92
CA ALA N 28 38.29 -18.01 7.49
C ALA N 28 38.30 -16.96 8.60
N SER N 29 39.44 -16.31 8.78
CA SER N 29 39.55 -15.30 9.83
C SER N 29 38.63 -14.12 9.58
N GLN N 30 38.32 -13.85 8.31
CA GLN N 30 37.39 -12.78 7.95
C GLN N 30 36.44 -13.31 6.88
N SER N 31 35.33 -12.60 6.70
CA SER N 31 34.29 -13.06 5.80
C SER N 31 34.76 -13.03 4.35
N VAL N 32 34.50 -14.12 3.63
CA VAL N 32 34.82 -14.24 2.22
C VAL N 32 33.54 -14.43 1.39
N TYR N 33 32.39 -14.08 1.96
CA TYR N 33 31.08 -14.23 1.35
C TYR N 33 30.93 -15.70 0.96
N SER N 34 30.66 -16.03 -0.30
CA SER N 34 30.55 -17.41 -0.74
C SER N 34 31.58 -17.73 -1.82
N TYR N 35 32.65 -16.93 -1.90
CA TYR N 35 33.71 -17.12 -2.90
C TYR N 35 34.74 -18.10 -2.35
N LEU N 36 34.32 -19.36 -2.25
CA LEU N 36 35.18 -20.42 -1.71
C LEU N 36 34.96 -21.71 -2.49
N ALA N 37 36.05 -22.42 -2.76
CA ALA N 37 36.03 -23.66 -3.52
C ALA N 37 36.69 -24.78 -2.72
N TRP N 38 36.39 -26.02 -3.11
CA TRP N 38 36.97 -27.23 -2.53
C TRP N 38 37.60 -28.05 -3.65
N TYR N 39 38.85 -28.46 -3.42
CA TYR N 39 39.64 -29.25 -4.36
C TYR N 39 40.05 -30.58 -3.74
N GLN N 40 40.10 -31.62 -4.57
CA GLN N 40 40.56 -32.95 -4.18
C GLN N 40 41.86 -33.26 -4.89
N GLN N 41 42.83 -33.80 -4.14
CA GLN N 41 44.10 -34.24 -4.70
C GLN N 41 44.39 -35.64 -4.22
N LYS N 42 44.37 -36.60 -5.15
CA LYS N 42 44.76 -37.97 -4.87
C LYS N 42 46.29 -38.10 -4.98
N PRO N 43 46.86 -39.11 -4.33
CA PRO N 43 48.32 -39.28 -4.38
C PRO N 43 48.85 -39.43 -5.80
N GLY N 44 49.79 -38.57 -6.17
CA GLY N 44 50.43 -38.67 -7.46
C GLY N 44 49.66 -38.04 -8.62
N GLN N 45 48.71 -37.16 -8.33
CA GLN N 45 47.90 -36.54 -9.36
C GLN N 45 47.79 -35.04 -9.08
N ALA N 46 47.34 -34.30 -10.08
CA ALA N 46 47.06 -32.90 -9.93
C ALA N 46 45.74 -32.71 -9.17
N PRO N 47 45.54 -31.56 -8.54
CA PRO N 47 44.26 -31.31 -7.85
C PRO N 47 43.08 -31.33 -8.80
N ARG N 48 41.90 -31.55 -8.22
CA ARG N 48 40.65 -31.70 -8.97
C ARG N 48 39.58 -30.87 -8.28
N LEU N 49 38.94 -29.96 -9.01
CA LEU N 49 37.92 -29.09 -8.46
C LEU N 49 36.68 -29.89 -8.07
N LEU N 50 36.29 -29.82 -6.80
CA LEU N 50 35.10 -30.49 -6.30
C LEU N 50 33.91 -29.53 -6.20
N ILE N 51 34.07 -28.45 -5.45
CA ILE N 51 32.97 -27.52 -5.15
C ILE N 51 33.41 -26.11 -5.50
N TYR N 52 32.51 -25.32 -6.08
CA TYR N 52 32.79 -23.91 -6.32
C TYR N 52 31.64 -23.07 -5.80
N ASP N 53 31.97 -21.87 -5.33
CA ASP N 53 31.01 -20.96 -4.72
C ASP N 53 30.27 -21.63 -3.57
N ALA N 54 31.06 -22.23 -2.67
CA ALA N 54 30.61 -22.77 -1.38
C ALA N 54 29.74 -24.02 -1.51
N SER N 55 28.70 -23.96 -2.34
CA SER N 55 27.67 -25.00 -2.37
C SER N 55 27.44 -25.65 -3.73
N ASN N 56 28.03 -25.14 -4.81
CA ASN N 56 27.78 -25.67 -6.15
C ASN N 56 28.74 -26.80 -6.46
N ARG N 57 28.20 -27.89 -6.99
CA ARG N 57 28.98 -29.08 -7.32
C ARG N 57 29.45 -29.01 -8.76
N ALA N 58 30.74 -29.29 -8.98
CA ALA N 58 31.33 -29.17 -10.31
C ALA N 58 30.81 -30.27 -11.24
N THR N 59 31.01 -30.04 -12.55
CA THR N 59 30.51 -30.96 -13.56
C THR N 59 31.24 -32.30 -13.48
N GLY N 60 30.48 -33.39 -13.49
CA GLY N 60 31.05 -34.72 -13.42
C GLY N 60 31.39 -35.20 -12.04
N ILE N 61 31.05 -34.45 -11.00
CA ILE N 61 31.36 -34.83 -9.62
C ILE N 61 30.20 -35.65 -9.06
N PRO N 62 30.47 -36.79 -8.41
CA PRO N 62 29.38 -37.60 -7.87
C PRO N 62 28.53 -36.83 -6.86
N ALA N 63 27.29 -37.31 -6.69
CA ALA N 63 26.31 -36.63 -5.84
C ALA N 63 26.61 -36.75 -4.35
N ARG N 64 27.54 -37.64 -3.95
CA ARG N 64 27.83 -37.77 -2.53
C ARG N 64 28.63 -36.59 -1.98
N PHE N 65 29.31 -35.84 -2.84
CA PHE N 65 30.03 -34.64 -2.41
C PHE N 65 29.06 -33.46 -2.34
N SER N 66 29.09 -32.73 -1.23
CA SER N 66 28.24 -31.56 -1.09
C SER N 66 28.96 -30.51 -0.26
N GLY N 67 28.80 -29.25 -0.64
CA GLY N 67 29.40 -28.15 0.06
C GLY N 67 28.34 -27.24 0.65
N SER N 68 28.66 -26.61 1.78
CA SER N 68 27.73 -25.71 2.43
C SER N 68 28.52 -24.69 3.24
N GLY N 69 27.82 -23.67 3.71
CA GLY N 69 28.42 -22.63 4.54
C GLY N 69 28.51 -21.30 3.81
N SER N 70 28.85 -20.28 4.59
CA SER N 70 28.99 -18.94 4.05
C SER N 70 29.89 -18.13 4.97
N GLY N 71 30.21 -16.92 4.54
CA GLY N 71 30.99 -15.99 5.34
C GLY N 71 32.32 -16.53 5.79
N THR N 72 32.40 -16.97 7.04
CA THR N 72 33.64 -17.50 7.59
C THR N 72 33.65 -19.01 7.76
N ASP N 73 32.49 -19.67 7.72
CA ASP N 73 32.41 -21.10 8.03
C ASP N 73 31.91 -21.88 6.83
N PHE N 74 32.68 -22.89 6.42
CA PHE N 74 32.36 -23.72 5.27
C PHE N 74 32.60 -25.18 5.61
N THR N 75 31.79 -26.06 5.00
CA THR N 75 31.79 -27.47 5.30
C THR N 75 31.69 -28.28 4.01
N LEU N 76 32.50 -29.34 3.92
CA LEU N 76 32.46 -30.29 2.82
C LEU N 76 32.08 -31.66 3.37
N THR N 77 30.98 -32.20 2.86
CA THR N 77 30.43 -33.47 3.33
C THR N 77 30.50 -34.51 2.23
N ILE N 78 31.02 -35.69 2.56
CA ILE N 78 30.97 -36.87 1.71
C ILE N 78 30.03 -37.87 2.37
N SER N 79 28.83 -38.04 1.79
CA SER N 79 27.78 -38.80 2.45
C SER N 79 28.14 -40.26 2.61
N SER N 80 28.91 -40.83 1.68
CA SER N 80 29.30 -42.24 1.78
C SER N 80 30.66 -42.41 1.12
N LEU N 81 31.68 -42.67 1.92
CA LEU N 81 33.04 -42.80 1.40
C LEU N 81 33.18 -44.04 0.53
N GLU N 82 33.81 -43.87 -0.63
CA GLU N 82 34.21 -44.95 -1.50
C GLU N 82 35.71 -45.17 -1.39
N PRO N 83 36.21 -46.35 -1.75
CA PRO N 83 37.67 -46.59 -1.68
C PRO N 83 38.50 -45.60 -2.50
N GLU N 84 37.91 -44.91 -3.46
CA GLU N 84 38.63 -43.95 -4.30
C GLU N 84 38.65 -42.55 -3.72
N ASP N 85 37.83 -42.27 -2.70
CA ASP N 85 37.72 -40.93 -2.13
C ASP N 85 38.82 -40.63 -1.12
N PHE N 86 39.67 -41.59 -0.80
CA PHE N 86 40.73 -41.39 0.19
C PHE N 86 41.87 -40.59 -0.43
N ALA N 87 41.95 -39.31 -0.08
CA ALA N 87 42.88 -38.37 -0.69
C ALA N 87 43.02 -37.17 0.26
N VAL N 88 43.64 -36.10 -0.24
CA VAL N 88 43.80 -34.87 0.53
C VAL N 88 42.86 -33.82 -0.06
N TYR N 89 42.15 -33.09 0.80
CA TYR N 89 41.16 -32.10 0.38
C TYR N 89 41.54 -30.72 0.87
N TYR N 90 41.57 -29.75 -0.05
CA TYR N 90 41.96 -28.36 0.24
C TYR N 90 40.81 -27.41 -0.04
N CYS N 91 40.64 -26.39 0.80
CA CYS N 91 39.73 -25.30 0.47
C CYS N 91 40.52 -24.09 0.01
N GLN N 92 39.91 -23.33 -0.90
CA GLN N 92 40.52 -22.13 -1.46
C GLN N 92 39.55 -20.97 -1.33
N GLN N 93 39.97 -19.93 -0.61
CA GLN N 93 39.22 -18.68 -0.58
C GLN N 93 39.67 -17.83 -1.75
N ARG N 94 38.71 -17.22 -2.43
CA ARG N 94 38.95 -16.55 -3.70
C ARG N 94 38.73 -15.04 -3.60
N SER N 95 39.15 -14.47 -2.48
CA SER N 95 39.18 -13.02 -2.32
C SER N 95 40.53 -12.52 -2.77
N ASN N 96 40.85 -11.27 -2.45
CA ASN N 96 42.07 -10.62 -2.91
C ASN N 96 43.09 -10.41 -1.81
N TRP N 97 42.77 -10.67 -0.55
CA TRP N 97 43.66 -10.37 0.56
C TRP N 97 43.88 -11.55 1.50
N PRO N 98 44.85 -12.42 1.18
CA PRO N 98 45.64 -12.47 -0.06
C PRO N 98 44.91 -13.26 -1.16
N PRO N 99 45.35 -13.13 -2.41
CA PRO N 99 44.59 -13.73 -3.52
C PRO N 99 44.73 -15.25 -3.53
N PHE N 100 43.58 -15.93 -3.69
CA PHE N 100 43.51 -17.34 -4.08
C PHE N 100 44.27 -18.25 -3.13
N THR N 101 44.21 -17.95 -1.84
CA THR N 101 44.94 -18.72 -0.84
C THR N 101 44.30 -20.08 -0.58
N PHE N 102 45.13 -21.12 -0.50
CA PHE N 102 44.70 -22.46 -0.13
C PHE N 102 44.81 -22.67 1.36
N GLY N 103 43.92 -23.53 1.89
CA GLY N 103 43.97 -23.94 3.28
C GLY N 103 45.01 -25.02 3.50
N PRO N 104 45.19 -25.38 4.77
CA PRO N 104 46.24 -26.37 5.11
C PRO N 104 45.95 -27.76 4.58
N GLY N 105 44.71 -28.09 4.28
CA GLY N 105 44.40 -29.40 3.74
C GLY N 105 44.02 -30.41 4.80
N THR N 106 43.16 -31.35 4.40
CA THR N 106 42.73 -32.45 5.27
C THR N 106 42.95 -33.76 4.53
N LYS N 107 43.68 -34.67 5.14
CA LYS N 107 43.97 -35.97 4.54
C LYS N 107 42.97 -37.00 5.05
N VAL N 108 42.58 -37.92 4.18
CA VAL N 108 41.59 -38.95 4.50
C VAL N 108 42.12 -40.29 4.02
N ASP N 109 42.36 -41.22 4.97
CA ASP N 109 42.85 -42.55 4.65
C ASP N 109 42.00 -43.61 5.34
N ILE N 110 42.24 -44.87 4.98
CA ILE N 110 41.58 -46.01 5.61
C ILE N 110 42.42 -46.51 6.77
N LYS N 111 41.93 -47.51 7.49
CA LYS N 111 42.62 -48.09 8.64
C LYS N 111 43.19 -49.46 8.32
N GLU O 4 -10.06 0.37 -14.93
CA GLU O 4 -9.93 1.81 -15.13
C GLU O 4 -10.19 2.22 -16.58
N ILE O 5 -9.72 1.40 -17.53
CA ILE O 5 -9.87 1.70 -18.96
C ILE O 5 -10.96 0.82 -19.54
N VAL O 6 -11.82 1.43 -20.35
CA VAL O 6 -12.95 0.75 -20.99
C VAL O 6 -12.75 0.79 -22.50
N LEU O 7 -12.91 -0.36 -23.15
CA LEU O 7 -12.76 -0.47 -24.59
C LEU O 7 -14.12 -0.55 -25.26
N THR O 8 -14.35 0.30 -26.25
CA THR O 8 -15.54 0.27 -27.08
C THR O 8 -15.16 -0.14 -28.49
N GLN O 9 -16.08 -0.81 -29.18
CA GLN O 9 -15.83 -1.29 -30.53
C GLN O 9 -17.06 -1.00 -31.39
N SER O 10 -16.86 -0.22 -32.45
CA SER O 10 -17.96 0.21 -33.30
C SER O 10 -17.70 -0.09 -34.77
N PRO O 11 -18.72 -0.62 -35.48
CA PRO O 11 -20.04 -0.91 -34.93
C PRO O 11 -20.13 -2.30 -34.32
N ALA O 12 -21.23 -2.58 -33.62
CA ALA O 12 -21.41 -3.90 -33.02
C ALA O 12 -21.55 -4.98 -34.09
N THR O 13 -22.30 -4.70 -35.15
CA THR O 13 -22.51 -5.63 -36.25
C THR O 13 -22.20 -4.90 -37.55
N LEU O 14 -21.45 -5.56 -38.43
CA LEU O 14 -21.12 -5.01 -39.74
C LEU O 14 -21.53 -6.03 -40.80
N SER O 15 -22.49 -5.65 -41.63
CA SER O 15 -23.01 -6.51 -42.68
C SER O 15 -22.65 -5.88 -44.03
N LEU O 16 -21.75 -6.54 -44.76
CA LEU O 16 -21.28 -6.03 -46.04
C LEU O 16 -21.24 -7.18 -47.05
N SER O 17 -21.05 -6.81 -48.33
CA SER O 17 -20.88 -7.74 -49.43
C SER O 17 -19.40 -7.91 -49.75
N PRO O 18 -19.01 -9.06 -50.32
CA PRO O 18 -17.61 -9.25 -50.71
C PRO O 18 -17.14 -8.17 -51.68
N GLY O 19 -15.98 -7.59 -51.38
CA GLY O 19 -15.39 -6.55 -52.19
C GLY O 19 -15.43 -5.15 -51.58
N GLU O 20 -16.28 -4.93 -50.58
CA GLU O 20 -16.37 -3.61 -49.97
C GLU O 20 -15.29 -3.41 -48.92
N ARG O 21 -15.01 -2.15 -48.62
CA ARG O 21 -14.03 -1.77 -47.60
C ARG O 21 -14.68 -1.88 -46.22
N ALA O 22 -14.11 -2.71 -45.36
CA ALA O 22 -14.57 -2.86 -43.99
C ALA O 22 -13.77 -1.94 -43.08
N THR O 23 -14.47 -1.18 -42.24
CA THR O 23 -13.84 -0.25 -41.31
C THR O 23 -14.34 -0.55 -39.90
N LEU O 24 -13.46 -1.10 -39.07
CA LEU O 24 -13.77 -1.44 -37.70
C LEU O 24 -13.08 -0.44 -36.78
N SER O 25 -13.77 -0.05 -35.72
CA SER O 25 -13.29 1.00 -34.82
C SER O 25 -13.13 0.45 -33.42
N CYS O 26 -12.03 0.83 -32.77
CA CYS O 26 -11.74 0.46 -31.39
C CYS O 26 -11.32 1.73 -30.66
N ARG O 27 -12.03 2.05 -29.58
CA ARG O 27 -11.75 3.27 -28.81
C ARG O 27 -11.48 2.91 -27.36
N ALA O 28 -10.57 3.66 -26.75
CA ALA O 28 -10.22 3.46 -25.35
C ALA O 28 -10.54 4.72 -24.56
N SER O 29 -11.08 4.52 -23.35
CA SER O 29 -11.44 5.66 -22.51
C SER O 29 -10.22 6.48 -22.11
N GLN O 30 -9.04 5.85 -22.06
CA GLN O 30 -7.79 6.54 -21.75
C GLN O 30 -6.71 6.05 -22.71
N SER O 31 -5.65 6.84 -22.83
CA SER O 31 -4.60 6.57 -23.81
C SER O 31 -3.80 5.32 -23.45
N VAL O 32 -3.60 4.45 -24.44
CA VAL O 32 -2.75 3.27 -24.32
C VAL O 32 -1.58 3.33 -25.30
N TYR O 33 -1.25 4.52 -25.80
CA TYR O 33 -0.18 4.73 -26.78
C TYR O 33 -0.48 3.85 -27.99
N SER O 34 0.41 2.96 -28.38
CA SER O 34 0.17 2.04 -29.49
C SER O 34 0.20 0.59 -29.04
N TYR O 35 0.02 0.34 -27.74
CA TYR O 35 0.04 -1.02 -27.21
C TYR O 35 -1.36 -1.62 -27.37
N LEU O 36 -1.71 -1.88 -28.62
CA LEU O 36 -3.01 -2.41 -28.96
C LEU O 36 -2.86 -3.43 -30.07
N ALA O 37 -3.57 -4.55 -29.93
CA ALA O 37 -3.51 -5.63 -30.91
C ALA O 37 -4.92 -5.95 -31.39
N TRP O 38 -4.98 -6.63 -32.53
CA TRP O 38 -6.23 -7.10 -33.11
C TRP O 38 -6.11 -8.60 -33.27
N TYR O 39 -7.14 -9.31 -32.80
CA TYR O 39 -7.23 -10.75 -32.90
C TYR O 39 -8.46 -11.09 -33.74
N GLN O 40 -8.33 -12.14 -34.55
CA GLN O 40 -9.42 -12.61 -35.37
C GLN O 40 -9.83 -14.00 -34.90
N GLN O 41 -11.13 -14.24 -34.82
CA GLN O 41 -11.67 -15.55 -34.49
C GLN O 41 -12.68 -15.87 -35.58
N LYS O 42 -12.37 -16.88 -36.38
CA LYS O 42 -13.28 -17.35 -37.39
C LYS O 42 -14.31 -18.26 -36.75
N PRO O 43 -15.48 -18.40 -37.36
CA PRO O 43 -16.52 -19.26 -36.77
C PRO O 43 -16.00 -20.68 -36.60
N GLY O 44 -16.06 -21.16 -35.35
CA GLY O 44 -15.64 -22.51 -35.04
C GLY O 44 -14.16 -22.71 -34.87
N GLN O 45 -13.40 -21.63 -34.63
CA GLN O 45 -11.95 -21.71 -34.51
C GLN O 45 -11.48 -20.91 -33.30
N ALA O 46 -10.24 -21.18 -32.90
CA ALA O 46 -9.56 -20.43 -31.86
C ALA O 46 -9.11 -19.07 -32.38
N PRO O 47 -8.90 -18.09 -31.48
CA PRO O 47 -8.43 -16.78 -31.93
C PRO O 47 -7.07 -16.85 -32.63
N ARG O 48 -6.83 -15.86 -33.48
CA ARG O 48 -5.64 -15.79 -34.32
C ARG O 48 -5.13 -14.36 -34.30
N LEU O 49 -3.85 -14.17 -33.98
CA LEU O 49 -3.29 -12.83 -33.90
C LEU O 49 -3.27 -12.21 -35.30
N LEU O 50 -3.95 -11.07 -35.43
CA LEU O 50 -4.03 -10.34 -36.70
C LEU O 50 -3.03 -9.19 -36.75
N ILE O 51 -3.14 -8.24 -35.82
CA ILE O 51 -2.32 -7.04 -35.81
C ILE O 51 -1.68 -6.89 -34.43
N TYR O 52 -0.45 -6.43 -34.39
CA TYR O 52 0.20 -6.11 -33.12
C TYR O 52 0.81 -4.73 -33.19
N ASP O 53 0.80 -4.04 -32.04
CA ASP O 53 1.30 -2.67 -31.93
C ASP O 53 0.63 -1.76 -32.96
N ALA O 54 -0.70 -1.82 -33.00
CA ALA O 54 -1.56 -0.90 -33.76
C ALA O 54 -1.50 -1.09 -35.27
N SER O 55 -0.31 -1.07 -35.85
CA SER O 55 -0.18 -1.02 -37.31
C SER O 55 0.65 -2.14 -37.91
N ASN O 56 1.31 -2.97 -37.11
CA ASN O 56 2.16 -4.02 -37.65
C ASN O 56 1.32 -5.26 -37.91
N ARG O 57 1.50 -5.84 -39.09
CA ARG O 57 0.74 -7.01 -39.53
C ARG O 57 1.44 -8.28 -39.08
N ALA O 58 0.68 -9.21 -38.51
CA ALA O 58 1.27 -10.45 -38.02
C ALA O 58 1.74 -11.32 -39.18
N THR O 59 2.60 -12.28 -38.86
CA THR O 59 3.18 -13.12 -39.90
C THR O 59 2.12 -14.03 -40.53
N GLY O 60 2.11 -14.09 -41.86
CA GLY O 60 1.15 -14.88 -42.59
C GLY O 60 -0.18 -14.22 -42.85
N ILE O 61 -0.34 -12.96 -42.48
CA ILE O 61 -1.62 -12.26 -42.64
C ILE O 61 -1.64 -11.55 -43.99
N PRO O 62 -2.72 -11.69 -44.77
CA PRO O 62 -2.77 -11.04 -46.09
C PRO O 62 -2.65 -9.53 -46.00
N ALA O 63 -2.17 -8.93 -47.09
CA ALA O 63 -1.89 -7.50 -47.11
C ALA O 63 -3.15 -6.64 -47.11
N ARG O 64 -4.33 -7.24 -47.30
CA ARG O 64 -5.57 -6.46 -47.29
C ARG O 64 -5.94 -6.00 -45.89
N PHE O 65 -5.45 -6.65 -44.85
CA PHE O 65 -5.69 -6.20 -43.48
C PHE O 65 -4.69 -5.09 -43.14
N SER O 66 -5.18 -4.02 -42.52
CA SER O 66 -4.30 -2.94 -42.11
C SER O 66 -4.81 -2.33 -40.81
N GLY O 67 -3.89 -1.98 -39.93
CA GLY O 67 -4.21 -1.36 -38.67
C GLY O 67 -3.64 0.04 -38.59
N SER O 68 -4.34 0.91 -37.87
CA SER O 68 -3.90 2.28 -37.69
C SER O 68 -4.48 2.83 -36.40
N GLY O 69 -3.99 4.00 -36.01
CA GLY O 69 -4.46 4.69 -34.83
C GLY O 69 -3.41 4.71 -33.73
N SER O 70 -3.70 5.53 -32.73
CA SER O 70 -2.81 5.69 -31.57
C SER O 70 -3.64 6.23 -30.41
N GLY O 71 -2.99 6.33 -29.26
CA GLY O 71 -3.61 6.93 -28.10
C GLY O 71 -4.91 6.26 -27.71
N THR O 72 -6.04 6.90 -28.05
CA THR O 72 -7.36 6.38 -27.72
C THR O 72 -8.13 5.83 -28.92
N ASP O 73 -7.73 6.14 -30.15
CA ASP O 73 -8.51 5.78 -31.33
C ASP O 73 -7.72 4.87 -32.26
N PHE O 74 -8.30 3.72 -32.61
CA PHE O 74 -7.67 2.75 -33.49
C PHE O 74 -8.69 2.26 -34.50
N THR O 75 -8.19 1.91 -35.69
CA THR O 75 -9.03 1.51 -36.80
C THR O 75 -8.39 0.33 -37.49
N LEU O 76 -9.22 -0.66 -37.83
CA LEU O 76 -8.80 -1.82 -38.61
C LEU O 76 -9.56 -1.80 -39.93
N THR O 77 -8.83 -1.75 -41.04
CA THR O 77 -9.39 -1.65 -42.37
C THR O 77 -9.10 -2.92 -43.16
N ILE O 78 -10.14 -3.47 -43.78
CA ILE O 78 -10.03 -4.55 -44.75
C ILE O 78 -10.39 -3.97 -46.11
N SER O 79 -9.38 -3.81 -46.97
CA SER O 79 -9.57 -3.07 -48.23
C SER O 79 -10.58 -3.75 -49.14
N SER O 80 -10.67 -5.07 -49.11
CA SER O 80 -11.61 -5.81 -49.94
C SER O 80 -11.99 -7.08 -49.21
N LEU O 81 -13.25 -7.17 -48.78
CA LEU O 81 -13.69 -8.31 -48.00
C LEU O 81 -13.67 -9.57 -48.84
N GLU O 82 -13.09 -10.64 -48.29
CA GLU O 82 -13.10 -11.97 -48.87
C GLU O 82 -14.02 -12.88 -48.07
N PRO O 83 -14.49 -13.99 -48.66
CA PRO O 83 -15.34 -14.91 -47.89
C PRO O 83 -14.70 -15.43 -46.62
N GLU O 84 -13.39 -15.65 -46.62
CA GLU O 84 -12.70 -16.09 -45.41
C GLU O 84 -12.78 -15.06 -44.30
N ASP O 85 -12.81 -13.78 -44.64
CA ASP O 85 -12.73 -12.68 -43.68
C ASP O 85 -13.98 -12.50 -42.83
N PHE O 86 -15.05 -13.25 -43.07
CA PHE O 86 -16.26 -13.10 -42.28
C PHE O 86 -16.06 -13.82 -40.95
N ALA O 87 -15.83 -13.05 -39.89
CA ALA O 87 -15.49 -13.61 -38.58
C ALA O 87 -15.74 -12.54 -37.53
N VAL O 88 -15.30 -12.81 -36.31
CA VAL O 88 -15.40 -11.86 -35.20
C VAL O 88 -14.02 -11.32 -34.92
N TYR O 89 -13.93 -10.00 -34.75
CA TYR O 89 -12.65 -9.30 -34.56
C TYR O 89 -12.64 -8.60 -33.21
N TYR O 90 -11.59 -8.83 -32.43
CA TYR O 90 -11.44 -8.24 -31.11
C TYR O 90 -10.20 -7.37 -31.07
N CYS O 91 -10.28 -6.23 -30.40
CA CYS O 91 -9.07 -5.48 -30.07
C CYS O 91 -8.72 -5.70 -28.61
N GLN O 92 -7.42 -5.70 -28.33
CA GLN O 92 -6.91 -5.91 -26.98
C GLN O 92 -5.94 -4.80 -26.65
N GLN O 93 -6.23 -4.04 -25.61
CA GLN O 93 -5.27 -3.09 -25.08
C GLN O 93 -4.33 -3.82 -24.12
N ARG O 94 -3.05 -3.54 -24.22
CA ARG O 94 -2.02 -4.29 -23.52
C ARG O 94 -1.31 -3.42 -22.48
N SER O 95 -2.08 -2.58 -21.80
CA SER O 95 -1.56 -1.82 -20.67
C SER O 95 -1.78 -2.63 -19.39
N ASN O 96 -1.66 -1.99 -18.24
CA ASN O 96 -1.77 -2.66 -16.95
C ASN O 96 -3.04 -2.30 -16.19
N TRP O 97 -3.84 -1.35 -16.67
CA TRP O 97 -4.99 -0.87 -15.90
C TRP O 97 -6.29 -0.87 -16.71
N PRO O 98 -7.01 -2.00 -16.73
CA PRO O 98 -6.62 -3.32 -16.21
C PRO O 98 -5.81 -4.09 -17.26
N PRO O 99 -5.10 -5.14 -16.85
CA PRO O 99 -4.16 -5.79 -17.78
C PRO O 99 -4.86 -6.60 -18.86
N PHE O 100 -4.40 -6.40 -20.11
CA PHE O 100 -4.70 -7.28 -21.25
C PHE O 100 -6.19 -7.40 -21.53
N THR O 101 -6.90 -6.29 -21.39
CA THR O 101 -8.36 -6.30 -21.58
C THR O 101 -8.71 -6.43 -23.06
N PHE O 102 -9.68 -7.29 -23.36
CA PHE O 102 -10.23 -7.42 -24.70
C PHE O 102 -11.45 -6.52 -24.85
N GLY O 103 -11.68 -6.09 -26.09
CA GLY O 103 -12.86 -5.34 -26.42
C GLY O 103 -14.07 -6.25 -26.60
N PRO O 104 -15.24 -5.63 -26.80
CA PRO O 104 -16.46 -6.42 -26.94
C PRO O 104 -16.53 -7.24 -28.22
N GLY O 105 -15.77 -6.87 -29.25
CA GLY O 105 -15.79 -7.62 -30.49
C GLY O 105 -16.77 -7.04 -31.49
N THR O 106 -16.44 -7.21 -32.77
CA THR O 106 -17.31 -6.79 -33.87
C THR O 106 -17.47 -7.98 -34.82
N LYS O 107 -18.73 -8.37 -35.07
CA LYS O 107 -19.01 -9.50 -35.95
C LYS O 107 -19.29 -9.00 -37.36
N VAL O 108 -18.76 -9.72 -38.35
CA VAL O 108 -18.83 -9.35 -39.76
C VAL O 108 -19.50 -10.49 -40.53
N ASP O 109 -20.63 -10.20 -41.18
CA ASP O 109 -21.42 -11.19 -41.91
C ASP O 109 -21.62 -10.76 -43.36
N ILE O 110 -22.27 -11.64 -44.12
CA ILE O 110 -22.50 -11.44 -45.54
C ILE O 110 -23.76 -10.63 -45.81
N LYS O 111 -24.81 -10.83 -45.02
CA LYS O 111 -26.11 -10.20 -45.25
C LYS O 111 -26.64 -10.49 -46.66
N GLN P 4 31.78 -12.91 -55.16
CA GLN P 4 30.34 -12.95 -54.94
C GLN P 4 29.88 -11.67 -54.22
N VAL P 5 30.73 -11.15 -53.34
CA VAL P 5 30.49 -9.87 -52.69
C VAL P 5 30.83 -8.77 -53.69
N GLN P 6 29.82 -8.03 -54.16
CA GLN P 6 30.08 -7.04 -55.19
C GLN P 6 29.05 -5.91 -55.16
N LEU P 7 29.50 -4.75 -55.65
CA LEU P 7 28.66 -3.60 -55.93
C LEU P 7 28.73 -3.32 -57.43
N VAL P 8 27.57 -3.13 -58.06
CA VAL P 8 27.50 -2.91 -59.50
C VAL P 8 26.70 -1.64 -59.77
N GLU P 9 27.36 -0.63 -60.31
CA GLU P 9 26.74 0.67 -60.55
C GLU P 9 26.28 0.80 -61.99
N SER P 10 25.40 1.76 -62.22
CA SER P 10 24.85 1.97 -63.55
C SER P 10 24.13 3.31 -63.60
N GLY P 11 23.82 3.75 -64.83
CA GLY P 11 23.05 4.94 -65.08
C GLY P 11 23.81 6.07 -65.72
N GLY P 12 25.14 6.01 -65.76
CA GLY P 12 25.91 7.10 -66.31
C GLY P 12 25.74 7.26 -67.81
N GLY P 13 26.30 8.34 -68.31
CA GLY P 13 26.25 8.66 -69.73
C GLY P 13 26.54 10.14 -69.94
N VAL P 14 26.25 10.59 -71.15
CA VAL P 14 26.45 11.99 -71.51
C VAL P 14 25.15 12.73 -71.23
N VAL P 15 25.25 13.83 -70.48
CA VAL P 15 24.11 14.64 -70.08
C VAL P 15 24.43 16.10 -70.37
N GLN P 16 23.40 16.85 -70.72
CA GLN P 16 23.57 18.28 -70.93
C GLN P 16 23.56 19.03 -69.60
N PRO P 17 24.19 20.20 -69.54
CA PRO P 17 24.21 20.96 -68.29
C PRO P 17 22.79 21.37 -67.87
N GLY P 18 22.57 21.38 -66.56
CA GLY P 18 21.28 21.75 -66.01
C GLY P 18 20.28 20.63 -65.91
N ARG P 19 20.55 19.49 -66.55
CA ARG P 19 19.62 18.37 -66.55
C ARG P 19 19.86 17.51 -65.30
N SER P 20 19.17 16.37 -65.22
CA SER P 20 19.26 15.49 -64.07
C SER P 20 19.64 14.08 -64.50
N LEU P 21 20.21 13.33 -63.55
CA LEU P 21 20.61 11.95 -63.77
C LEU P 21 20.55 11.20 -62.46
N ARG P 22 20.16 9.93 -62.51
CA ARG P 22 20.01 9.11 -61.31
C ARG P 22 20.90 7.88 -61.45
N LEU P 23 21.85 7.76 -60.54
CA LEU P 23 22.80 6.64 -60.55
C LEU P 23 22.34 5.57 -59.58
N SER P 24 22.58 4.31 -59.96
CA SER P 24 22.21 3.15 -59.16
C SER P 24 23.45 2.33 -58.82
N CYS P 25 23.36 1.59 -57.71
CA CYS P 25 24.45 0.78 -57.18
C CYS P 25 23.81 -0.44 -56.52
N ALA P 26 23.67 -1.52 -57.29
CA ALA P 26 23.07 -2.75 -56.80
C ALA P 26 24.11 -3.58 -56.04
N ALA P 27 23.75 -3.99 -54.82
CA ALA P 27 24.64 -4.77 -53.98
C ALA P 27 24.26 -6.24 -54.02
N SER P 28 25.27 -7.11 -53.86
CA SER P 28 24.98 -8.52 -53.73
C SER P 28 26.12 -9.19 -52.99
N GLY P 29 25.79 -10.29 -52.30
CA GLY P 29 26.80 -11.06 -51.60
C GLY P 29 27.00 -10.71 -50.14
N PHE P 30 26.27 -9.73 -49.63
CA PHE P 30 26.42 -9.34 -48.23
C PHE P 30 25.14 -8.67 -47.78
N ILE P 31 25.00 -8.52 -46.46
CA ILE P 31 23.82 -7.90 -45.86
C ILE P 31 23.88 -6.39 -46.09
N PHE P 32 23.33 -5.95 -47.23
CA PHE P 32 23.44 -4.55 -47.63
C PHE P 32 22.79 -3.61 -46.62
N SER P 33 21.71 -4.05 -45.96
CA SER P 33 20.94 -3.19 -45.08
C SER P 33 21.66 -2.83 -43.79
N SER P 34 22.83 -3.42 -43.52
CA SER P 34 23.57 -3.14 -42.30
C SER P 34 24.76 -2.21 -42.53
N TYR P 35 25.08 -1.89 -43.77
CA TYR P 35 26.23 -1.08 -44.11
C TYR P 35 25.81 0.34 -44.44
N ALA P 36 26.68 1.28 -44.08
CA ALA P 36 26.61 2.62 -44.63
C ALA P 36 27.16 2.62 -46.05
N MET P 37 26.83 3.66 -46.80
CA MET P 37 27.25 3.74 -48.21
C MET P 37 27.77 5.14 -48.52
N HIS P 38 28.75 5.19 -49.41
CA HIS P 38 29.37 6.42 -49.89
C HIS P 38 29.25 6.50 -51.40
N TRP P 39 29.15 7.72 -51.91
CA TRP P 39 29.46 8.04 -53.30
C TRP P 39 30.75 8.86 -53.35
N VAL P 40 31.68 8.42 -54.19
CA VAL P 40 32.98 9.05 -54.39
C VAL P 40 33.21 9.13 -55.89
N ARG P 41 33.58 10.31 -56.39
CA ARG P 41 33.77 10.51 -57.82
C ARG P 41 35.23 10.83 -58.14
N GLN P 42 35.57 10.67 -59.42
CA GLN P 42 36.95 10.90 -59.87
C GLN P 42 36.92 11.54 -61.26
N ALA P 43 37.31 12.81 -61.35
CA ALA P 43 37.35 13.50 -62.63
C ALA P 43 38.49 12.96 -63.50
N PRO P 44 38.34 13.03 -64.82
CA PRO P 44 39.39 12.54 -65.72
C PRO P 44 40.73 13.21 -65.44
N GLY P 45 41.72 12.39 -65.07
CA GLY P 45 43.05 12.88 -64.74
C GLY P 45 43.20 13.50 -63.37
N ASN P 46 42.16 13.51 -62.55
CA ASN P 46 42.19 14.11 -61.22
C ASN P 46 42.26 13.03 -60.16
N GLY P 47 42.20 13.42 -58.90
CA GLY P 47 42.18 12.51 -57.79
C GLY P 47 40.77 12.11 -57.39
N LEU P 48 40.66 11.55 -56.20
CA LEU P 48 39.38 11.13 -55.66
C LEU P 48 38.72 12.27 -54.92
N GLU P 49 37.40 12.37 -55.04
CA GLU P 49 36.61 13.39 -54.35
C GLU P 49 35.38 12.71 -53.75
N TRP P 50 35.25 12.81 -52.43
CA TRP P 50 34.09 12.26 -51.76
C TRP P 50 32.85 13.10 -52.08
N VAL P 51 31.72 12.43 -52.32
CA VAL P 51 30.49 13.09 -52.76
C VAL P 51 29.41 13.01 -51.67
N ALA P 52 29.03 11.81 -51.27
CA ALA P 52 27.89 11.69 -50.36
C ALA P 52 28.06 10.49 -49.45
N PHE P 53 27.25 10.46 -48.39
CA PHE P 53 27.30 9.38 -47.41
C PHE P 53 25.94 9.23 -46.75
N MET P 54 25.56 7.99 -46.47
CA MET P 54 24.38 7.75 -45.66
C MET P 54 24.58 6.49 -44.83
N SER P 55 23.94 6.47 -43.67
CA SER P 55 24.05 5.36 -42.73
C SER P 55 23.10 4.24 -43.16
N TYR P 56 22.99 3.19 -42.33
CA TYR P 56 22.29 1.99 -42.74
C TYR P 56 20.79 2.22 -42.97
N ASP P 57 20.16 3.08 -42.16
CA ASP P 57 18.74 3.34 -42.31
C ASP P 57 18.43 4.75 -42.79
N GLY P 58 19.43 5.51 -43.23
CA GLY P 58 19.19 6.84 -43.73
C GLY P 58 19.05 7.92 -42.67
N SER P 59 19.34 7.60 -41.41
CA SER P 59 19.20 8.60 -40.35
C SER P 59 20.20 9.74 -40.53
N ASN P 60 21.42 9.43 -40.95
CA ASN P 60 22.47 10.42 -41.17
C ASN P 60 22.78 10.48 -42.66
N LYS P 61 22.68 11.67 -43.23
CA LYS P 61 23.08 11.92 -44.60
C LYS P 61 24.10 13.06 -44.60
N LYS P 62 25.16 12.91 -45.40
CA LYS P 62 26.19 13.93 -45.49
C LYS P 62 26.55 14.16 -46.95
N TYR P 63 26.81 15.42 -47.30
CA TYR P 63 27.11 15.82 -48.66
C TYR P 63 28.32 16.73 -48.69
N ALA P 64 29.07 16.68 -49.80
CA ALA P 64 30.15 17.64 -50.02
C ALA P 64 29.58 19.00 -50.40
N ASP P 65 30.31 20.06 -50.02
CA ASP P 65 29.82 21.42 -50.22
C ASP P 65 29.50 21.72 -51.68
N SER P 66 30.28 21.16 -52.61
CA SER P 66 30.08 21.45 -54.02
C SER P 66 28.80 20.84 -54.58
N VAL P 67 28.23 19.84 -53.91
CA VAL P 67 27.02 19.17 -54.37
C VAL P 67 25.84 19.39 -53.44
N LYS P 68 26.03 20.08 -52.33
CA LYS P 68 24.95 20.32 -51.39
C LYS P 68 23.87 21.16 -52.03
N GLY P 69 22.62 20.71 -51.89
CA GLY P 69 21.48 21.37 -52.49
C GLY P 69 21.14 20.90 -53.89
N ARG P 70 22.01 20.13 -54.53
CA ARG P 70 21.78 19.59 -55.86
C ARG P 70 21.74 18.07 -55.90
N PHE P 71 22.50 17.38 -55.06
CA PHE P 71 22.52 15.93 -55.03
C PHE P 71 21.72 15.41 -53.84
N THR P 72 21.22 14.19 -54.00
CA THR P 72 20.40 13.53 -52.99
C THR P 72 20.75 12.05 -52.97
N ILE P 73 21.37 11.59 -51.91
CA ILE P 73 21.69 10.17 -51.77
C ILE P 73 20.51 9.48 -51.13
N SER P 74 20.18 8.28 -51.60
CA SER P 74 19.05 7.55 -51.02
C SER P 74 19.31 6.07 -51.17
N ARG P 75 18.42 5.27 -50.60
CA ARG P 75 18.66 3.83 -50.51
C ARG P 75 17.33 3.08 -50.51
N ASP P 76 17.36 1.87 -51.07
CA ASP P 76 16.23 0.94 -51.03
C ASP P 76 16.76 -0.40 -50.55
N ASN P 77 16.43 -0.76 -49.31
CA ASN P 77 16.99 -1.99 -48.73
C ASN P 77 16.26 -3.24 -49.18
N SER P 78 15.03 -3.12 -49.68
CA SER P 78 14.35 -4.29 -50.21
C SER P 78 14.88 -4.69 -51.58
N LYS P 79 15.31 -3.72 -52.38
CA LYS P 79 15.98 -3.98 -53.64
C LYS P 79 17.49 -4.08 -53.50
N ASN P 80 18.04 -3.79 -52.31
CA ASN P 80 19.49 -3.79 -52.08
C ASN P 80 20.18 -2.85 -53.07
N THR P 81 19.70 -1.62 -53.14
CA THR P 81 20.20 -0.68 -54.14
C THR P 81 20.45 0.68 -53.51
N LEU P 82 21.51 1.34 -53.94
CA LEU P 82 21.83 2.69 -53.54
C LEU P 82 21.61 3.62 -54.73
N TYR P 83 21.15 4.84 -54.45
CA TYR P 83 20.86 5.81 -55.49
C TYR P 83 21.57 7.13 -55.19
N LEU P 84 21.98 7.79 -56.27
CA LEU P 84 22.46 9.17 -56.20
C LEU P 84 21.70 9.99 -57.22
N GLN P 85 20.91 10.96 -56.74
CA GLN P 85 20.12 11.84 -57.58
C GLN P 85 20.88 13.14 -57.82
N MET P 86 21.17 13.43 -59.09
CA MET P 86 21.97 14.58 -59.49
C MET P 86 21.09 15.55 -60.27
N ASN P 87 20.79 16.70 -59.68
CA ASN P 87 20.05 17.77 -60.35
C ASN P 87 20.99 18.93 -60.65
N SER P 88 20.63 19.72 -61.66
CA SER P 88 21.37 20.92 -62.06
C SER P 88 22.85 20.60 -62.33
N LEU P 89 23.07 19.68 -63.26
CA LEU P 89 24.43 19.23 -63.57
C LEU P 89 25.26 20.36 -64.18
N ARG P 90 26.51 20.47 -63.76
CA ARG P 90 27.47 21.41 -64.33
C ARG P 90 28.69 20.64 -64.80
N ALA P 91 29.62 21.36 -65.44
CA ALA P 91 30.76 20.70 -66.05
C ALA P 91 31.66 20.03 -65.01
N GLU P 92 31.74 20.61 -63.81
CA GLU P 92 32.59 20.07 -62.75
C GLU P 92 32.07 18.76 -62.19
N ASP P 93 30.87 18.34 -62.57
CA ASP P 93 30.36 17.05 -62.15
C ASP P 93 30.83 15.91 -63.05
N THR P 94 31.51 16.22 -64.15
CA THR P 94 32.03 15.20 -65.06
C THR P 94 33.09 14.35 -64.37
N ALA P 95 32.80 13.06 -64.22
CA ALA P 95 33.68 12.16 -63.49
C ALA P 95 33.15 10.73 -63.61
N VAL P 96 33.97 9.78 -63.17
CA VAL P 96 33.52 8.42 -62.95
C VAL P 96 33.06 8.31 -61.50
N TYR P 97 31.86 7.78 -61.29
CA TYR P 97 31.24 7.74 -59.97
C TYR P 97 31.29 6.32 -59.44
N TYR P 98 31.88 6.16 -58.25
CA TYR P 98 31.97 4.91 -57.52
C TYR P 98 31.08 4.98 -56.29
N CYS P 99 30.49 3.84 -55.95
CA CYS P 99 29.86 3.65 -54.64
C CYS P 99 30.76 2.74 -53.81
N ALA P 100 30.72 2.93 -52.49
CA ALA P 100 31.55 2.10 -51.62
C ALA P 100 30.81 1.85 -50.31
N ARG P 101 31.08 0.70 -49.71
CA ARG P 101 30.42 0.35 -48.46
C ARG P 101 31.30 0.70 -47.28
N ASP P 102 30.65 0.89 -46.14
CA ASP P 102 31.34 1.32 -44.93
C ASP P 102 30.63 0.69 -43.75
N ARG P 103 31.39 0.27 -42.74
CA ARG P 103 30.77 -0.29 -41.54
C ARG P 103 29.95 0.75 -40.79
N GLY P 104 30.23 2.03 -41.00
CA GLY P 104 29.46 3.07 -40.35
C GLY P 104 29.70 3.19 -38.86
N ILE P 105 30.76 2.55 -38.35
CA ILE P 105 31.06 2.59 -36.93
C ILE P 105 31.83 3.87 -36.63
N ALA P 106 31.30 4.68 -35.71
CA ALA P 106 31.81 6.04 -35.54
C ALA P 106 31.79 6.44 -34.08
N ALA P 107 32.49 7.54 -33.80
CA ALA P 107 32.56 8.16 -32.49
C ALA P 107 31.91 9.54 -32.58
N GLY P 108 30.88 9.76 -31.77
CA GLY P 108 30.17 11.03 -31.78
C GLY P 108 29.53 11.40 -33.09
N GLY P 109 29.37 10.44 -34.00
CA GLY P 109 28.86 10.75 -35.33
C GLY P 109 29.76 11.61 -36.18
N ASN P 110 31.00 11.84 -35.74
CA ASN P 110 31.94 12.73 -36.41
C ASN P 110 33.20 12.03 -36.90
N TYR P 111 33.71 11.07 -36.15
CA TYR P 111 34.91 10.33 -36.51
C TYR P 111 34.53 8.88 -36.78
N TYR P 112 34.90 8.38 -37.95
CA TYR P 112 34.48 7.06 -38.41
C TYR P 112 35.66 6.11 -38.49
N TYR P 113 35.53 4.94 -37.85
CA TYR P 113 36.56 3.93 -37.89
C TYR P 113 36.58 3.24 -39.26
N TYR P 114 37.56 2.36 -39.44
CA TYR P 114 37.69 1.46 -40.60
C TYR P 114 37.77 2.27 -41.89
N GLY P 115 37.20 1.74 -42.97
CA GLY P 115 37.25 2.44 -44.24
C GLY P 115 36.31 1.78 -45.23
N MET P 116 36.37 2.25 -46.47
CA MET P 116 35.53 1.73 -47.54
C MET P 116 36.26 0.56 -48.20
N ASP P 117 35.81 -0.67 -47.90
CA ASP P 117 36.58 -1.86 -48.24
C ASP P 117 36.18 -2.50 -49.57
N VAL P 118 34.93 -2.40 -50.01
CA VAL P 118 34.56 -2.91 -51.33
C VAL P 118 33.91 -1.78 -52.14
N TRP P 119 34.26 -1.73 -53.42
CA TRP P 119 33.84 -0.66 -54.31
C TRP P 119 33.20 -1.27 -55.56
N GLY P 120 32.45 -0.44 -56.27
CA GLY P 120 31.91 -0.82 -57.55
C GLY P 120 32.91 -0.56 -58.67
N GLN P 121 32.51 -0.96 -59.88
CA GLN P 121 33.36 -0.72 -61.02
C GLN P 121 33.32 0.73 -61.49
N GLY P 122 32.36 1.51 -61.01
CA GLY P 122 32.24 2.89 -61.43
C GLY P 122 31.33 3.04 -62.65
N THR P 123 30.74 4.22 -62.78
CA THR P 123 29.96 4.54 -63.96
C THR P 123 30.28 5.97 -64.39
N THR P 124 30.48 6.16 -65.69
CA THR P 124 30.99 7.42 -66.22
C THR P 124 29.87 8.42 -66.45
N VAL P 125 30.03 9.62 -65.92
CA VAL P 125 29.09 10.72 -66.12
C VAL P 125 29.84 11.85 -66.82
N THR P 126 29.35 12.27 -67.97
CA THR P 126 29.98 13.31 -68.79
C THR P 126 28.99 14.44 -69.02
N VAL P 127 29.36 15.66 -68.64
CA VAL P 127 28.49 16.82 -68.82
C VAL P 127 29.07 17.66 -69.94
N SER P 128 28.56 17.45 -71.16
CA SER P 128 29.11 18.09 -72.35
C SER P 128 28.69 19.55 -72.44
N SER P 129 29.09 20.19 -73.54
CA SER P 129 28.74 21.58 -73.81
C SER P 129 27.23 21.80 -73.86
N GLN Q 4 40.85 -34.51 -24.73
CA GLN Q 4 41.27 -33.56 -25.76
C GLN Q 4 41.57 -32.19 -25.14
N VAL Q 5 40.79 -31.80 -24.13
CA VAL Q 5 41.04 -30.58 -23.37
C VAL Q 5 42.19 -30.86 -22.40
N GLN Q 6 43.34 -30.24 -22.62
CA GLN Q 6 44.50 -30.58 -21.81
C GLN Q 6 45.46 -29.40 -21.70
N LEU Q 7 46.18 -29.40 -20.58
CA LEU Q 7 47.33 -28.56 -20.34
C LEU Q 7 48.55 -29.46 -20.19
N VAL Q 8 49.63 -29.13 -20.86
CA VAL Q 8 50.85 -29.95 -20.86
C VAL Q 8 52.00 -29.03 -20.49
N GLU Q 9 52.62 -29.29 -19.34
CA GLU Q 9 53.68 -28.43 -18.84
C GLU Q 9 55.05 -29.00 -19.15
N SER Q 10 56.06 -28.14 -19.03
CA SER Q 10 57.45 -28.52 -19.29
C SER Q 10 58.33 -27.43 -18.72
N GLY Q 11 59.63 -27.73 -18.64
CA GLY Q 11 60.63 -26.76 -18.24
C GLY Q 11 61.27 -27.05 -16.90
N GLY Q 12 60.72 -27.95 -16.10
CA GLY Q 12 61.27 -28.23 -14.79
C GLY Q 12 62.61 -28.93 -14.84
N GLY Q 13 63.23 -29.04 -13.67
CA GLY Q 13 64.51 -29.69 -13.55
C GLY Q 13 65.22 -29.24 -12.29
N VAL Q 14 66.51 -29.59 -12.23
CA VAL Q 14 67.38 -29.23 -11.12
C VAL Q 14 68.13 -27.95 -11.48
N VAL Q 15 68.02 -26.93 -10.63
CA VAL Q 15 68.65 -25.64 -10.85
C VAL Q 15 69.34 -25.23 -9.57
N GLN Q 16 70.30 -24.34 -9.69
CA GLN Q 16 71.00 -23.81 -8.55
C GLN Q 16 70.33 -22.55 -8.05
N PRO Q 17 70.51 -22.20 -6.77
CA PRO Q 17 69.91 -20.96 -6.27
C PRO Q 17 70.51 -19.75 -6.96
N GLY Q 18 69.66 -18.73 -7.15
CA GLY Q 18 70.07 -17.51 -7.81
C GLY Q 18 69.97 -17.54 -9.32
N ARG Q 19 69.76 -18.70 -9.92
CA ARG Q 19 69.63 -18.81 -11.36
C ARG Q 19 68.18 -18.57 -11.76
N SER Q 20 67.88 -18.77 -13.04
CA SER Q 20 66.55 -18.56 -13.60
C SER Q 20 66.08 -19.82 -14.30
N LEU Q 21 64.76 -19.94 -14.43
CA LEU Q 21 64.16 -21.09 -15.10
C LEU Q 21 62.81 -20.66 -15.66
N ARG Q 22 62.44 -21.24 -16.79
CA ARG Q 22 61.21 -20.88 -17.52
C ARG Q 22 60.32 -22.09 -17.61
N LEU Q 23 59.11 -21.98 -17.07
CA LEU Q 23 58.12 -23.04 -17.16
C LEU Q 23 57.13 -22.73 -18.25
N SER Q 24 56.70 -23.78 -18.97
CA SER Q 24 55.77 -23.67 -20.07
C SER Q 24 54.55 -24.55 -19.80
N CYS Q 25 53.41 -24.14 -20.35
CA CYS Q 25 52.13 -24.80 -20.16
C CYS Q 25 51.34 -24.64 -21.46
N ALA Q 26 51.49 -25.63 -22.35
CA ALA Q 26 50.81 -25.60 -23.64
C ALA Q 26 49.38 -26.10 -23.49
N ALA Q 27 48.43 -25.33 -23.98
CA ALA Q 27 47.02 -25.66 -23.91
C ALA Q 27 46.52 -26.19 -25.24
N SER Q 28 45.54 -27.09 -25.18
CA SER Q 28 44.90 -27.53 -26.41
C SER Q 28 43.50 -28.06 -26.10
N GLY Q 29 42.63 -27.96 -27.09
CA GLY Q 29 41.27 -28.45 -26.96
C GLY Q 29 40.26 -27.42 -26.51
N PHE Q 30 40.67 -26.18 -26.26
CA PHE Q 30 39.75 -25.14 -25.85
C PHE Q 30 40.34 -23.79 -26.23
N ILE Q 31 39.47 -22.78 -26.23
CA ILE Q 31 39.84 -21.41 -26.59
C ILE Q 31 40.69 -20.81 -25.49
N PHE Q 32 42.01 -21.01 -25.58
CA PHE Q 32 42.92 -20.57 -24.52
C PHE Q 32 42.85 -19.07 -24.29
N SER Q 33 42.62 -18.29 -25.35
CA SER Q 33 42.66 -16.84 -25.22
C SER Q 33 41.50 -16.27 -24.42
N SER Q 34 40.53 -17.09 -24.00
CA SER Q 34 39.37 -16.61 -23.23
C SER Q 34 39.46 -16.92 -21.75
N TYR Q 35 40.44 -17.71 -21.32
CA TYR Q 35 40.56 -18.14 -19.93
C TYR Q 35 41.67 -17.38 -19.23
N ALA Q 36 41.47 -17.14 -17.93
CA ALA Q 36 42.56 -16.74 -17.04
C ALA Q 36 43.38 -17.97 -16.67
N MET Q 37 44.60 -17.72 -16.18
CA MET Q 37 45.51 -18.81 -15.87
C MET Q 37 46.18 -18.56 -14.52
N HIS Q 38 46.41 -19.65 -13.79
CA HIS Q 38 47.07 -19.65 -12.49
C HIS Q 38 48.28 -20.57 -12.53
N TRP Q 39 49.30 -20.21 -11.76
CA TRP Q 39 50.36 -21.12 -11.34
C TRP Q 39 50.20 -21.41 -9.86
N VAL Q 40 50.22 -22.70 -9.51
CA VAL Q 40 50.08 -23.18 -8.14
C VAL Q 40 51.14 -24.25 -7.89
N ARG Q 41 51.91 -24.10 -6.81
CA ARG Q 41 53.01 -25.01 -6.52
C ARG Q 41 52.77 -25.79 -5.24
N GLN Q 42 53.52 -26.89 -5.09
CA GLN Q 42 53.39 -27.79 -3.95
C GLN Q 42 54.77 -28.29 -3.57
N ALA Q 43 55.26 -27.86 -2.41
CA ALA Q 43 56.56 -28.31 -1.95
C ALA Q 43 56.49 -29.80 -1.59
N PRO Q 44 57.62 -30.51 -1.65
CA PRO Q 44 57.61 -31.96 -1.36
C PRO Q 44 57.06 -32.26 0.03
N GLY Q 45 55.98 -33.02 0.07
CA GLY Q 45 55.32 -33.37 1.32
C GLY Q 45 54.47 -32.27 1.92
N ASN Q 46 54.32 -31.14 1.24
CA ASN Q 46 53.57 -30.00 1.73
C ASN Q 46 52.22 -29.93 1.03
N GLY Q 47 51.47 -28.87 1.32
CA GLY Q 47 50.18 -28.63 0.68
C GLY Q 47 50.34 -27.77 -0.56
N LEU Q 48 49.20 -27.25 -1.02
CA LEU Q 48 49.14 -26.42 -2.22
C LEU Q 48 49.42 -24.96 -1.87
N GLU Q 49 50.13 -24.27 -2.75
CA GLU Q 49 50.41 -22.85 -2.57
C GLU Q 49 50.21 -22.12 -3.89
N TRP Q 50 49.28 -21.17 -3.91
CA TRP Q 50 49.05 -20.39 -5.12
C TRP Q 50 50.23 -19.47 -5.38
N VAL Q 51 50.63 -19.37 -6.65
CA VAL Q 51 51.82 -18.64 -7.04
C VAL Q 51 51.47 -17.38 -7.82
N ALA Q 52 50.77 -17.53 -8.96
CA ALA Q 52 50.52 -16.37 -9.80
C ALA Q 52 49.21 -16.53 -10.59
N PHE Q 53 48.75 -15.41 -11.15
CA PHE Q 53 47.48 -15.36 -11.87
C PHE Q 53 47.55 -14.27 -12.93
N MET Q 54 46.94 -14.53 -14.09
CA MET Q 54 46.78 -13.48 -15.09
C MET Q 54 45.49 -13.71 -15.86
N SER Q 55 44.87 -12.61 -16.31
CA SER Q 55 43.58 -12.69 -16.98
C SER Q 55 43.78 -13.10 -18.44
N TYR Q 56 42.70 -13.09 -19.21
CA TYR Q 56 42.75 -13.69 -20.54
C TYR Q 56 43.71 -12.93 -21.45
N ASP Q 57 43.76 -11.61 -21.33
CA ASP Q 57 44.66 -10.81 -22.16
C ASP Q 57 45.83 -10.27 -21.35
N GLY Q 58 45.98 -10.70 -20.11
CA GLY Q 58 47.10 -10.26 -19.31
C GLY Q 58 46.95 -8.89 -18.71
N SER Q 59 45.76 -8.28 -18.77
CA SER Q 59 45.59 -6.94 -18.21
C SER Q 59 45.74 -6.95 -16.70
N ASN Q 60 45.29 -8.02 -16.04
CA ASN Q 60 45.36 -8.16 -14.59
C ASN Q 60 46.34 -9.28 -14.25
N LYS Q 61 47.33 -8.96 -13.41
CA LYS Q 61 48.30 -9.92 -12.89
C LYS Q 61 48.32 -9.88 -11.37
N LYS Q 62 48.40 -11.06 -10.74
CA LYS Q 62 48.48 -11.17 -9.29
C LYS Q 62 49.55 -12.17 -8.89
N TYR Q 63 50.26 -11.86 -7.81
CA TYR Q 63 51.38 -12.66 -7.32
C TYR Q 63 51.26 -12.85 -5.81
N ALA Q 64 51.72 -13.99 -5.32
CA ALA Q 64 51.84 -14.18 -3.89
C ALA Q 64 53.07 -13.43 -3.38
N ASP Q 65 53.01 -12.99 -2.11
CA ASP Q 65 54.09 -12.19 -1.55
C ASP Q 65 55.43 -12.91 -1.60
N SER Q 66 55.43 -14.24 -1.44
CA SER Q 66 56.69 -14.97 -1.39
C SER Q 66 57.43 -14.99 -2.73
N VAL Q 67 56.74 -14.72 -3.84
CA VAL Q 67 57.37 -14.71 -5.16
C VAL Q 67 57.34 -13.35 -5.81
N LYS Q 68 56.74 -12.36 -5.16
CA LYS Q 68 56.62 -11.03 -5.75
C LYS Q 68 58.00 -10.41 -5.96
N GLY Q 69 58.23 -9.88 -7.16
CA GLY Q 69 59.50 -9.31 -7.50
C GLY Q 69 60.51 -10.27 -8.10
N ARG Q 70 60.25 -11.58 -8.04
CA ARG Q 70 61.15 -12.58 -8.59
C ARG Q 70 60.54 -13.41 -9.71
N PHE Q 71 59.24 -13.70 -9.67
CA PHE Q 71 58.58 -14.47 -10.71
C PHE Q 71 57.74 -13.54 -11.59
N THR Q 72 57.53 -13.97 -12.84
CA THR Q 72 56.77 -13.18 -13.82
C THR Q 72 55.94 -14.13 -14.67
N ILE Q 73 54.62 -14.02 -14.55
CA ILE Q 73 53.70 -14.84 -15.34
C ILE Q 73 53.40 -14.12 -16.65
N SER Q 74 53.36 -14.86 -17.74
CA SER Q 74 53.07 -14.26 -19.04
C SER Q 74 52.36 -15.30 -19.90
N ARG Q 75 51.96 -14.86 -21.10
CA ARG Q 75 51.09 -15.70 -21.92
C ARG Q 75 51.33 -15.42 -23.39
N ASP Q 76 51.11 -16.44 -24.21
CA ASP Q 76 51.20 -16.35 -25.66
C ASP Q 76 49.91 -16.91 -26.25
N ASN Q 77 49.05 -16.01 -26.74
CA ASN Q 77 47.75 -16.44 -27.24
C ASN Q 77 47.81 -16.96 -28.66
N SER Q 78 48.90 -16.67 -29.39
CA SER Q 78 49.09 -17.27 -30.71
C SER Q 78 49.60 -18.71 -30.60
N LYS Q 79 50.46 -18.98 -29.63
CA LYS Q 79 50.91 -20.34 -29.36
C LYS Q 79 50.05 -21.06 -28.33
N ASN Q 80 49.08 -20.36 -27.72
CA ASN Q 80 48.20 -20.94 -26.71
C ASN Q 80 49.02 -21.55 -25.57
N THR Q 81 49.94 -20.76 -25.03
CA THR Q 81 50.88 -21.26 -24.03
C THR Q 81 50.99 -20.26 -22.88
N LEU Q 82 51.14 -20.79 -21.68
CA LEU Q 82 51.37 -19.99 -20.48
C LEU Q 82 52.81 -20.17 -20.01
N TYR Q 83 53.42 -19.09 -19.52
CA TYR Q 83 54.81 -19.13 -19.08
C TYR Q 83 54.92 -18.61 -17.66
N LEU Q 84 55.85 -19.20 -16.92
CA LEU Q 84 56.25 -18.69 -15.60
C LEU Q 84 57.75 -18.50 -15.62
N GLN Q 85 58.20 -17.27 -15.46
CA GLN Q 85 59.63 -16.94 -15.42
C GLN Q 85 60.07 -16.84 -13.95
N MET Q 86 61.00 -17.70 -13.56
CA MET Q 86 61.46 -17.79 -12.18
C MET Q 86 62.88 -17.25 -12.11
N ASN Q 87 63.02 -16.05 -11.54
CA ASN Q 87 64.30 -15.40 -11.31
C ASN Q 87 64.61 -15.42 -9.83
N SER Q 88 65.89 -15.35 -9.51
CA SER Q 88 66.34 -15.33 -8.12
C SER Q 88 65.80 -16.54 -7.35
N LEU Q 89 66.13 -17.72 -7.88
CA LEU Q 89 65.64 -18.96 -7.28
C LEU Q 89 66.22 -19.14 -5.88
N ARG Q 90 65.36 -19.59 -4.97
CA ARG Q 90 65.72 -19.90 -3.60
C ARG Q 90 65.39 -21.37 -3.32
N ALA Q 91 66.10 -21.94 -2.33
CA ALA Q 91 65.82 -23.33 -1.96
C ALA Q 91 64.34 -23.55 -1.65
N GLU Q 92 63.67 -22.53 -1.11
CA GLU Q 92 62.26 -22.61 -0.77
C GLU Q 92 61.34 -22.67 -2.00
N ASP Q 93 61.88 -22.45 -3.20
CA ASP Q 93 61.11 -22.58 -4.42
C ASP Q 93 60.99 -24.03 -4.89
N THR Q 94 61.70 -24.96 -4.25
CA THR Q 94 61.62 -26.37 -4.64
C THR Q 94 60.21 -26.89 -4.45
N ALA Q 95 59.58 -27.31 -5.55
CA ALA Q 95 58.19 -27.75 -5.51
C ALA Q 95 57.82 -28.32 -6.87
N VAL Q 96 56.66 -28.97 -6.92
CA VAL Q 96 56.04 -29.33 -8.19
C VAL Q 96 55.07 -28.22 -8.58
N TYR Q 97 55.19 -27.74 -9.82
CA TYR Q 97 54.43 -26.60 -10.31
C TYR Q 97 53.35 -27.04 -11.27
N TYR Q 98 52.11 -26.66 -10.98
CA TYR Q 98 50.94 -26.89 -11.82
C TYR Q 98 50.43 -25.57 -12.40
N CYS Q 99 49.91 -25.64 -13.62
CA CYS Q 99 49.13 -24.57 -14.21
C CYS Q 99 47.66 -24.98 -14.21
N ALA Q 100 46.78 -23.98 -14.10
CA ALA Q 100 45.36 -24.26 -14.11
C ALA Q 100 44.62 -23.12 -14.79
N ARG Q 101 43.49 -23.45 -15.41
CA ARG Q 101 42.68 -22.45 -16.09
C ARG Q 101 41.53 -22.00 -15.20
N ASP Q 102 41.03 -20.80 -15.48
CA ASP Q 102 39.98 -20.20 -14.68
C ASP Q 102 39.12 -19.35 -15.62
N ARG Q 103 37.80 -19.33 -15.37
CA ARG Q 103 36.92 -18.52 -16.20
C ARG Q 103 37.20 -17.03 -16.07
N GLY Q 104 37.81 -16.60 -14.96
CA GLY Q 104 38.14 -15.20 -14.74
C GLY Q 104 36.98 -14.29 -14.42
N ILE Q 105 35.82 -14.84 -14.07
CA ILE Q 105 34.63 -14.05 -13.77
C ILE Q 105 34.68 -13.59 -12.32
N ALA Q 106 34.64 -12.27 -12.11
CA ALA Q 106 34.94 -11.70 -10.80
C ALA Q 106 34.06 -10.49 -10.51
N ALA Q 107 34.08 -10.07 -9.25
CA ALA Q 107 33.41 -8.86 -8.78
C ALA Q 107 34.47 -7.90 -8.27
N GLY Q 108 34.48 -6.68 -8.82
CA GLY Q 108 35.43 -5.67 -8.38
C GLY Q 108 36.89 -6.05 -8.56
N GLY Q 109 37.17 -7.07 -9.35
CA GLY Q 109 38.54 -7.55 -9.46
C GLY Q 109 39.09 -8.15 -8.19
N ASN Q 110 38.26 -8.41 -7.19
CA ASN Q 110 38.71 -8.89 -5.89
C ASN Q 110 38.16 -10.24 -5.52
N TYR Q 111 36.91 -10.53 -5.86
CA TYR Q 111 36.27 -11.81 -5.56
C TYR Q 111 35.99 -12.51 -6.88
N TYR Q 112 36.48 -13.74 -7.02
CA TYR Q 112 36.39 -14.48 -8.29
C TYR Q 112 35.45 -15.67 -8.13
N TYR Q 113 34.48 -15.76 -9.05
CA TYR Q 113 33.55 -16.88 -9.05
C TYR Q 113 34.25 -18.16 -9.55
N TYR Q 114 33.50 -19.26 -9.49
CA TYR Q 114 33.91 -20.55 -10.06
C TYR Q 114 35.25 -20.98 -9.44
N GLY Q 115 36.08 -21.67 -10.21
CA GLY Q 115 37.36 -22.12 -9.72
C GLY Q 115 38.22 -22.65 -10.86
N MET Q 116 39.37 -23.22 -10.48
CA MET Q 116 40.31 -23.76 -11.45
C MET Q 116 39.91 -25.21 -11.75
N ASP Q 117 39.31 -25.42 -12.92
CA ASP Q 117 38.61 -26.68 -13.17
C ASP Q 117 39.45 -27.74 -13.88
N VAL Q 118 40.38 -27.36 -14.75
CA VAL Q 118 41.27 -28.33 -15.39
C VAL Q 118 42.72 -27.93 -15.16
N TRP Q 119 43.57 -28.93 -14.91
CA TRP Q 119 44.96 -28.72 -14.53
C TRP Q 119 45.90 -29.50 -15.44
N GLY Q 120 47.17 -29.10 -15.43
CA GLY Q 120 48.20 -29.85 -16.10
C GLY Q 120 48.74 -30.96 -15.22
N GLN Q 121 49.63 -31.77 -15.79
CA GLN Q 121 50.20 -32.88 -15.05
C GLN Q 121 51.23 -32.44 -14.03
N GLY Q 122 51.71 -31.22 -14.11
CA GLY Q 122 52.73 -30.71 -13.20
C GLY Q 122 54.13 -30.96 -13.72
N THR Q 123 55.03 -30.08 -13.31
CA THR Q 123 56.45 -30.24 -13.66
C THR Q 123 57.29 -29.94 -12.42
N THR Q 124 58.28 -30.80 -12.17
CA THR Q 124 59.04 -30.76 -10.93
C THR Q 124 60.21 -29.79 -11.02
N VAL Q 125 60.30 -28.89 -10.05
CA VAL Q 125 61.42 -27.95 -9.96
C VAL Q 125 62.14 -28.21 -8.64
N THR Q 126 63.44 -28.50 -8.73
CA THR Q 126 64.28 -28.75 -7.57
C THR Q 126 65.41 -27.74 -7.58
N VAL Q 127 65.54 -26.98 -6.50
CA VAL Q 127 66.58 -25.95 -6.44
C VAL Q 127 67.67 -26.39 -5.47
N SER Q 128 68.48 -27.36 -5.90
CA SER Q 128 69.59 -27.83 -5.09
C SER Q 128 70.82 -26.96 -5.35
N SER Q 129 71.73 -26.97 -4.38
CA SER Q 129 72.94 -26.16 -4.50
C SER Q 129 74.15 -27.00 -4.85
N GLN R 4 4.66 -28.15 -36.09
CA GLN R 4 5.37 -28.69 -34.93
C GLN R 4 5.27 -27.73 -33.74
N VAL R 5 5.21 -26.43 -34.03
CA VAL R 5 5.04 -25.41 -32.99
C VAL R 5 3.57 -25.44 -32.56
N GLN R 6 3.32 -25.92 -31.35
CA GLN R 6 1.95 -26.08 -30.89
C GLN R 6 1.88 -26.02 -29.37
N LEU R 7 0.70 -25.63 -28.88
CA LEU R 7 0.31 -25.70 -27.48
C LEU R 7 -0.85 -26.68 -27.39
N VAL R 8 -0.78 -27.59 -26.42
CA VAL R 8 -1.77 -28.65 -26.25
C VAL R 8 -2.32 -28.60 -24.84
N GLU R 9 -3.61 -28.31 -24.72
CA GLU R 9 -4.25 -28.18 -23.42
C GLU R 9 -4.98 -29.46 -23.05
N SER R 10 -5.28 -29.59 -21.75
CA SER R 10 -5.98 -30.75 -21.22
C SER R 10 -6.44 -30.41 -19.80
N GLY R 11 -7.34 -31.24 -19.28
CA GLY R 11 -7.77 -31.13 -17.90
C GLY R 11 -9.20 -30.66 -17.74
N GLY R 12 -9.82 -30.13 -18.78
CA GLY R 12 -11.17 -29.63 -18.67
C GLY R 12 -12.19 -30.73 -18.49
N GLY R 13 -13.43 -30.31 -18.24
CA GLY R 13 -14.51 -31.25 -18.06
C GLY R 13 -15.66 -30.61 -17.30
N VAL R 14 -16.56 -31.47 -16.84
CA VAL R 14 -17.71 -31.06 -16.05
C VAL R 14 -17.35 -31.16 -14.57
N VAL R 15 -17.50 -30.07 -13.85
CA VAL R 15 -17.15 -30.00 -12.42
C VAL R 15 -18.31 -29.38 -11.66
N GLN R 16 -18.49 -29.82 -10.41
CA GLN R 16 -19.51 -29.28 -9.54
C GLN R 16 -19.06 -27.96 -8.92
N PRO R 17 -19.99 -27.04 -8.66
CA PRO R 17 -19.61 -25.73 -8.13
C PRO R 17 -18.90 -25.84 -6.78
N GLY R 18 -17.94 -24.95 -6.57
CA GLY R 18 -17.16 -24.93 -5.35
C GLY R 18 -15.95 -25.84 -5.34
N ARG R 19 -15.83 -26.74 -6.33
CA ARG R 19 -14.73 -27.69 -6.39
C ARG R 19 -13.52 -27.05 -7.07
N SER R 20 -12.48 -27.84 -7.33
CA SER R 20 -11.26 -27.38 -7.95
C SER R 20 -10.98 -28.18 -9.22
N LEU R 21 -10.21 -27.57 -10.12
CA LEU R 21 -9.84 -28.21 -11.37
C LEU R 21 -8.50 -27.63 -11.82
N ARG R 22 -7.67 -28.48 -12.44
CA ARG R 22 -6.32 -28.09 -12.84
C ARG R 22 -6.18 -28.28 -14.34
N LEU R 23 -5.91 -27.19 -15.05
CA LEU R 23 -5.72 -27.22 -16.49
C LEU R 23 -4.24 -27.23 -16.84
N SER R 24 -3.89 -27.99 -17.88
CA SER R 24 -2.51 -28.14 -18.33
C SER R 24 -2.39 -27.68 -19.78
N CYS R 25 -1.19 -27.20 -20.12
CA CYS R 25 -0.90 -26.64 -21.44
C CYS R 25 0.55 -27.00 -21.76
N ALA R 26 0.74 -28.17 -22.38
CA ALA R 26 2.06 -28.63 -22.75
C ALA R 26 2.48 -28.02 -24.08
N ALA R 27 3.67 -27.44 -24.12
CA ALA R 27 4.18 -26.80 -25.32
C ALA R 27 5.14 -27.73 -26.05
N SER R 28 5.23 -27.55 -27.37
CA SER R 28 6.23 -28.27 -28.15
C SER R 28 6.55 -27.48 -29.40
N GLY R 29 7.78 -27.64 -29.89
CA GLY R 29 8.22 -26.99 -31.10
C GLY R 29 8.93 -25.68 -30.91
N PHE R 30 9.06 -25.21 -29.67
CA PHE R 30 9.74 -23.95 -29.40
C PHE R 30 10.27 -23.97 -27.97
N ILE R 31 11.19 -23.04 -27.70
CA ILE R 31 11.79 -22.94 -26.38
C ILE R 31 10.77 -22.36 -25.41
N PHE R 32 10.00 -23.24 -24.75
CA PHE R 32 8.93 -22.79 -23.88
C PHE R 32 9.46 -21.95 -22.72
N SER R 33 10.68 -22.24 -22.24
CA SER R 33 11.23 -21.57 -21.07
C SER R 33 11.59 -20.11 -21.32
N SER R 34 11.46 -19.60 -22.54
CA SER R 34 11.74 -18.20 -22.83
C SER R 34 10.49 -17.35 -23.03
N TYR R 35 9.31 -17.95 -23.11
CA TYR R 35 8.07 -17.23 -23.39
C TYR R 35 7.23 -17.06 -22.13
N ALA R 36 6.55 -15.92 -22.04
CA ALA R 36 5.48 -15.71 -21.08
C ALA R 36 4.22 -16.42 -21.55
N MET R 37 3.27 -16.62 -20.63
CA MET R 37 2.06 -17.35 -20.95
C MET R 37 0.85 -16.63 -20.39
N HIS R 38 -0.27 -16.73 -21.13
CA HIS R 38 -1.56 -16.18 -20.77
C HIS R 38 -2.60 -17.31 -20.73
N TRP R 39 -3.55 -17.17 -19.82
CA TRP R 39 -4.80 -17.93 -19.86
C TRP R 39 -5.93 -16.96 -20.23
N VAL R 40 -6.71 -17.35 -21.24
CA VAL R 40 -7.83 -16.55 -21.74
C VAL R 40 -9.01 -17.47 -21.96
N ARG R 41 -10.17 -17.12 -21.42
CA ARG R 41 -11.36 -17.96 -21.50
C ARG R 41 -12.44 -17.28 -22.31
N GLN R 42 -13.42 -18.08 -22.74
CA GLN R 42 -14.52 -17.61 -23.56
C GLN R 42 -15.78 -18.37 -23.15
N ALA R 43 -16.73 -17.65 -22.56
CA ALA R 43 -17.99 -18.29 -22.19
C ALA R 43 -18.77 -18.67 -23.44
N PRO R 44 -19.63 -19.69 -23.36
CA PRO R 44 -20.39 -20.12 -24.54
C PRO R 44 -21.20 -18.96 -25.13
N GLY R 45 -20.90 -18.63 -26.39
CA GLY R 45 -21.59 -17.56 -27.09
C GLY R 45 -21.16 -16.15 -26.72
N ASN R 46 -20.16 -16.00 -25.86
CA ASN R 46 -19.69 -14.71 -25.39
C ASN R 46 -18.40 -14.34 -26.13
N GLY R 47 -17.78 -13.24 -25.72
CA GLY R 47 -16.53 -12.81 -26.28
C GLY R 47 -15.34 -13.37 -25.53
N LEU R 48 -14.18 -12.77 -25.79
CA LEU R 48 -12.94 -13.20 -25.15
C LEU R 48 -12.76 -12.47 -23.83
N GLU R 49 -12.25 -13.18 -22.83
CA GLU R 49 -12.00 -12.61 -21.51
C GLU R 49 -10.64 -13.08 -21.02
N TRP R 50 -9.73 -12.14 -20.78
CA TRP R 50 -8.42 -12.49 -20.26
C TRP R 50 -8.50 -12.94 -18.81
N VAL R 51 -7.75 -14.00 -18.48
CA VAL R 51 -7.81 -14.64 -17.17
C VAL R 51 -6.53 -14.41 -16.37
N ALA R 52 -5.38 -14.86 -16.90
CA ALA R 52 -4.15 -14.82 -16.12
C ALA R 52 -2.95 -14.63 -17.02
N PHE R 53 -1.82 -14.31 -16.39
CA PHE R 53 -0.56 -14.06 -17.10
C PHE R 53 0.61 -14.34 -16.18
N MET R 54 1.69 -14.90 -16.74
CA MET R 54 2.94 -15.03 -16.00
C MET R 54 4.11 -14.87 -16.97
N SER R 55 5.22 -14.37 -16.45
CA SER R 55 6.41 -14.09 -17.23
C SER R 55 7.23 -15.37 -17.45
N TYR R 56 8.41 -15.23 -18.06
CA TYR R 56 9.17 -16.40 -18.49
C TYR R 56 9.65 -17.23 -17.30
N ASP R 57 10.02 -16.58 -16.20
CA ASP R 57 10.50 -17.28 -15.01
C ASP R 57 9.51 -17.20 -13.85
N GLY R 58 8.29 -16.70 -14.08
CA GLY R 58 7.30 -16.62 -13.04
C GLY R 58 7.45 -15.47 -12.09
N SER R 59 8.33 -14.51 -12.38
CA SER R 59 8.52 -13.38 -11.48
C SER R 59 7.28 -12.50 -11.44
N ASN R 60 6.61 -12.32 -12.57
CA ASN R 60 5.43 -11.47 -12.68
C ASN R 60 4.22 -12.36 -12.91
N LYS R 61 3.22 -12.22 -12.06
CA LYS R 61 1.94 -12.88 -12.21
C LYS R 61 0.84 -11.83 -12.17
N LYS R 62 -0.12 -11.94 -13.08
CA LYS R 62 -1.24 -11.00 -13.14
C LYS R 62 -2.54 -11.78 -13.29
N TYR R 63 -3.59 -11.31 -12.64
CA TYR R 63 -4.88 -11.97 -12.64
C TYR R 63 -5.99 -10.96 -12.90
N ALA R 64 -7.06 -11.44 -13.53
CA ALA R 64 -8.25 -10.62 -13.66
C ALA R 64 -8.98 -10.55 -12.32
N ASP R 65 -9.71 -9.46 -12.11
CA ASP R 65 -10.39 -9.25 -10.83
C ASP R 65 -11.37 -10.37 -10.52
N SER R 66 -12.02 -10.93 -11.55
CA SER R 66 -13.04 -11.96 -11.32
C SER R 66 -12.45 -13.26 -10.82
N VAL R 67 -11.15 -13.50 -11.03
CA VAL R 67 -10.50 -14.74 -10.61
C VAL R 67 -9.42 -14.51 -9.57
N LYS R 68 -9.17 -13.26 -9.17
CA LYS R 68 -8.13 -12.98 -8.20
C LYS R 68 -8.46 -13.61 -6.86
N GLY R 69 -7.49 -14.33 -6.29
CA GLY R 69 -7.69 -15.03 -5.04
C GLY R 69 -8.20 -16.45 -5.16
N ARG R 70 -8.65 -16.86 -6.35
CA ARG R 70 -9.15 -18.21 -6.58
C ARG R 70 -8.31 -19.01 -7.55
N PHE R 71 -7.71 -18.38 -8.55
CA PHE R 71 -6.89 -19.06 -9.53
C PHE R 71 -5.42 -18.81 -9.24
N THR R 72 -4.58 -19.75 -9.68
CA THR R 72 -3.13 -19.66 -9.48
C THR R 72 -2.46 -20.25 -10.72
N ILE R 73 -1.76 -19.41 -11.48
CA ILE R 73 -1.03 -19.83 -12.67
C ILE R 73 0.37 -20.27 -12.24
N SER R 74 0.86 -21.33 -12.86
CA SER R 74 2.20 -21.84 -12.57
C SER R 74 2.76 -22.51 -13.81
N ARG R 75 4.01 -22.93 -13.73
CA ARG R 75 4.69 -23.53 -14.89
C ARG R 75 5.79 -24.47 -14.43
N ASP R 76 6.11 -25.43 -15.30
CA ASP R 76 7.22 -26.35 -15.11
C ASP R 76 8.05 -26.32 -16.40
N ASN R 77 9.23 -25.70 -16.33
CA ASN R 77 10.06 -25.52 -17.52
C ASN R 77 10.86 -26.76 -17.90
N SER R 78 11.04 -27.71 -16.97
CA SER R 78 11.68 -28.97 -17.33
C SER R 78 10.71 -29.87 -18.09
N LYS R 79 9.43 -29.82 -17.74
CA LYS R 79 8.38 -30.52 -18.48
C LYS R 79 7.79 -29.69 -19.60
N ASN R 80 8.14 -28.40 -19.69
CA ASN R 80 7.61 -27.48 -20.69
C ASN R 80 6.09 -27.44 -20.67
N THR R 81 5.53 -27.23 -19.49
CA THR R 81 4.08 -27.27 -19.31
C THR R 81 3.62 -26.07 -18.48
N LEU R 82 2.45 -25.54 -18.82
CA LEU R 82 1.82 -24.47 -18.10
C LEU R 82 0.62 -25.01 -17.33
N TYR R 83 0.39 -24.49 -16.14
CA TYR R 83 -0.69 -24.96 -15.29
C TYR R 83 -1.57 -23.80 -14.87
N LEU R 84 -2.87 -24.06 -14.78
CA LEU R 84 -3.84 -23.14 -14.19
C LEU R 84 -4.61 -23.91 -13.13
N GLN R 85 -4.43 -23.51 -11.87
CA GLN R 85 -5.12 -24.13 -10.75
C GLN R 85 -6.35 -23.29 -10.41
N MET R 86 -7.53 -23.89 -10.53
CA MET R 86 -8.81 -23.21 -10.36
C MET R 86 -9.48 -23.73 -9.09
N ASN R 87 -9.56 -22.89 -8.06
CA ASN R 87 -10.24 -23.22 -6.82
C ASN R 87 -11.53 -22.41 -6.69
N SER R 88 -12.49 -22.97 -5.95
CA SER R 88 -13.76 -22.32 -5.65
C SER R 88 -14.47 -21.87 -6.93
N LEU R 89 -14.71 -22.83 -7.82
CA LEU R 89 -15.30 -22.52 -9.11
C LEU R 89 -16.74 -22.05 -8.96
N ARG R 90 -17.17 -21.22 -9.91
CA ARG R 90 -18.53 -20.70 -9.97
C ARG R 90 -19.19 -21.13 -11.28
N ALA R 91 -20.49 -20.85 -11.40
CA ALA R 91 -21.19 -21.06 -12.65
C ALA R 91 -20.68 -20.13 -13.74
N GLU R 92 -20.23 -18.93 -13.37
CA GLU R 92 -19.72 -17.96 -14.33
C GLU R 92 -18.36 -18.35 -14.91
N ASP R 93 -17.69 -19.34 -14.35
CA ASP R 93 -16.43 -19.83 -14.90
C ASP R 93 -16.63 -20.82 -16.03
N THR R 94 -17.86 -21.23 -16.30
CA THR R 94 -18.14 -22.13 -17.40
C THR R 94 -17.74 -21.48 -18.71
N ALA R 95 -16.75 -22.06 -19.39
CA ALA R 95 -16.19 -21.45 -20.59
C ALA R 95 -15.23 -22.44 -21.21
N VAL R 96 -14.78 -22.12 -22.43
CA VAL R 96 -13.65 -22.81 -23.04
C VAL R 96 -12.39 -22.00 -22.73
N TYR R 97 -11.37 -22.69 -22.24
CA TYR R 97 -10.14 -22.06 -21.78
C TYR R 97 -9.03 -22.32 -22.79
N TYR R 98 -8.39 -21.25 -23.24
CA TYR R 98 -7.23 -21.28 -24.11
C TYR R 98 -5.99 -20.80 -23.35
N CYS R 99 -4.85 -21.39 -23.67
CA CYS R 99 -3.55 -20.85 -23.27
C CYS R 99 -2.87 -20.27 -24.50
N ALA R 100 -2.04 -19.25 -24.28
CA ALA R 100 -1.34 -18.63 -25.39
C ALA R 100 0.02 -18.14 -24.92
N ARG R 101 0.98 -18.11 -25.85
CA ARG R 101 2.34 -17.68 -25.54
C ARG R 101 2.52 -16.22 -25.90
N ASP R 102 3.51 -15.59 -25.27
CA ASP R 102 3.78 -14.18 -25.44
C ASP R 102 5.28 -13.94 -25.33
N ARG R 103 5.81 -13.04 -26.14
CA ARG R 103 7.23 -12.73 -26.06
C ARG R 103 7.60 -12.11 -24.72
N GLY R 104 6.63 -11.51 -24.02
CA GLY R 104 6.89 -10.94 -22.73
C GLY R 104 7.73 -9.68 -22.73
N ILE R 105 7.89 -9.04 -23.88
CA ILE R 105 8.68 -7.81 -23.99
C ILE R 105 7.79 -6.63 -23.61
N ALA R 106 8.21 -5.85 -22.61
CA ALA R 106 7.33 -4.86 -22.02
C ALA R 106 8.10 -3.60 -21.64
N ALA R 107 7.35 -2.54 -21.36
CA ALA R 107 7.87 -1.26 -20.89
C ALA R 107 7.31 -0.98 -19.50
N GLY R 108 8.21 -0.79 -18.53
CA GLY R 108 7.81 -0.50 -17.17
C GLY R 108 6.97 -1.57 -16.51
N GLY R 109 6.96 -2.79 -17.06
CA GLY R 109 6.08 -3.81 -16.54
C GLY R 109 4.61 -3.52 -16.70
N ASN R 110 4.25 -2.51 -17.50
CA ASN R 110 2.87 -2.11 -17.66
C ASN R 110 2.36 -2.22 -19.09
N TYR R 111 3.18 -1.89 -20.09
CA TYR R 111 2.77 -1.94 -21.48
C TYR R 111 3.57 -3.01 -22.21
N TYR R 112 2.87 -3.93 -22.86
CA TYR R 112 3.49 -5.09 -23.48
C TYR R 112 3.39 -5.00 -25.00
N TYR R 113 4.52 -5.12 -25.68
CA TYR R 113 4.56 -5.10 -27.13
C TYR R 113 4.03 -6.43 -27.69
N TYR R 114 3.94 -6.48 -29.02
CA TYR R 114 3.63 -7.70 -29.77
C TYR R 114 2.26 -8.21 -29.32
N GLY R 115 2.07 -9.52 -29.27
CA GLY R 115 0.79 -10.06 -28.86
C GLY R 115 0.89 -11.55 -28.64
N MET R 116 -0.27 -12.16 -28.40
CA MET R 116 -0.38 -13.59 -28.17
C MET R 116 -0.54 -14.24 -29.54
N ASP R 117 0.54 -14.85 -30.03
CA ASP R 117 0.62 -15.24 -31.44
C ASP R 117 0.23 -16.67 -31.71
N VAL R 118 0.46 -17.60 -30.79
CA VAL R 118 0.05 -19.00 -30.96
C VAL R 118 -0.82 -19.39 -29.77
N TRP R 119 -1.85 -20.18 -30.06
CA TRP R 119 -2.85 -20.58 -29.08
C TRP R 119 -2.99 -22.09 -29.10
N GLY R 120 -3.59 -22.61 -28.03
CA GLY R 120 -3.95 -24.02 -27.97
C GLY R 120 -5.31 -24.26 -28.60
N GLN R 121 -5.70 -25.53 -28.62
CA GLN R 121 -7.00 -25.90 -29.19
C GLN R 121 -8.15 -25.58 -28.25
N GLY R 122 -7.89 -25.31 -26.98
CA GLY R 122 -8.91 -25.00 -25.99
C GLY R 122 -9.39 -26.25 -25.25
N THR R 123 -9.85 -26.04 -24.02
CA THR R 123 -10.44 -27.12 -23.25
C THR R 123 -11.69 -26.60 -22.55
N THR R 124 -12.78 -27.35 -22.64
CA THR R 124 -14.08 -26.89 -22.16
C THR R 124 -14.26 -27.26 -20.69
N VAL R 125 -14.62 -26.27 -19.88
CA VAL R 125 -14.94 -26.47 -18.47
C VAL R 125 -16.38 -26.03 -18.26
N THR R 126 -17.20 -26.94 -17.74
CA THR R 126 -18.62 -26.70 -17.50
C THR R 126 -18.92 -26.89 -16.02
N VAL R 127 -19.49 -25.87 -15.39
CA VAL R 127 -19.87 -25.93 -13.98
C VAL R 127 -21.38 -25.97 -13.90
N SER R 128 -21.96 -27.17 -13.95
CA SER R 128 -23.40 -27.32 -14.00
C SER R 128 -24.02 -27.00 -12.65
N SER R 129 -25.16 -26.31 -12.69
CA SER R 129 -25.91 -25.89 -11.50
C SER R 129 -25.03 -25.10 -10.54
#